data_3HK1
# 
_entry.id   3HK1 
# 
_audit_conform.dict_name       mmcif_pdbx.dic 
_audit_conform.dict_version    5.378 
_audit_conform.dict_location   http://mmcif.pdb.org/dictionaries/ascii/mmcif_pdbx.dic 
# 
loop_
_database_2.database_id 
_database_2.database_code 
_database_2.pdbx_database_accession 
_database_2.pdbx_DOI 
PDB   3HK1         pdb_00003hk1 10.2210/pdb3hk1/pdb 
RCSB  RCSB053228   ?            ?                   
WWPDB D_1000053228 ?            ?                   
# 
_pdbx_database_related.db_name        BMRB 
_pdbx_database_related.db_id          16248 
_pdbx_database_related.details        . 
_pdbx_database_related.content_type   unspecified 
# 
_pdbx_database_status.entry_id                        3HK1 
_pdbx_database_status.deposit_site                    RCSB 
_pdbx_database_status.process_site                    RCSB 
_pdbx_database_status.recvd_initial_deposition_date   2009-05-22 
_pdbx_database_status.status_code                     REL 
_pdbx_database_status.status_code_sf                  REL 
_pdbx_database_status.status_code_mr                  ? 
_pdbx_database_status.SG_entry                        ? 
_pdbx_database_status.pdb_format_compatible           Y 
_pdbx_database_status.status_code_cs                  ? 
_pdbx_database_status.status_code_nmr_data            ? 
_pdbx_database_status.methods_development_category    ? 
# 
loop_
_audit_author.name 
_audit_author.pdbx_ordinal 
'Hertzel, A.V.'   1  
'Hellberg, K.'    2  
'Reynolds, J.M.'  3  
'Kruse, A.C.'     4  
'Juhlmann, B.E.'  5  
'Smith, A.J.'     6  
'Sanders, M.A.'   7  
'Ohlendorf, D.H.' 8  
'Suttles, J.'     9  
'Bernlohr, D.A.'  10 
# 
_citation.id                        primary 
_citation.title                     
'Identification and characterization of a small molecule inhibitor of Fatty Acid binding proteins.' 
_citation.journal_abbrev            J.Med.Chem. 
_citation.journal_volume            52 
_citation.page_first                6024 
_citation.page_last                 6031 
_citation.year                      2009 
_citation.journal_id_ASTM           JMCMAR 
_citation.country                   US 
_citation.journal_id_ISSN           0022-2623 
_citation.journal_id_CSD            0151 
_citation.book_publisher            ? 
_citation.pdbx_database_id_PubMed   19754198 
_citation.pdbx_database_id_DOI      10.1021/jm900720m 
# 
loop_
_citation_author.citation_id 
_citation_author.name 
_citation_author.ordinal 
_citation_author.identifier_ORCID 
primary 'Hertzel, A.V.'   1  ? 
primary 'Hellberg, K.'    2  ? 
primary 'Reynolds, J.M.'  3  ? 
primary 'Kruse, A.C.'     4  ? 
primary 'Juhlmann, B.E.'  5  ? 
primary 'Smith, A.J.'     6  ? 
primary 'Sanders, M.A.'   7  ? 
primary 'Ohlendorf, D.H.' 8  ? 
primary 'Suttles, J.'     9  ? 
primary 'Bernlohr, D.A.'  10 ? 
# 
_cell.length_a           77.017 
_cell.length_b           94.113 
_cell.length_c           49.662 
_cell.angle_alpha        90.000 
_cell.angle_beta         90.000 
_cell.angle_gamma        90.000 
_cell.entry_id           3HK1 
_cell.pdbx_unique_axis   ? 
_cell.Z_PDB              8 
_cell.length_a_esd       ? 
_cell.length_b_esd       ? 
_cell.length_c_esd       ? 
_cell.angle_alpha_esd    ? 
_cell.angle_beta_esd     ? 
_cell.angle_gamma_esd    ? 
# 
_symmetry.space_group_name_H-M             'C 2 2 21' 
_symmetry.entry_id                         3HK1 
_symmetry.pdbx_full_space_group_name_H-M   ? 
_symmetry.Int_Tables_number                20 
_symmetry.cell_setting                     ? 
_symmetry.space_group_name_Hall            ? 
# 
loop_
_entity.id 
_entity.type 
_entity.src_method 
_entity.pdbx_description 
_entity.formula_weight 
_entity.pdbx_number_of_molecules 
_entity.pdbx_ec 
_entity.pdbx_mutation 
_entity.pdbx_fragment 
_entity.details 
1 polymer     man 'Fatty acid-binding protein, adipocyte'                                        14539.688 1   ? ? ? ? 
2 non-polymer syn '4-{[2-(methoxycarbonyl)-5-(2-thienyl)-3-thienyl]amino}-4-oxo-2-butenoic acid' 337.371   1   ? ? ? ? 
3 water       nat water                                                                          18.015    225 ? ? ? ? 
# 
_entity_name_com.entity_id   1 
_entity_name_com.name        
;A-FABP, AFABP, Fatty acid-binding protein 4, Adipocyte lipid-binding protein, ALBP, P2 adipocyte protein, Myelin P2 protein homolog, 3T3-L1 lipid-binding protein, Protein 422, P15
;
# 
_entity_poly.entity_id                      1 
_entity_poly.type                           'polypeptide(L)' 
_entity_poly.nstd_linkage                   no 
_entity_poly.nstd_monomer                   no 
_entity_poly.pdbx_seq_one_letter_code       
;CDAFVGTWKLVSSENFDDYMKEVGVGFATRKVAGMAKPNMIISVNGDLVTIRSESTFKNTEISFKLGVEFDEITADDRKV
KSIITLDGGALVQVQKWDGKSTTIKRKRDGDKLVVECVMKGVTSTRVYERA
;
_entity_poly.pdbx_seq_one_letter_code_can   
;CDAFVGTWKLVSSENFDDYMKEVGVGFATRKVAGMAKPNMIISVNGDLVTIRSESTFKNTEISFKLGVEFDEITADDRKV
KSIITLDGGALVQVQKWDGKSTTIKRKRDGDKLVVECVMKGVTSTRVYERA
;
_entity_poly.pdbx_strand_id                 A 
_entity_poly.pdbx_target_identifier         ? 
# 
loop_
_entity_poly_seq.entity_id 
_entity_poly_seq.num 
_entity_poly_seq.mon_id 
_entity_poly_seq.hetero 
1 1   CYS n 
1 2   ASP n 
1 3   ALA n 
1 4   PHE n 
1 5   VAL n 
1 6   GLY n 
1 7   THR n 
1 8   TRP n 
1 9   LYS n 
1 10  LEU n 
1 11  VAL n 
1 12  SER n 
1 13  SER n 
1 14  GLU n 
1 15  ASN n 
1 16  PHE n 
1 17  ASP n 
1 18  ASP n 
1 19  TYR n 
1 20  MET n 
1 21  LYS n 
1 22  GLU n 
1 23  VAL n 
1 24  GLY n 
1 25  VAL n 
1 26  GLY n 
1 27  PHE n 
1 28  ALA n 
1 29  THR n 
1 30  ARG n 
1 31  LYS n 
1 32  VAL n 
1 33  ALA n 
1 34  GLY n 
1 35  MET n 
1 36  ALA n 
1 37  LYS n 
1 38  PRO n 
1 39  ASN n 
1 40  MET n 
1 41  ILE n 
1 42  ILE n 
1 43  SER n 
1 44  VAL n 
1 45  ASN n 
1 46  GLY n 
1 47  ASP n 
1 48  LEU n 
1 49  VAL n 
1 50  THR n 
1 51  ILE n 
1 52  ARG n 
1 53  SER n 
1 54  GLU n 
1 55  SER n 
1 56  THR n 
1 57  PHE n 
1 58  LYS n 
1 59  ASN n 
1 60  THR n 
1 61  GLU n 
1 62  ILE n 
1 63  SER n 
1 64  PHE n 
1 65  LYS n 
1 66  LEU n 
1 67  GLY n 
1 68  VAL n 
1 69  GLU n 
1 70  PHE n 
1 71  ASP n 
1 72  GLU n 
1 73  ILE n 
1 74  THR n 
1 75  ALA n 
1 76  ASP n 
1 77  ASP n 
1 78  ARG n 
1 79  LYS n 
1 80  VAL n 
1 81  LYS n 
1 82  SER n 
1 83  ILE n 
1 84  ILE n 
1 85  THR n 
1 86  LEU n 
1 87  ASP n 
1 88  GLY n 
1 89  GLY n 
1 90  ALA n 
1 91  LEU n 
1 92  VAL n 
1 93  GLN n 
1 94  VAL n 
1 95  GLN n 
1 96  LYS n 
1 97  TRP n 
1 98  ASP n 
1 99  GLY n 
1 100 LYS n 
1 101 SER n 
1 102 THR n 
1 103 THR n 
1 104 ILE n 
1 105 LYS n 
1 106 ARG n 
1 107 LYS n 
1 108 ARG n 
1 109 ASP n 
1 110 GLY n 
1 111 ASP n 
1 112 LYS n 
1 113 LEU n 
1 114 VAL n 
1 115 VAL n 
1 116 GLU n 
1 117 CYS n 
1 118 VAL n 
1 119 MET n 
1 120 LYS n 
1 121 GLY n 
1 122 VAL n 
1 123 THR n 
1 124 SER n 
1 125 THR n 
1 126 ARG n 
1 127 VAL n 
1 128 TYR n 
1 129 GLU n 
1 130 ARG n 
1 131 ALA n 
# 
_entity_src_gen.entity_id                          1 
_entity_src_gen.pdbx_src_id                        1 
_entity_src_gen.pdbx_alt_source_flag               sample 
_entity_src_gen.pdbx_seq_type                      ? 
_entity_src_gen.pdbx_beg_seq_num                   ? 
_entity_src_gen.pdbx_end_seq_num                   ? 
_entity_src_gen.gene_src_common_name               mouse 
_entity_src_gen.gene_src_genus                     ? 
_entity_src_gen.pdbx_gene_src_gene                 'adipocyte, Ap2, Fabp4, fatty acid binding protein 4' 
_entity_src_gen.gene_src_species                   ? 
_entity_src_gen.gene_src_strain                    ? 
_entity_src_gen.gene_src_tissue                    ? 
_entity_src_gen.gene_src_tissue_fraction           ? 
_entity_src_gen.gene_src_details                   ? 
_entity_src_gen.pdbx_gene_src_fragment             ? 
_entity_src_gen.pdbx_gene_src_scientific_name      'Mus musculus' 
_entity_src_gen.pdbx_gene_src_ncbi_taxonomy_id     10090 
_entity_src_gen.pdbx_gene_src_variant              ? 
_entity_src_gen.pdbx_gene_src_cell_line            ? 
_entity_src_gen.pdbx_gene_src_atcc                 ? 
_entity_src_gen.pdbx_gene_src_organ                ? 
_entity_src_gen.pdbx_gene_src_organelle            ? 
_entity_src_gen.pdbx_gene_src_cell                 ? 
_entity_src_gen.pdbx_gene_src_cellular_location    ? 
_entity_src_gen.host_org_common_name               ? 
_entity_src_gen.pdbx_host_org_scientific_name      'Escherichia coli' 
_entity_src_gen.pdbx_host_org_ncbi_taxonomy_id     562 
_entity_src_gen.host_org_genus                     ? 
_entity_src_gen.pdbx_host_org_gene                 ? 
_entity_src_gen.pdbx_host_org_organ                ? 
_entity_src_gen.host_org_species                   ? 
_entity_src_gen.pdbx_host_org_tissue               ? 
_entity_src_gen.pdbx_host_org_tissue_fraction      ? 
_entity_src_gen.pdbx_host_org_strain               'BL21(DE3)pLysS' 
_entity_src_gen.pdbx_host_org_variant              ? 
_entity_src_gen.pdbx_host_org_cell_line            ? 
_entity_src_gen.pdbx_host_org_atcc                 ? 
_entity_src_gen.pdbx_host_org_culture_collection   ? 
_entity_src_gen.pdbx_host_org_cell                 ? 
_entity_src_gen.pdbx_host_org_organelle            ? 
_entity_src_gen.pdbx_host_org_cellular_location    ? 
_entity_src_gen.pdbx_host_org_vector_type          Plasmid 
_entity_src_gen.pdbx_host_org_vector               ? 
_entity_src_gen.host_org_details                   ? 
_entity_src_gen.expression_system_id               ? 
_entity_src_gen.plasmid_name                       'Modified pRSETb' 
_entity_src_gen.plasmid_details                    ? 
_entity_src_gen.pdbx_description                   ? 
# 
_struct_ref.id                         1 
_struct_ref.db_name                    UNP 
_struct_ref.db_code                    FABP4_MOUSE 
_struct_ref.pdbx_db_accession          P04117 
_struct_ref.entity_id                  1 
_struct_ref.pdbx_seq_one_letter_code   
;CDAFVGTWKLVSSENFDDYMKEVGVGFATRKVAGMAKPNMIISVNGDLVTIRSESTFKNTEISFKLGVEFDEITADDRKV
KSIITLDGGALVQVQKWDGKSTTIKRKRDGDKLVVECVMKGVTSTRVYERA
;
_struct_ref.pdbx_align_begin           2 
_struct_ref.pdbx_db_isoform            ? 
# 
_struct_ref_seq.align_id                      1 
_struct_ref_seq.ref_id                        1 
_struct_ref_seq.pdbx_PDB_id_code              3HK1 
_struct_ref_seq.pdbx_strand_id                A 
_struct_ref_seq.seq_align_beg                 1 
_struct_ref_seq.pdbx_seq_align_beg_ins_code   ? 
_struct_ref_seq.seq_align_end                 131 
_struct_ref_seq.pdbx_seq_align_end_ins_code   ? 
_struct_ref_seq.pdbx_db_accession             P04117 
_struct_ref_seq.db_align_beg                  2 
_struct_ref_seq.pdbx_db_align_beg_ins_code    ? 
_struct_ref_seq.db_align_end                  132 
_struct_ref_seq.pdbx_db_align_end_ins_code    ? 
_struct_ref_seq.pdbx_auth_seq_align_beg       1 
_struct_ref_seq.pdbx_auth_seq_align_end       131 
# 
loop_
_chem_comp.id 
_chem_comp.type 
_chem_comp.mon_nstd_flag 
_chem_comp.name 
_chem_comp.pdbx_synonyms 
_chem_comp.formula 
_chem_comp.formula_weight 
ALA 'L-peptide linking' y ALANINE                                                                        ? 'C3 H7 N O2'      
89.093  
ARG 'L-peptide linking' y ARGININE                                                                       ? 'C6 H15 N4 O2 1'  
175.209 
ASN 'L-peptide linking' y ASPARAGINE                                                                     ? 'C4 H8 N2 O3'     
132.118 
ASP 'L-peptide linking' y 'ASPARTIC ACID'                                                                ? 'C4 H7 N O4'      
133.103 
B64 non-polymer         . '4-{[2-(methoxycarbonyl)-5-(2-thienyl)-3-thienyl]amino}-4-oxo-2-butenoic acid' 
;(2Z)-4-{[5-(methoxycarbonyl)-2,2'-bithiophen-4-yl]amino}-4-oxobut-2-enoic acid
;
'C14 H11 N O5 S2' 337.371 
CYS 'L-peptide linking' y CYSTEINE                                                                       ? 'C3 H7 N O2 S'    
121.158 
GLN 'L-peptide linking' y GLUTAMINE                                                                      ? 'C5 H10 N2 O3'    
146.144 
GLU 'L-peptide linking' y 'GLUTAMIC ACID'                                                                ? 'C5 H9 N O4'      
147.129 
GLY 'peptide linking'   y GLYCINE                                                                        ? 'C2 H5 N O2'      
75.067  
HOH non-polymer         . WATER                                                                          ? 'H2 O'            
18.015  
ILE 'L-peptide linking' y ISOLEUCINE                                                                     ? 'C6 H13 N O2'     
131.173 
LEU 'L-peptide linking' y LEUCINE                                                                        ? 'C6 H13 N O2'     
131.173 
LYS 'L-peptide linking' y LYSINE                                                                         ? 'C6 H15 N2 O2 1'  
147.195 
MET 'L-peptide linking' y METHIONINE                                                                     ? 'C5 H11 N O2 S'   
149.211 
PHE 'L-peptide linking' y PHENYLALANINE                                                                  ? 'C9 H11 N O2'     
165.189 
PRO 'L-peptide linking' y PROLINE                                                                        ? 'C5 H9 N O2'      
115.130 
SER 'L-peptide linking' y SERINE                                                                         ? 'C3 H7 N O3'      
105.093 
THR 'L-peptide linking' y THREONINE                                                                      ? 'C4 H9 N O3'      
119.119 
TRP 'L-peptide linking' y TRYPTOPHAN                                                                     ? 'C11 H12 N2 O2'   
204.225 
TYR 'L-peptide linking' y TYROSINE                                                                       ? 'C9 H11 N O3'     
181.189 
VAL 'L-peptide linking' y VALINE                                                                         ? 'C5 H11 N O2'     
117.146 
# 
_exptl.crystals_number   1 
_exptl.entry_id          3HK1 
_exptl.method            'X-RAY DIFFRACTION' 
# 
_exptl_crystal.id                    1 
_exptl_crystal.density_Matthews      3.09 
_exptl_crystal.density_meas          ? 
_exptl_crystal.density_percent_sol   60.25 
_exptl_crystal.description           ? 
_exptl_crystal.F_000                 ? 
_exptl_crystal.preparation           ? 
# 
_exptl_crystal_grow.crystal_id      1 
_exptl_crystal_grow.method          'VAPOR DIFFUSION, SITTING DROP' 
_exptl_crystal_grow.pH              7.0 
_exptl_crystal_grow.temp            291 
_exptl_crystal_grow.temp_details    ? 
_exptl_crystal_grow.pdbx_details    '2.5 M sodium/potassium phosphate, pH 7.0, VAPOR DIFFUSION, SITTING DROP, temperature 291K' 
_exptl_crystal_grow.pdbx_pH_range   ? 
# 
_diffrn.id                     1 
_diffrn.ambient_temp           125 
_diffrn.ambient_temp_details   ? 
_diffrn.crystal_id             1 
# 
_diffrn_detector.diffrn_id              1 
_diffrn_detector.detector               'IMAGE PLATE' 
_diffrn_detector.type                   'RIGAKU RAXIS IV' 
_diffrn_detector.pdbx_collection_date   2008-09-09 
_diffrn_detector.details                Mirrors 
# 
_diffrn_radiation.diffrn_id                        1 
_diffrn_radiation.wavelength_id                    1 
_diffrn_radiation.pdbx_diffrn_protocol             'SINGLE WAVELENGTH' 
_diffrn_radiation.monochromator                    ? 
_diffrn_radiation.pdbx_monochromatic_or_laue_m_l   M 
_diffrn_radiation.pdbx_scattering_type             x-ray 
# 
_diffrn_radiation_wavelength.id           1 
_diffrn_radiation_wavelength.wavelength   1.5418 
_diffrn_radiation_wavelength.wt           1.0 
# 
_diffrn_source.diffrn_id                   1 
_diffrn_source.source                      'ROTATING ANODE' 
_diffrn_source.type                        'RIGAKU MICROMAX-007 HF' 
_diffrn_source.pdbx_wavelength             ? 
_diffrn_source.pdbx_wavelength_list        1.5418 
_diffrn_source.pdbx_synchrotron_site       ? 
_diffrn_source.pdbx_synchrotron_beamline   ? 
# 
_reflns.entry_id                     3HK1 
_reflns.observed_criterion_sigma_F   ? 
_reflns.observed_criterion_sigma_I   0 
_reflns.d_resolution_high            1.70 
_reflns.d_resolution_low             24.77 
_reflns.number_all                   20158 
_reflns.number_obs                   20158 
_reflns.percent_possible_obs         99.8 
_reflns.pdbx_Rmerge_I_obs            ? 
_reflns.pdbx_Rsym_value              0.035 
_reflns.pdbx_netI_over_sigmaI        49.10 
_reflns.B_iso_Wilson_estimate        ? 
_reflns.pdbx_redundancy              6.8 
_reflns.R_free_details               ? 
_reflns.limit_h_max                  ? 
_reflns.limit_h_min                  ? 
_reflns.limit_k_max                  ? 
_reflns.limit_k_min                  ? 
_reflns.limit_l_max                  ? 
_reflns.limit_l_min                  ? 
_reflns.observed_criterion_F_max     ? 
_reflns.observed_criterion_F_min     ? 
_reflns.pdbx_chi_squared             ? 
_reflns.pdbx_scaling_rejects         ? 
_reflns.pdbx_diffrn_id               1 
_reflns.pdbx_ordinal                 1 
# 
_reflns_shell.d_res_high             1.70 
_reflns_shell.d_res_low              1.73 
_reflns_shell.percent_possible_obs   ? 
_reflns_shell.percent_possible_all   98.4 
_reflns_shell.Rmerge_I_obs           ? 
_reflns_shell.meanI_over_sigI_obs    6.5 
_reflns_shell.pdbx_Rsym_value        0.277 
_reflns_shell.pdbx_redundancy        6.5 
_reflns_shell.number_unique_all      969 
_reflns_shell.number_measured_all    ? 
_reflns_shell.number_measured_obs    ? 
_reflns_shell.number_unique_obs      ? 
_reflns_shell.pdbx_chi_squared       ? 
_reflns_shell.pdbx_diffrn_id         ? 
_reflns_shell.pdbx_ordinal           1 
# 
_refine.entry_id                                 3HK1 
_refine.ls_d_res_high                            1.700 
_refine.ls_d_res_low                             24.77 
_refine.pdbx_ls_sigma_F                          ? 
_refine.pdbx_data_cutoff_high_absF               ? 
_refine.pdbx_data_cutoff_low_absF                ? 
_refine.ls_percent_reflns_obs                    99.770 
_refine.ls_number_reflns_obs                     19117 
_refine.ls_number_reflns_all                     19117 
_refine.pdbx_ls_cross_valid_method               THROUGHOUT 
_refine.pdbx_R_Free_selection_details            RANDOM 
_refine.details                                  ? 
_refine.ls_R_factor_all                          ? 
_refine.ls_R_factor_obs                          0.176 
_refine.ls_R_factor_R_work                       0.175 
_refine.ls_wR_factor_R_work                      ? 
_refine.ls_R_factor_R_free                       0.195 
_refine.ls_wR_factor_R_free                      ? 
_refine.ls_percent_reflns_R_free                 5.100 
_refine.ls_number_reflns_R_free                  1028 
_refine.ls_R_factor_R_free_error                 ? 
_refine.B_iso_mean                               20.148 
_refine.solvent_model_param_bsol                 ? 
_refine.solvent_model_param_ksol                 ? 
_refine.pdbx_isotropic_thermal_model             Isotropic 
_refine.aniso_B[1][1]                            0.000 
_refine.aniso_B[2][2]                            0.010 
_refine.aniso_B[3][3]                            -0.010 
_refine.aniso_B[1][2]                            0.000 
_refine.aniso_B[1][3]                            0.000 
_refine.aniso_B[2][3]                            0.000 
_refine.correlation_coeff_Fo_to_Fc               0.961 
_refine.correlation_coeff_Fo_to_Fc_free          0.952 
_refine.overall_SU_R_Cruickshank_DPI             ? 
_refine.overall_SU_R_free                        ? 
_refine.pdbx_overall_ESU_R                       0.091 
_refine.pdbx_overall_ESU_R_Free                  0.087 
_refine.overall_SU_ML                            0.054 
_refine.overall_SU_B                             1.582 
_refine.solvent_model_details                    MASK 
_refine.pdbx_solvent_vdw_probe_radii             1.200 
_refine.pdbx_solvent_ion_probe_radii             0.800 
_refine.pdbx_solvent_shrinkage_radii             0.800 
_refine.ls_number_parameters                     ? 
_refine.ls_number_restraints                     ? 
_refine.pdbx_starting_model                      1LIB 
_refine.pdbx_method_to_determine_struct          'MOLECULAR REPLACEMENT' 
_refine.pdbx_stereochemistry_target_values       'MAXIMUM LIKELIHOOD' 
_refine.pdbx_stereochem_target_val_spec_case     ? 
_refine.overall_FOM_work_R_set                   ? 
_refine.B_iso_max                                67.10 
_refine.B_iso_min                                10.90 
_refine.occupancy_max                            1.00 
_refine.occupancy_min                            0.50 
_refine.pdbx_ls_sigma_I                          ? 
_refine.ls_redundancy_reflns_obs                 ? 
_refine.ls_R_factor_R_free_error_details         ? 
_refine.pdbx_data_cutoff_high_rms_absF           ? 
_refine.overall_FOM_free_R_set                   ? 
_refine.pdbx_overall_phase_error                 ? 
_refine.pdbx_refine_id                           'X-RAY DIFFRACTION' 
_refine.pdbx_diffrn_id                           1 
_refine.pdbx_TLS_residual_ADP_flag               ? 
_refine.pdbx_overall_SU_R_free_Cruickshank_DPI   ? 
_refine.pdbx_overall_SU_R_Blow_DPI               ? 
_refine.pdbx_overall_SU_R_free_Blow_DPI          ? 
# 
_refine_hist.pdbx_refine_id                   'X-RAY DIFFRACTION' 
_refine_hist.cycle_id                         LAST 
_refine_hist.pdbx_number_atoms_protein        1022 
_refine_hist.pdbx_number_atoms_nucleic_acid   0 
_refine_hist.pdbx_number_atoms_ligand         22 
_refine_hist.number_atoms_solvent             225 
_refine_hist.number_atoms_total               1269 
_refine_hist.d_res_high                       1.700 
_refine_hist.d_res_low                        24.77 
# 
loop_
_refine_ls_restr.type 
_refine_ls_restr.number 
_refine_ls_restr.dev_ideal 
_refine_ls_restr.dev_ideal_target 
_refine_ls_restr.weight 
_refine_ls_restr.pdbx_refine_id 
_refine_ls_restr.pdbx_restraint_function 
r_bond_refined_d         1058 0.011  0.022  ? 'X-RAY DIFFRACTION' ? 
r_angle_refined_deg      1423 1.855  1.981  ? 'X-RAY DIFFRACTION' ? 
r_dihedral_angle_1_deg   132  6.186  5.000  ? 'X-RAY DIFFRACTION' ? 
r_dihedral_angle_2_deg   43   28.987 24.419 ? 'X-RAY DIFFRACTION' ? 
r_dihedral_angle_3_deg   201  12.616 15.000 ? 'X-RAY DIFFRACTION' ? 
r_dihedral_angle_4_deg   7    16.182 15.000 ? 'X-RAY DIFFRACTION' ? 
r_chiral_restr           162  0.088  0.200  ? 'X-RAY DIFFRACTION' ? 
r_gen_planes_refined     774  0.009  0.020  ? 'X-RAY DIFFRACTION' ? 
r_nbd_refined            452  0.191  0.200  ? 'X-RAY DIFFRACTION' ? 
r_nbtor_refined          727  0.301  0.200  ? 'X-RAY DIFFRACTION' ? 
r_xyhbond_nbd_refined    150  0.143  0.200  ? 'X-RAY DIFFRACTION' ? 
r_symmetry_vdw_refined   25   0.140  0.200  ? 'X-RAY DIFFRACTION' ? 
r_symmetry_hbond_refined 25   0.385  0.200  ? 'X-RAY DIFFRACTION' ? 
r_mcbond_it              671  1.354  1.500  ? 'X-RAY DIFFRACTION' ? 
r_mcangle_it             1051 1.441  2.000  ? 'X-RAY DIFFRACTION' ? 
r_scbond_it              463  2.359  3.000  ? 'X-RAY DIFFRACTION' ? 
r_scangle_it             371  4.038  4.500  ? 'X-RAY DIFFRACTION' ? 
# 
_refine_ls_shell.d_res_high                       1.70 
_refine_ls_shell.d_res_low                        1.745 
_refine_ls_shell.pdbx_total_number_of_bins_used   20 
_refine_ls_shell.percent_reflns_obs               98.300 
_refine_ls_shell.number_reflns_R_work             1369 
_refine_ls_shell.R_factor_all                     ? 
_refine_ls_shell.R_factor_R_work                  0.260 
_refine_ls_shell.R_factor_R_free                  0.307 
_refine_ls_shell.percent_reflns_R_free            ? 
_refine_ls_shell.number_reflns_R_free             76 
_refine_ls_shell.R_factor_R_free_error            ? 
_refine_ls_shell.number_reflns_all                1445 
_refine_ls_shell.number_reflns_obs                1445 
_refine_ls_shell.redundancy_reflns_obs            ? 
_refine_ls_shell.pdbx_refine_id                   'X-RAY DIFFRACTION' 
# 
_struct.entry_id                  3HK1 
_struct.title                     
'Identification and Characterization of a Small Molecule Inhibitor of Fatty Acid Binding Proteins' 
_struct.pdbx_model_details        ? 
_struct.pdbx_CASP_flag            N 
_struct.pdbx_model_type_details   ? 
# 
_struct_keywords.entry_id        3HK1 
_struct_keywords.pdbx_keywords   'PROTEIN BINDING' 
_struct_keywords.text            
'lipid binding protein, fatty acid binding protein, Cytoplasm, Lipid-binding, Nucleus, Phosphoprotein, Transport, PROTEIN BINDING' 
# 
loop_
_struct_asym.id 
_struct_asym.pdbx_blank_PDB_chainid_flag 
_struct_asym.pdbx_modified 
_struct_asym.entity_id 
_struct_asym.details 
A N N 1 ? 
B N N 2 ? 
C N N 3 ? 
# 
_struct_biol.id        1 
_struct_biol.details   ? 
# 
loop_
_struct_conf.conf_type_id 
_struct_conf.id 
_struct_conf.pdbx_PDB_helix_id 
_struct_conf.beg_label_comp_id 
_struct_conf.beg_label_asym_id 
_struct_conf.beg_label_seq_id 
_struct_conf.pdbx_beg_PDB_ins_code 
_struct_conf.end_label_comp_id 
_struct_conf.end_label_asym_id 
_struct_conf.end_label_seq_id 
_struct_conf.pdbx_end_PDB_ins_code 
_struct_conf.beg_auth_comp_id 
_struct_conf.beg_auth_asym_id 
_struct_conf.beg_auth_seq_id 
_struct_conf.end_auth_comp_id 
_struct_conf.end_auth_asym_id 
_struct_conf.end_auth_seq_id 
_struct_conf.pdbx_PDB_helix_class 
_struct_conf.details 
_struct_conf.pdbx_PDB_helix_length 
HELX_P HELX_P1 1 CYS A 1  ? VAL A 5  ? CYS A 1  VAL A 5  5 ? 5  
HELX_P HELX_P2 2 ASN A 15 ? GLY A 24 ? ASN A 15 GLY A 24 1 ? 10 
HELX_P HELX_P3 3 GLY A 26 ? ALA A 36 ? GLY A 26 ALA A 36 1 ? 11 
# 
_struct_conf_type.id          HELX_P 
_struct_conf_type.criteria    ? 
_struct_conf_type.reference   ? 
# 
_struct_sheet.id               A 
_struct_sheet.type             ? 
_struct_sheet.number_strands   10 
_struct_sheet.details          ? 
# 
loop_
_struct_sheet_order.sheet_id 
_struct_sheet_order.range_id_1 
_struct_sheet_order.range_id_2 
_struct_sheet_order.offset 
_struct_sheet_order.sense 
A 1 2  ? anti-parallel 
A 2 3  ? anti-parallel 
A 3 4  ? anti-parallel 
A 4 5  ? anti-parallel 
A 5 6  ? anti-parallel 
A 6 7  ? anti-parallel 
A 7 8  ? anti-parallel 
A 8 9  ? anti-parallel 
A 9 10 ? anti-parallel 
# 
loop_
_struct_sheet_range.sheet_id 
_struct_sheet_range.id 
_struct_sheet_range.beg_label_comp_id 
_struct_sheet_range.beg_label_asym_id 
_struct_sheet_range.beg_label_seq_id 
_struct_sheet_range.pdbx_beg_PDB_ins_code 
_struct_sheet_range.end_label_comp_id 
_struct_sheet_range.end_label_asym_id 
_struct_sheet_range.end_label_seq_id 
_struct_sheet_range.pdbx_end_PDB_ins_code 
_struct_sheet_range.beg_auth_comp_id 
_struct_sheet_range.beg_auth_asym_id 
_struct_sheet_range.beg_auth_seq_id 
_struct_sheet_range.end_auth_comp_id 
_struct_sheet_range.end_auth_asym_id 
_struct_sheet_range.end_auth_seq_id 
A 1  ASN A 59  ? PHE A 64  ? ASN A 59  PHE A 64  
A 2  LEU A 48  ? GLU A 54  ? LEU A 48  GLU A 54  
A 3  ASN A 39  ? ASN A 45  ? ASN A 39  ASN A 45  
A 4  GLY A 6   ? GLU A 14  ? GLY A 6   GLU A 14  
A 5  VAL A 122 ? ARG A 130 ? VAL A 122 ARG A 130 
A 6  LYS A 112 ? MET A 119 ? LYS A 112 MET A 119 
A 7  LYS A 100 ? ASP A 109 ? LYS A 100 ASP A 109 
A 8  ALA A 90  ? TRP A 97  ? ALA A 90  TRP A 97  
A 9  LYS A 79  ? ASP A 87  ? LYS A 79  ASP A 87  
A 10 PHE A 70  ? ILE A 73  ? PHE A 70  ILE A 73  
# 
loop_
_pdbx_struct_sheet_hbond.sheet_id 
_pdbx_struct_sheet_hbond.range_id_1 
_pdbx_struct_sheet_hbond.range_id_2 
_pdbx_struct_sheet_hbond.range_1_label_atom_id 
_pdbx_struct_sheet_hbond.range_1_label_comp_id 
_pdbx_struct_sheet_hbond.range_1_label_asym_id 
_pdbx_struct_sheet_hbond.range_1_label_seq_id 
_pdbx_struct_sheet_hbond.range_1_PDB_ins_code 
_pdbx_struct_sheet_hbond.range_1_auth_atom_id 
_pdbx_struct_sheet_hbond.range_1_auth_comp_id 
_pdbx_struct_sheet_hbond.range_1_auth_asym_id 
_pdbx_struct_sheet_hbond.range_1_auth_seq_id 
_pdbx_struct_sheet_hbond.range_2_label_atom_id 
_pdbx_struct_sheet_hbond.range_2_label_comp_id 
_pdbx_struct_sheet_hbond.range_2_label_asym_id 
_pdbx_struct_sheet_hbond.range_2_label_seq_id 
_pdbx_struct_sheet_hbond.range_2_PDB_ins_code 
_pdbx_struct_sheet_hbond.range_2_auth_atom_id 
_pdbx_struct_sheet_hbond.range_2_auth_comp_id 
_pdbx_struct_sheet_hbond.range_2_auth_asym_id 
_pdbx_struct_sheet_hbond.range_2_auth_seq_id 
A 1 2  O PHE A 64  ? O PHE A 64  N VAL A 49  ? N VAL A 49  
A 2 3  O THR A 50  ? O THR A 50  N SER A 43  ? N SER A 43  
A 3 4  O MET A 40  ? O MET A 40  N TRP A 8   ? N TRP A 8   
A 4 5  N LYS A 9   ? N LYS A 9   O GLU A 129 ? O GLU A 129 
A 5 6  O ARG A 126 ? O ARG A 126 N VAL A 115 ? N VAL A 115 
A 6 7  O GLU A 116 ? O GLU A 116 N LYS A 105 ? N LYS A 105 
A 7 8  O ARG A 106 ? O ARG A 106 N LEU A 91  ? N LEU A 91  
A 8 9  O VAL A 92  ? O VAL A 92  N THR A 85  ? N THR A 85  
A 9 10 O SER A 82  ? O SER A 82  N PHE A 70  ? N PHE A 70  
# 
_struct_site.id                   AC1 
_struct_site.pdbx_evidence_code   Software 
_struct_site.pdbx_auth_asym_id    A 
_struct_site.pdbx_auth_comp_id    B64 
_struct_site.pdbx_auth_seq_id     132 
_struct_site.pdbx_auth_ins_code   ? 
_struct_site.pdbx_num_residues    18 
_struct_site.details              'BINDING SITE FOR RESIDUE B64 A 132' 
# 
loop_
_struct_site_gen.id 
_struct_site_gen.site_id 
_struct_site_gen.pdbx_num_res 
_struct_site_gen.label_comp_id 
_struct_site_gen.label_asym_id 
_struct_site_gen.label_seq_id 
_struct_site_gen.pdbx_auth_ins_code 
_struct_site_gen.auth_comp_id 
_struct_site_gen.auth_asym_id 
_struct_site_gen.auth_seq_id 
_struct_site_gen.label_atom_id 
_struct_site_gen.label_alt_id 
_struct_site_gen.symmetry 
_struct_site_gen.details 
1  AC1 18 PHE A 16  ? PHE A 16  . ? 1_555 ? 
2  AC1 18 TYR A 19  ? TYR A 19  . ? 1_555 ? 
3  AC1 18 VAL A 23  ? VAL A 23  . ? 1_555 ? 
4  AC1 18 VAL A 25  ? VAL A 25  . ? 1_555 ? 
5  AC1 18 THR A 29  ? THR A 29  . ? 1_555 ? 
6  AC1 18 ALA A 33  ? ALA A 33  . ? 1_555 ? 
7  AC1 18 MET A 40  ? MET A 40  . ? 1_555 ? 
8  AC1 18 LYS A 58  ? LYS A 58  . ? 1_555 ? 
9  AC1 18 ALA A 75  ? ALA A 75  . ? 1_555 ? 
10 AC1 18 ASP A 76  ? ASP A 76  . ? 1_555 ? 
11 AC1 18 ARG A 78  ? ARG A 78  . ? 1_555 ? 
12 AC1 18 ARG A 126 ? ARG A 126 . ? 1_555 ? 
13 AC1 18 TYR A 128 ? TYR A 128 . ? 1_555 ? 
14 AC1 18 HOH C .   ? HOH A 149 . ? 1_555 ? 
15 AC1 18 HOH C .   ? HOH A 247 . ? 1_555 ? 
16 AC1 18 HOH C .   ? HOH A 269 . ? 1_555 ? 
17 AC1 18 HOH C .   ? HOH A 283 . ? 1_555 ? 
18 AC1 18 HOH C .   ? HOH A 314 . ? 1_555 ? 
# 
_atom_sites.entry_id                    3HK1 
_atom_sites.fract_transf_matrix[1][1]   0.00228087 
_atom_sites.fract_transf_matrix[1][2]   0.00228448 
_atom_sites.fract_transf_matrix[1][3]   -0.01257629 
_atom_sites.fract_transf_matrix[2][1]   0.00030714 
_atom_sites.fract_transf_matrix[2][2]   0.01044061 
_atom_sites.fract_transf_matrix[2][3]   0.00195224 
_atom_sites.fract_transf_matrix[3][1]   0.01981433 
_atom_sites.fract_transf_matrix[3][2]   -0.00121361 
_atom_sites.fract_transf_matrix[3][3]   0.00337313 
_atom_sites.fract_transf_vector[1]      0.121207 
_atom_sites.fract_transf_vector[2]      0.163436 
_atom_sites.fract_transf_vector[3]      -0.067062 
# 
loop_
_atom_type.symbol 
C 
N 
O 
S 
# 
loop_
_atom_site.group_PDB 
_atom_site.id 
_atom_site.type_symbol 
_atom_site.label_atom_id 
_atom_site.label_alt_id 
_atom_site.label_comp_id 
_atom_site.label_asym_id 
_atom_site.label_entity_id 
_atom_site.label_seq_id 
_atom_site.pdbx_PDB_ins_code 
_atom_site.Cartn_x 
_atom_site.Cartn_y 
_atom_site.Cartn_z 
_atom_site.occupancy 
_atom_site.B_iso_or_equiv 
_atom_site.pdbx_formal_charge 
_atom_site.auth_seq_id 
_atom_site.auth_comp_id 
_atom_site.auth_asym_id 
_atom_site.auth_atom_id 
_atom_site.pdbx_PDB_model_num 
ATOM   1    N N   . CYS A 1 1   ? 6.518   -9.474  11.425  1.00 33.56 ? 1   CYS A N   1 
ATOM   2    C CA  . CYS A 1 1   ? 6.610   -8.127  10.791  1.00 33.16 ? 1   CYS A CA  1 
ATOM   3    C C   . CYS A 1 1   ? 6.763   -7.021  11.842  1.00 32.05 ? 1   CYS A C   1 
ATOM   4    O O   . CYS A 1 1   ? 6.251   -5.916  11.659  1.00 31.62 ? 1   CYS A O   1 
ATOM   5    C CB  . CYS A 1 1   ? 5.372   -7.862  9.938   1.00 33.36 ? 1   CYS A CB  1 
ATOM   6    S SG  . CYS A 1 1   ? 4.467   -9.351  9.531   1.00 36.42 ? 1   CYS A SG  1 
ATOM   7    N N   . ASP A 1 2   ? 7.458   -7.331  12.938  1.00 30.92 ? 2   ASP A N   1 
ATOM   8    C CA  . ASP A 1 2   ? 7.739   -6.352  14.002  1.00 30.11 ? 2   ASP A CA  1 
ATOM   9    C C   . ASP A 1 2   ? 8.449   -5.087  13.505  1.00 28.16 ? 2   ASP A C   1 
ATOM   10   O O   . ASP A 1 2   ? 8.196   -3.990  14.010  1.00 28.01 ? 2   ASP A O   1 
ATOM   11   C CB  . ASP A 1 2   ? 8.588   -6.988  15.106  1.00 30.85 ? 2   ASP A CB  1 
ATOM   12   C CG  . ASP A 1 2   ? 7.751   -7.711  16.156  1.00 33.93 ? 2   ASP A CG  1 
ATOM   13   O OD1 . ASP A 1 2   ? 6.496   -7.694  16.074  1.00 37.11 ? 2   ASP A OD1 1 
ATOM   14   O OD2 . ASP A 1 2   ? 8.364   -8.287  17.088  1.00 36.98 ? 2   ASP A OD2 1 
ATOM   15   N N   . ALA A 1 3   ? 9.341   -5.257  12.531  1.00 26.17 ? 3   ALA A N   1 
ATOM   16   C CA  . ALA A 1 3   ? 10.085  -4.138  11.938  1.00 24.15 ? 3   ALA A CA  1 
ATOM   17   C C   . ALA A 1 3   ? 9.135   -3.103  11.329  1.00 22.45 ? 3   ALA A C   1 
ATOM   18   O O   . ALA A 1 3   ? 9.487   -1.933  11.195  1.00 22.50 ? 3   ALA A O   1 
ATOM   19   C CB  . ALA A 1 3   ? 11.046  -4.645  10.881  1.00 24.18 ? 3   ALA A CB  1 
ATOM   20   N N   . PHE A 1 4   ? 7.929   -3.546  10.972  1.00 20.13 ? 4   PHE A N   1 
ATOM   21   C CA  . PHE A 1 4   ? 6.970   -2.672  10.297  1.00 18.97 ? 4   PHE A CA  1 
ATOM   22   C C   . PHE A 1 4   ? 6.020   -1.932  11.232  1.00 18.43 ? 4   PHE A C   1 
ATOM   23   O O   . PHE A 1 4   ? 5.410   -0.938  10.831  1.00 17.05 ? 4   PHE A O   1 
ATOM   24   C CB  . PHE A 1 4   ? 6.192   -3.465  9.221   1.00 18.84 ? 4   PHE A CB  1 
ATOM   25   C CG  . PHE A 1 4   ? 7.050   -3.892  8.073   1.00 19.01 ? 4   PHE A CG  1 
ATOM   26   C CD1 . PHE A 1 4   ? 7.331   -3.001  7.033   1.00 18.75 ? 4   PHE A CD1 1 
ATOM   27   C CD2 . PHE A 1 4   ? 7.636   -5.152  8.057   1.00 19.18 ? 4   PHE A CD2 1 
ATOM   28   C CE1 . PHE A 1 4   ? 8.155   -3.375  5.984   1.00 18.48 ? 4   PHE A CE1 1 
ATOM   29   C CE2 . PHE A 1 4   ? 8.472   -5.530  7.004   1.00 19.10 ? 4   PHE A CE2 1 
ATOM   30   C CZ  . PHE A 1 4   ? 8.725   -4.639  5.968   1.00 19.31 ? 4   PHE A CZ  1 
ATOM   31   N N   . VAL A 1 5   ? 5.892   -2.418  12.470  1.00 17.98 ? 5   VAL A N   1 
ATOM   32   C CA  . VAL A 1 5   ? 4.915   -1.866  13.405  1.00 18.56 ? 5   VAL A CA  1 
ATOM   33   C C   . VAL A 1 5   ? 5.215   -0.405  13.710  1.00 18.36 ? 5   VAL A C   1 
ATOM   34   O O   . VAL A 1 5   ? 6.368   -0.049  13.976  1.00 19.23 ? 5   VAL A O   1 
ATOM   35   C CB  . VAL A 1 5   ? 4.855   -2.692  14.714  1.00 18.80 ? 5   VAL A CB  1 
ATOM   36   C CG1 . VAL A 1 5   ? 3.967   -2.008  15.763  1.00 18.51 ? 5   VAL A CG1 1 
ATOM   37   C CG2 . VAL A 1 5   ? 4.351   -4.104  14.401  1.00 19.33 ? 5   VAL A CG2 1 
ATOM   38   N N   . GLY A 1 6   ? 4.177   0.421   13.668  1.00 17.24 ? 6   GLY A N   1 
ATOM   39   C CA  . GLY A 1 6   ? 4.302   1.823   14.047  1.00 17.58 ? 6   GLY A CA  1 
ATOM   40   C C   . GLY A 1 6   ? 3.361   2.722   13.277  1.00 17.19 ? 6   GLY A C   1 
ATOM   41   O O   . GLY A 1 6   ? 2.512   2.245   12.540  1.00 16.45 ? 6   GLY A O   1 
ATOM   42   N N   . THR A 1 7   ? 3.512   4.028   13.484  1.00 17.20 ? 7   THR A N   1 
ATOM   43   C CA  . THR A 1 7   ? 2.774   5.058   12.764  1.00 17.25 ? 7   THR A CA  1 
ATOM   44   C C   . THR A 1 7   ? 3.780   5.805   11.897  1.00 17.33 ? 7   THR A C   1 
ATOM   45   O O   . THR A 1 7   ? 4.787   6.319   12.405  1.00 17.97 ? 7   THR A O   1 
ATOM   46   C CB  . THR A 1 7   ? 2.075   6.041   13.746  1.00 17.53 ? 7   THR A CB  1 
ATOM   47   O OG1 . THR A 1 7   ? 1.151   5.310   14.560  1.00 18.73 ? 7   THR A OG1 1 
ATOM   48   C CG2 . THR A 1 7   ? 1.327   7.143   12.998  1.00 17.45 ? 7   THR A CG2 1 
ATOM   49   N N   . TRP A 1 8   ? 3.515   5.818   10.591  1.00 16.20 ? 8   TRP A N   1 
ATOM   50   C CA  . TRP A 1 8   ? 4.463   6.295   9.584   1.00 15.96 ? 8   TRP A CA  1 
ATOM   51   C C   . TRP A 1 8   ? 3.847   7.481   8.838   1.00 16.15 ? 8   TRP A C   1 
ATOM   52   O O   . TRP A 1 8   ? 2.666   7.452   8.500   1.00 16.11 ? 8   TRP A O   1 
ATOM   53   C CB  . TRP A 1 8   ? 4.779   5.159   8.601   1.00 15.51 ? 8   TRP A CB  1 
ATOM   54   C CG  . TRP A 1 8   ? 5.366   3.935   9.280   1.00 15.64 ? 8   TRP A CG  1 
ATOM   55   C CD1 . TRP A 1 8   ? 4.684   2.861   9.805   1.00 16.29 ? 8   TRP A CD1 1 
ATOM   56   C CD2 . TRP A 1 8   ? 6.752   3.689   9.521   1.00 15.89 ? 8   TRP A CD2 1 
ATOM   57   N NE1 . TRP A 1 8   ? 5.578   1.956   10.361  1.00 16.19 ? 8   TRP A NE1 1 
ATOM   58   C CE2 . TRP A 1 8   ? 6.852   2.436   10.186  1.00 15.49 ? 8   TRP A CE2 1 
ATOM   59   C CE3 . TRP A 1 8   ? 7.930   4.396   9.215   1.00 16.12 ? 8   TRP A CE3 1 
ATOM   60   C CZ2 . TRP A 1 8   ? 8.086   1.880   10.557  1.00 15.95 ? 8   TRP A CZ2 1 
ATOM   61   C CZ3 . TRP A 1 8   ? 9.153   3.848   9.588   1.00 16.43 ? 8   TRP A CZ3 1 
ATOM   62   C CH2 . TRP A 1 8   ? 9.223   2.600   10.249  1.00 16.88 ? 8   TRP A CH2 1 
ATOM   63   N N   . LYS A 1 9   ? 4.626   8.528   8.588   1.00 16.14 ? 9   LYS A N   1 
ATOM   64   C CA  . LYS A 1 9   ? 4.087   9.679   7.839   1.00 16.58 ? 9   LYS A CA  1 
ATOM   65   C C   . LYS A 1 9   ? 4.786   9.798   6.494   1.00 16.15 ? 9   LYS A C   1 
ATOM   66   O O   . LYS A 1 9   ? 5.976   9.522   6.379   1.00 15.40 ? 9   LYS A O   1 
ATOM   67   C CB  . LYS A 1 9   ? 4.194   10.992  8.638   1.00 17.53 ? 9   LYS A CB  1 
ATOM   68   C CG  . LYS A 1 9   ? 5.598   11.397  9.002   1.00 21.70 ? 9   LYS A CG  1 
ATOM   69   C CD  . LYS A 1 9   ? 5.598   12.759  9.711   1.00 26.67 ? 9   LYS A CD  1 
ATOM   70   C CE  . LYS A 1 9   ? 7.012   13.310  9.855   1.00 30.67 ? 9   LYS A CE  1 
ATOM   71   N NZ  . LYS A 1 9   ? 7.859   12.532  10.818  1.00 32.99 ? 9   LYS A NZ  1 
ATOM   72   N N   . LEU A 1 10  ? 4.029   10.190  5.474   1.00 16.72 ? 10  LEU A N   1 
ATOM   73   C CA  . LEU A 1 10  ? 4.569   10.286  4.129   1.00 16.53 ? 10  LEU A CA  1 
ATOM   74   C C   . LEU A 1 10  ? 5.586   11.411  4.034   1.00 17.24 ? 10  LEU A C   1 
ATOM   75   O O   . LEU A 1 10  ? 5.328   12.542  4.475   1.00 17.80 ? 10  LEU A O   1 
ATOM   76   C CB  . LEU A 1 10  ? 3.434   10.524  3.140   1.00 16.09 ? 10  LEU A CB  1 
ATOM   77   C CG  . LEU A 1 10  ? 3.859   10.608  1.676   1.00 16.44 ? 10  LEU A CG  1 
ATOM   78   C CD1 . LEU A 1 10  ? 4.248   9.236   1.118   1.00 14.83 ? 10  LEU A CD1 1 
ATOM   79   C CD2 . LEU A 1 10  ? 2.739   11.237  0.850   1.00 16.47 ? 10  LEU A CD2 1 
ATOM   80   N N   . VAL A 1 11  ? 6.750   11.105  3.474   1.00 16.85 ? 11  VAL A N   1 
ATOM   81   C CA  . VAL A 1 11  ? 7.756   12.159  3.273   1.00 17.38 ? 11  VAL A CA  1 
ATOM   82   C C   . VAL A 1 11  ? 8.156   12.423  1.816   1.00 17.12 ? 11  VAL A C   1 
ATOM   83   O O   . VAL A 1 11  ? 8.630   13.522  1.497   1.00 17.42 ? 11  VAL A O   1 
ATOM   84   C CB  . VAL A 1 11  ? 8.987   11.982  4.182   1.00 17.88 ? 11  VAL A CB  1 
ATOM   85   C CG1 . VAL A 1 11  ? 8.554   12.086  5.647   1.00 19.32 ? 11  VAL A CG1 1 
ATOM   86   C CG2 . VAL A 1 11  ? 9.706   10.684  3.885   1.00 18.71 ? 11  VAL A CG2 1 
ATOM   87   N N   . SER A 1 12  ? 7.976   11.440  0.938   1.00 16.02 ? 12  SER A N   1 
ATOM   88   C CA  . SER A 1 12  ? 8.208   11.662  -0.498  1.00 15.25 ? 12  SER A CA  1 
ATOM   89   C C   . SER A 1 12  ? 7.338   10.756  -1.357  1.00 15.07 ? 12  SER A C   1 
ATOM   90   O O   . SER A 1 12  ? 6.929   9.676   -0.926  1.00 14.84 ? 12  SER A O   1 
ATOM   91   C CB  . SER A 1 12  ? 9.684   11.484  -0.872  1.00 15.52 ? 12  SER A CB  1 
ATOM   92   O OG  . SER A 1 12  ? 10.092  10.127  -0.764  1.00 15.36 ? 12  SER A OG  1 
ATOM   93   N N   . SER A 1 13  ? 7.055   11.218  -2.570  1.00 14.53 ? 13  SER A N   1 
ATOM   94   C CA  . SER A 1 13  ? 6.268   10.467  -3.533  1.00 14.43 ? 13  SER A CA  1 
ATOM   95   C C   . SER A 1 13  ? 6.837   10.714  -4.927  1.00 14.97 ? 13  SER A C   1 
ATOM   96   O O   . SER A 1 13  ? 7.019   11.881  -5.343  1.00 16.03 ? 13  SER A O   1 
ATOM   97   C CB  . SER A 1 13  ? 4.798   10.887  -3.460  1.00 14.79 ? 13  SER A CB  1 
ATOM   98   O OG  . SER A 1 13  ? 3.999   10.097  -4.315  1.00 14.40 ? 13  SER A OG  1 
ATOM   99   N N   . GLU A 1 14  ? 7.158   9.632   -5.620  1.00 14.02 ? 14  GLU A N   1 
ATOM   100  C CA  . GLU A 1 14  ? 7.733   9.697   -6.966  1.00 14.27 ? 14  GLU A CA  1 
ATOM   101  C C   . GLU A 1 14  ? 6.947   8.803   -7.931  1.00 14.47 ? 14  GLU A C   1 
ATOM   102  O O   . GLU A 1 14  ? 6.710   7.625   -7.647  1.00 13.67 ? 14  GLU A O   1 
ATOM   103  C CB  . GLU A 1 14  ? 9.191   9.253   -6.934  1.00 14.28 ? 14  GLU A CB  1 
ATOM   104  C CG  . GLU A 1 14  ? 10.147  10.172  -6.155  1.00 14.69 ? 14  GLU A CG  1 
ATOM   105  C CD  . GLU A 1 14  ? 11.477  9.491   -5.872  1.00 17.48 ? 14  GLU A CD  1 
ATOM   106  O OE1 . GLU A 1 14  ? 11.511  8.592   -5.001  1.00 16.17 ? 14  GLU A OE1 1 
ATOM   107  O OE2 . GLU A 1 14  ? 12.492  9.839   -6.521  1.00 17.94 ? 14  GLU A OE2 1 
ATOM   108  N N   . ASN A 1 15  ? 6.562   9.381   -9.078  1.00 14.19 ? 15  ASN A N   1 
ATOM   109  C CA  . ASN A 1 15  ? 5.900   8.663   -10.172 1.00 14.17 ? 15  ASN A CA  1 
ATOM   110  C C   . ASN A 1 15  ? 4.519   8.089   -9.815  1.00 13.82 ? 15  ASN A C   1 
ATOM   111  O O   . ASN A 1 15  ? 4.032   7.189   -10.479 1.00 13.89 ? 15  ASN A O   1 
ATOM   112  C CB  . ASN A 1 15  ? 6.815   7.585   -10.794 1.00 13.99 ? 15  ASN A CB  1 
ATOM   113  C CG  . ASN A 1 15  ? 6.446   7.262   -12.233 1.00 17.13 ? 15  ASN A CG  1 
ATOM   114  O OD1 . ASN A 1 15  ? 6.458   6.098   -12.655 1.00 20.18 ? 15  ASN A OD1 1 
ATOM   115  N ND2 . ASN A 1 15  ? 6.116   8.300   -13.001 1.00 17.34 ? 15  ASN A ND2 1 
ATOM   116  N N   . PHE A 1 16  ? 3.896   8.643   -8.783  1.00 13.69 ? 16  PHE A N   1 
ATOM   117  C CA  . PHE A 1 16  ? 2.611   8.129   -8.288  1.00 13.78 ? 16  PHE A CA  1 
ATOM   118  C C   . PHE A 1 16  ? 1.468   8.301   -9.304  1.00 13.94 ? 16  PHE A C   1 
ATOM   119  O O   . PHE A 1 16  ? 0.665   7.384   -9.515  1.00 13.97 ? 16  PHE A O   1 
ATOM   120  C CB  . PHE A 1 16  ? 2.287   8.829   -6.966  1.00 13.94 ? 16  PHE A CB  1 
ATOM   121  C CG  . PHE A 1 16  ? 1.146   8.216   -6.196  1.00 14.18 ? 16  PHE A CG  1 
ATOM   122  C CD1 . PHE A 1 16  ? 0.940   6.829   -6.164  1.00 15.06 ? 16  PHE A CD1 1 
ATOM   123  C CD2 . PHE A 1 16  ? 0.309   9.037   -5.444  1.00 15.91 ? 16  PHE A CD2 1 
ATOM   124  C CE1 . PHE A 1 16  ? -0.121  6.282   -5.421  1.00 15.69 ? 16  PHE A CE1 1 
ATOM   125  C CE2 . PHE A 1 16  ? -0.748  8.495   -4.692  1.00 15.42 ? 16  PHE A CE2 1 
ATOM   126  C CZ  . PHE A 1 16  ? -0.957  7.122   -4.685  1.00 15.49 ? 16  PHE A CZ  1 
ATOM   127  N N   . ASP A 1 17  ? 1.405   9.467   -9.955  1.00 14.35 ? 17  ASP A N   1 
ATOM   128  C CA  . ASP A 1 17  ? 0.337   9.697   -10.938 1.00 14.76 ? 17  ASP A CA  1 
ATOM   129  C C   . ASP A 1 17  ? 0.373   8.685   -12.089 1.00 14.68 ? 17  ASP A C   1 
ATOM   130  O O   . ASP A 1 17  ? -0.662  8.097   -12.439 1.00 14.32 ? 17  ASP A O   1 
ATOM   131  C CB  . ASP A 1 17  ? 0.384   11.123  -11.490 1.00 15.22 ? 17  ASP A CB  1 
ATOM   132  C CG  . ASP A 1 17  ? -0.913  11.516  -12.184 1.00 17.14 ? 17  ASP A CG  1 
ATOM   133  O OD1 . ASP A 1 17  ? -1.987  11.318  -11.581 1.00 16.53 ? 17  ASP A OD1 1 
ATOM   134  O OD2 . ASP A 1 17  ? -0.844  12.032  -13.327 1.00 20.79 ? 17  ASP A OD2 1 
ATOM   135  N N   . ASP A 1 18  ? 1.560   8.466   -12.662 1.00 14.78 ? 18  ASP A N   1 
ATOM   136  C CA  . ASP A 1 18  ? 1.714   7.494   -13.740 1.00 15.26 ? 18  ASP A CA  1 
ATOM   137  C C   . ASP A 1 18  ? 1.367   6.080   -13.298 1.00 14.29 ? 18  ASP A C   1 
ATOM   138  O O   . ASP A 1 18  ? 0.751   5.336   -14.050 1.00 15.02 ? 18  ASP A O   1 
ATOM   139  C CB  . ASP A 1 18  ? 3.117   7.530   -14.322 1.00 16.31 ? 18  ASP A CB  1 
ATOM   140  C CG  . ASP A 1 18  ? 3.306   8.688   -15.284 1.00 19.43 ? 18  ASP A CG  1 
ATOM   141  O OD1 . ASP A 1 18  ? 2.307   9.367   -15.606 1.00 22.00 ? 18  ASP A OD1 1 
ATOM   142  O OD2 . ASP A 1 18  ? 4.448   8.908   -15.705 1.00 22.96 ? 18  ASP A OD2 1 
ATOM   143  N N   . TYR A 1 19  ? 1.766   5.715   -12.080 1.00 13.37 ? 19  TYR A N   1 
ATOM   144  C CA  . TYR A 1 19  ? 1.363   4.422   -11.548 1.00 13.02 ? 19  TYR A CA  1 
ATOM   145  C C   . TYR A 1 19  ? -0.175  4.311   -11.515 1.00 12.57 ? 19  TYR A C   1 
ATOM   146  O O   . TYR A 1 19  ? -0.757  3.327   -11.981 1.00 13.19 ? 19  TYR A O   1 
ATOM   147  C CB  . TYR A 1 19  ? 1.974   4.155   -10.157 1.00 13.38 ? 19  TYR A CB  1 
ATOM   148  C CG  . TYR A 1 19  ? 1.355   2.942   -9.496  1.00 12.69 ? 19  TYR A CG  1 
ATOM   149  C CD1 . TYR A 1 19  ? 1.707   1.655   -9.888  1.00 13.43 ? 19  TYR A CD1 1 
ATOM   150  C CD2 . TYR A 1 19  ? 0.398   3.094   -8.489  1.00 13.12 ? 19  TYR A CD2 1 
ATOM   151  C CE1 . TYR A 1 19  ? 1.112   0.531   -9.282  1.00 13.65 ? 19  TYR A CE1 1 
ATOM   152  C CE2 . TYR A 1 19  ? -0.205  2.007   -7.892  1.00 13.17 ? 19  TYR A CE2 1 
ATOM   153  C CZ  . TYR A 1 19  ? 0.154   0.716   -8.296  1.00 13.26 ? 19  TYR A CZ  1 
ATOM   154  O OH  . TYR A 1 19  ? -0.444  -0.367  -7.694  1.00 13.50 ? 19  TYR A OH  1 
ATOM   155  N N   . MET A 1 20  ? -0.821  5.320   -10.948 1.00 12.71 ? 20  MET A N   1 
ATOM   156  C CA  . MET A 1 20  ? -2.278  5.316   -10.831 1.00 13.26 ? 20  MET A CA  1 
ATOM   157  C C   . MET A 1 20  ? -2.949  5.261   -12.209 1.00 14.02 ? 20  MET A C   1 
ATOM   158  O O   . MET A 1 20  ? -3.935  4.542   -12.389 1.00 13.39 ? 20  MET A O   1 
ATOM   159  C CB  . MET A 1 20  ? -2.752  6.511   -10.028 1.00 12.99 ? 20  MET A CB  1 
ATOM   160  C CG  . MET A 1 20  ? -2.561  6.334   -8.504  1.00 13.02 ? 20  MET A CG  1 
ATOM   161  S SD  . MET A 1 20  ? -3.380  7.581   -7.534  1.00 14.10 ? 20  MET A SD  1 
ATOM   162  C CE  . MET A 1 20  ? -2.349  9.000   -7.945  1.00 13.62 ? 20  MET A CE  1 
ATOM   163  N N   . LYS A 1 21  ? -2.384  5.979   -13.179 1.00 14.09 ? 21  LYS A N   1 
ATOM   164  C CA  . LYS A 1 21  ? -2.905  5.919   -14.561 1.00 15.20 ? 21  LYS A CA  1 
ATOM   165  C C   . LYS A 1 21  ? -2.831  4.496   -15.123 1.00 15.27 ? 21  LYS A C   1 
ATOM   166  O O   . LYS A 1 21  ? -3.768  4.028   -15.783 1.00 15.98 ? 21  LYS A O   1 
ATOM   167  C CB  . LYS A 1 21  ? -2.147  6.878   -15.480 1.00 15.83 ? 21  LYS A CB  1 
ATOM   168  C CG  . LYS A 1 21  ? -2.470  8.327   -15.255 1.00 17.44 ? 21  LYS A CG  1 
ATOM   169  C CD  . LYS A 1 21  ? -1.657  9.161   -16.232 1.00 21.82 ? 21  LYS A CD  1 
ATOM   170  C CE  . LYS A 1 21  ? -2.100  10.593  -16.266 1.00 28.10 ? 21  LYS A CE  1 
ATOM   171  N NZ  . LYS A 1 21  ? -1.650  11.210  -17.570 1.00 31.62 ? 21  LYS A NZ  1 
ATOM   172  N N   . GLU A 1 22  ? -1.716  3.813   -14.857 1.00 15.09 ? 22  GLU A N   1 
ATOM   173  C CA  . GLU A 1 22  ? -1.518  2.443   -15.331 1.00 16.12 ? 22  GLU A CA  1 
ATOM   174  C C   . GLU A 1 22  ? -2.581  1.517   -14.740 1.00 15.59 ? 22  GLU A C   1 
ATOM   175  O O   . GLU A 1 22  ? -3.148  0.674   -15.445 1.00 15.93 ? 22  GLU A O   1 
ATOM   176  C CB  . GLU A 1 22  ? -0.109  1.961   -14.994 1.00 16.09 ? 22  GLU A CB  1 
ATOM   177  C CG  . GLU A 1 22  ? 0.204   0.536   -15.446 1.00 19.94 ? 22  GLU A CG  1 
ATOM   178  C CD  . GLU A 1 22  ? 0.044   0.325   -16.938 1.00 26.05 ? 22  GLU A CD  1 
ATOM   179  O OE1 . GLU A 1 22  ? 0.351   1.257   -17.712 1.00 28.29 ? 22  GLU A OE1 1 
ATOM   180  O OE2 . GLU A 1 22  ? -0.374  -0.798  -17.327 1.00 29.44 ? 22  GLU A OE2 1 
ATOM   181  N N   . VAL A 1 23  ? -2.879  1.709   -13.455 1.00 15.19 ? 23  VAL A N   1 
ATOM   182  C CA  . VAL A 1 23  ? -3.887  0.888   -12.781 1.00 14.92 ? 23  VAL A CA  1 
ATOM   183  C C   . VAL A 1 23  ? -5.305  1.210   -13.293 1.00 15.16 ? 23  VAL A C   1 
ATOM   184  O O   . VAL A 1 23  ? -6.173  0.326   -13.336 1.00 14.97 ? 23  VAL A O   1 
ATOM   185  C CB  . VAL A 1 23  ? -3.818  1.029   -11.247 1.00 15.08 ? 23  VAL A CB  1 
ATOM   186  C CG1 . VAL A 1 23  ? -4.991  0.284   -10.574 1.00 15.57 ? 23  VAL A CG1 1 
ATOM   187  C CG2 . VAL A 1 23  ? -2.475  0.488   -10.732 1.00 13.07 ? 23  VAL A CG2 1 
ATOM   188  N N   . GLY A 1 24  ? -5.513  2.465   -13.685 1.00 14.99 ? 24  GLY A N   1 
ATOM   189  C CA  . GLY A 1 24  ? -6.788  2.900   -14.287 1.00 15.55 ? 24  GLY A CA  1 
ATOM   190  C C   . GLY A 1 24  ? -7.600  3.850   -13.425 1.00 15.16 ? 24  GLY A C   1 
ATOM   191  O O   . GLY A 1 24  ? -8.830  3.999   -13.611 1.00 16.11 ? 24  GLY A O   1 
ATOM   192  N N   . VAL A 1 25  ? -6.930  4.492   -12.469 1.00 14.85 ? 25  VAL A N   1 
ATOM   193  C CA  . VAL A 1 25  ? -7.585  5.381   -11.530 1.00 14.65 ? 25  VAL A CA  1 
ATOM   194  C C   . VAL A 1 25  ? -8.069  6.653   -12.242 1.00 14.67 ? 25  VAL A C   1 
ATOM   195  O O   . VAL A 1 25  ? -7.330  7.244   -13.036 1.00 14.49 ? 25  VAL A O   1 
ATOM   196  C CB  . VAL A 1 25  ? -6.638  5.767   -10.358 1.00 14.40 ? 25  VAL A CB  1 
ATOM   197  C CG1 . VAL A 1 25  ? -7.360  6.631   -9.351  1.00 13.72 ? 25  VAL A CG1 1 
ATOM   198  C CG2 . VAL A 1 25  ? -6.104  4.516   -9.681  1.00 15.66 ? 25  VAL A CG2 1 
ATOM   199  N N   . GLY A 1 26  ? -9.298  7.066   -11.925 1.00 14.78 ? 26  GLY A N   1 
ATOM   200  C CA  . GLY A 1 26  ? -9.919  8.247   -12.557 1.00 14.76 ? 26  GLY A CA  1 
ATOM   201  C C   . GLY A 1 26  ? -9.215  9.537   -12.180 1.00 15.12 ? 26  GLY A C   1 
ATOM   202  O O   . GLY A 1 26  ? -8.646  9.651   -11.091 1.00 13.85 ? 26  GLY A O   1 
ATOM   203  N N   . PHE A 1 27  ? -9.292  10.525  -13.071 1.00 14.98 ? 27  PHE A N   1 
ATOM   204  C CA  . PHE A 1 27  ? -8.649  11.822  -12.864 1.00 14.90 ? 27  PHE A CA  1 
ATOM   205  C C   . PHE A 1 27  ? -8.899  12.453  -11.484 1.00 14.59 ? 27  PHE A C   1 
ATOM   206  O O   . PHE A 1 27  ? -7.953  12.872  -10.804 1.00 14.19 ? 27  PHE A O   1 
ATOM   207  C CB  . PHE A 1 27  ? -9.090  12.768  -14.005 1.00 15.50 ? 27  PHE A CB  1 
ATOM   208  C CG  . PHE A 1 27  ? -8.366  14.074  -14.026 1.00 15.24 ? 27  PHE A CG  1 
ATOM   209  C CD1 . PHE A 1 27  ? -7.304  14.278  -14.905 1.00 17.09 ? 27  PHE A CD1 1 
ATOM   210  C CD2 . PHE A 1 27  ? -8.771  15.120  -13.194 1.00 16.38 ? 27  PHE A CD2 1 
ATOM   211  C CE1 . PHE A 1 27  ? -6.644  15.503  -14.930 1.00 18.48 ? 27  PHE A CE1 1 
ATOM   212  C CE2 . PHE A 1 27  ? -8.113  16.343  -13.211 1.00 19.66 ? 27  PHE A CE2 1 
ATOM   213  C CZ  . PHE A 1 27  ? -7.043  16.526  -14.081 1.00 18.79 ? 27  PHE A CZ  1 
ATOM   214  N N   . ALA A 1 28  ? -10.161 12.533  -11.056 1.00 14.47 ? 28  ALA A N   1 
ATOM   215  C CA  . ALA A 1 28  ? -10.469 13.218  -9.799  1.00 14.65 ? 28  ALA A CA  1 
ATOM   216  C C   . ALA A 1 28  ? -9.849  12.466  -8.616  1.00 14.38 ? 28  ALA A C   1 
ATOM   217  O O   . ALA A 1 28  ? -9.317  13.077  -7.684  1.00 15.01 ? 28  ALA A O   1 
ATOM   218  C CB  . ALA A 1 28  ? -11.977 13.369  -9.612  1.00 14.61 ? 28  ALA A CB  1 
ATOM   219  N N   . THR A 1 29  ? -9.931  11.140  -8.661  1.00 13.75 ? 29  THR A N   1 
ATOM   220  C CA  . THR A 1 29  ? -9.370  10.327  -7.582  1.00 13.88 ? 29  THR A CA  1 
ATOM   221  C C   . THR A 1 29  ? -7.840  10.461  -7.528  1.00 13.74 ? 29  THR A C   1 
ATOM   222  O O   . THR A 1 29  ? -7.246  10.567  -6.439  1.00 13.58 ? 29  THR A O   1 
ATOM   223  C CB  . THR A 1 29  ? -9.833  8.866   -7.694  1.00 14.62 ? 29  THR A CB  1 
ATOM   224  O OG1 . THR A 1 29  ? -11.264 8.825   -7.549  1.00 15.53 ? 29  THR A OG1 1 
ATOM   225  C CG2 . THR A 1 29  ? -9.222  8.030   -6.555  1.00 14.74 ? 29  THR A CG2 1 
ATOM   226  N N   . ARG A 1 30  ? -7.200  10.484  -8.694  1.00 14.30 ? 30  ARG A N   1 
ATOM   227  C CA  . ARG A 1 30  ? -5.737  10.701  -8.737  1.00 14.68 ? 30  ARG A CA  1 
ATOM   228  C C   . ARG A 1 30  ? -5.362  12.040  -8.101  1.00 15.11 ? 30  ARG A C   1 
ATOM   229  O O   . ARG A 1 30  ? -4.347  12.142  -7.405  1.00 15.12 ? 30  ARG A O   1 
ATOM   230  C CB  . ARG A 1 30  ? -5.192  10.627  -10.162 1.00 14.19 ? 30  ARG A CB  1 
ATOM   231  C CG  . ARG A 1 30  ? -5.367  9.281   -10.872 1.00 13.79 ? 30  ARG A CG  1 
ATOM   232  C CD  . ARG A 1 30  ? -4.374  9.119   -12.012 1.00 13.53 ? 30  ARG A CD  1 
ATOM   233  N NE  . ARG A 1 30  ? -4.353  10.242  -12.968 1.00 13.78 ? 30  ARG A NE  1 
ATOM   234  C CZ  . ARG A 1 30  ? -5.219  10.419  -13.965 1.00 15.50 ? 30  ARG A CZ  1 
ATOM   235  N NH1 . ARG A 1 30  ? -6.224  9.573   -14.157 1.00 15.35 ? 30  ARG A NH1 1 
ATOM   236  N NH2 . ARG A 1 30  ? -5.082  11.471  -14.777 1.00 15.98 ? 30  ARG A NH2 1 
ATOM   237  N N   . LYS A 1 31  ? -6.178  13.069  -8.346  1.00 15.85 ? 31  LYS A N   1 
ATOM   238  C CA  . LYS A 1 31  ? -5.945  14.398  -7.775  1.00 17.18 ? 31  LYS A CA  1 
ATOM   239  C C   . LYS A 1 31  ? -5.961  14.336  -6.242  1.00 16.68 ? 31  LYS A C   1 
ATOM   240  O O   . LYS A 1 31  ? -5.051  14.845  -5.588  1.00 17.37 ? 31  LYS A O   1 
ATOM   241  C CB  . LYS A 1 31  ? -7.005  15.375  -8.302  1.00 17.84 ? 31  LYS A CB  1 
ATOM   242  C CG  . LYS A 1 31  ? -6.802  16.800  -7.890  1.00 23.01 ? 31  LYS A CG  1 
ATOM   243  C CD  . LYS A 1 31  ? -7.768  17.677  -8.665  1.00 27.31 ? 31  LYS A CD  1 
ATOM   244  C CE  . LYS A 1 31  ? -7.419  19.141  -8.527  1.00 30.42 ? 31  LYS A CE  1 
ATOM   245  N NZ  . LYS A 1 31  ? -8.262  19.924  -9.482  1.00 32.96 ? 31  LYS A NZ  1 
ATOM   246  N N   . VAL A 1 32  ? -6.982  13.686  -5.685  1.00 16.20 ? 32  VAL A N   1 
ATOM   247  C CA  . VAL A 1 32  ? -7.116  13.530  -4.242  1.00 16.25 ? 32  VAL A CA  1 
ATOM   248  C C   . VAL A 1 32  ? -5.926  12.750  -3.682  1.00 15.78 ? 32  VAL A C   1 
ATOM   249  O O   . VAL A 1 32  ? -5.302  13.176  -2.705  1.00 16.16 ? 32  VAL A O   1 
ATOM   250  C CB  . VAL A 1 32  ? -8.446  12.816  -3.871  1.00 16.20 ? 32  VAL A CB  1 
ATOM   251  C CG1 . VAL A 1 32  ? -8.474  12.480  -2.389  1.00 17.60 ? 32  VAL A CG1 1 
ATOM   252  C CG2 . VAL A 1 32  ? -9.631  13.699  -4.225  1.00 17.98 ? 32  VAL A CG2 1 
ATOM   253  N N   . ALA A 1 33  ? -5.619  11.616  -4.315  1.00 15.79 ? 33  ALA A N   1 
ATOM   254  C CA  . ALA A 1 33  ? -4.513  10.752  -3.885  1.00 16.47 ? 33  ALA A CA  1 
ATOM   255  C C   . ALA A 1 33  ? -3.199  11.536  -3.880  1.00 17.55 ? 33  ALA A C   1 
ATOM   256  O O   . ALA A 1 33  ? -2.358  11.371  -2.983  1.00 18.02 ? 33  ALA A O   1 
ATOM   257  C CB  . ALA A 1 33  ? -4.423  9.520   -4.802  1.00 15.95 ? 33  ALA A CB  1 
ATOM   258  N N   . GLY A 1 34  ? -3.033  12.402  -4.874  1.00 18.50 ? 34  GLY A N   1 
ATOM   259  C CA  . GLY A 1 34  ? -1.817  13.210  -5.014  1.00 19.95 ? 34  GLY A CA  1 
ATOM   260  C C   . GLY A 1 34  ? -1.635  14.250  -3.925  1.00 20.81 ? 34  GLY A C   1 
ATOM   261  O O   . GLY A 1 34  ? -0.510  14.538  -3.530  1.00 21.66 ? 34  GLY A O   1 
ATOM   262  N N   . MET A 1 35  ? -2.731  14.815  -3.434  1.00 20.60 ? 35  MET A N   1 
ATOM   263  C CA  . MET A 1 35  ? -2.639  15.899  -2.460  1.00 21.77 ? 35  MET A CA  1 
ATOM   264  C C   . MET A 1 35  ? -2.711  15.440  -0.999  1.00 21.12 ? 35  MET A C   1 
ATOM   265  O O   . MET A 1 35  ? -2.313  16.181  -0.107  1.00 21.02 ? 35  MET A O   1 
ATOM   266  C CB  . MET A 1 35  ? -3.664  17.009  -2.760  1.00 23.00 ? 35  MET A CB  1 
ATOM   267  C CG  . MET A 1 35  ? -5.131  16.626  -2.606  1.00 26.98 ? 35  MET A CG  1 
ATOM   268  S SD  . MET A 1 35  ? -6.269  17.926  -3.188  1.00 38.16 ? 35  MET A SD  1 
ATOM   269  C CE  . MET A 1 35  ? -5.524  18.409  -4.742  1.00 35.92 ? 35  MET A CE  1 
ATOM   270  N N   . ALA A 1 36  ? -3.224  14.230  -0.769  1.00 20.20 ? 36  ALA A N   1 
ATOM   271  C CA  . ALA A 1 36  ? -3.357  13.680  0.584   1.00 20.05 ? 36  ALA A CA  1 
ATOM   272  C C   . ALA A 1 36  ? -1.988  13.482  1.241   1.00 20.07 ? 36  ALA A C   1 
ATOM   273  O O   . ALA A 1 36  ? -0.998  13.206  0.565   1.00 20.14 ? 36  ALA A O   1 
ATOM   274  C CB  . ALA A 1 36  ? -4.141  12.358  0.556   1.00 20.00 ? 36  ALA A CB  1 
ATOM   275  N N   . LYS A 1 37  ? -1.957  13.658  2.561   1.00 20.57 ? 37  LYS A N   1 
ATOM   276  C CA  . LYS A 1 37  ? -0.758  13.484  3.366   1.00 21.18 ? 37  LYS A CA  1 
ATOM   277  C C   . LYS A 1 37  ? -1.017  12.389  4.400   1.00 20.13 ? 37  LYS A C   1 
ATOM   278  O O   . LYS A 1 37  ? -1.218  12.678  5.585   1.00 21.01 ? 37  LYS A O   1 
ATOM   279  C CB  . LYS A 1 37  ? -0.366  14.810  4.027   1.00 22.18 ? 37  LYS A CB  1 
ATOM   280  C CG  . LYS A 1 37  ? 0.072   15.880  3.009   1.00 24.83 ? 37  LYS A CG  1 
ATOM   281  C CD  . LYS A 1 37  ? 1.141   15.331  2.054   1.00 29.84 ? 37  LYS A CD  1 
ATOM   282  C CE  . LYS A 1 37  ? 0.950   15.861  0.628   1.00 32.59 ? 37  LYS A CE  1 
ATOM   283  N NZ  . LYS A 1 37  ? 1.158   14.790  -0.397  1.00 34.48 ? 37  LYS A NZ  1 
ATOM   284  N N   . PRO A 1 38  ? -1.027  11.126  3.950   1.00 18.83 ? 38  PRO A N   1 
ATOM   285  C CA  . PRO A 1 38  ? -1.498  10.056  4.810   1.00 17.68 ? 38  PRO A CA  1 
ATOM   286  C C   . PRO A 1 38  ? -0.492  9.612   5.857   1.00 16.99 ? 38  PRO A C   1 
ATOM   287  O O   . PRO A 1 38  ? 0.721   9.750   5.658   1.00 16.48 ? 38  PRO A O   1 
ATOM   288  C CB  . PRO A 1 38  ? -1.732  8.897   3.827   1.00 17.87 ? 38  PRO A CB  1 
ATOM   289  C CG  . PRO A 1 38  ? -0.707  9.121   2.764   1.00 18.11 ? 38  PRO A CG  1 
ATOM   290  C CD  . PRO A 1 38  ? -0.623  10.621  2.620   1.00 18.75 ? 38  PRO A CD  1 
ATOM   291  N N   . ASN A 1 39  ? -1.011  9.079   6.959   1.00 16.55 ? 39  ASN A N   1 
ATOM   292  C CA  . ASN A 1 39  ? -0.210  8.225   7.825   1.00 16.50 ? 39  ASN A CA  1 
ATOM   293  C C   . ASN A 1 39  ? -0.537  6.758   7.524   1.00 16.16 ? 39  ASN A C   1 
ATOM   294  O O   . ASN A 1 39  ? -1.679  6.444   7.196   1.00 16.37 ? 39  ASN A O   1 
ATOM   295  C CB  . ASN A 1 39  ? -0.501  8.510   9.289   1.00 17.29 ? 39  ASN A CB  1 
ATOM   296  C CG  . ASN A 1 39  ? 0.165   9.788   9.795   1.00 20.67 ? 39  ASN A CG  1 
ATOM   297  O OD1 . ASN A 1 39  ? 0.858   10.498  9.065   1.00 21.53 ? 39  ASN A OD1 1 
ATOM   298  N ND2 . ASN A 1 39  ? -0.044  10.072  11.065  1.00 26.35 ? 39  ASN A ND2 1 
ATOM   299  N N   . MET A 1 40  ? 0.461   5.886   7.626   1.00 15.74 ? 40  MET A N   1 
ATOM   300  C CA  . MET A 1 40  ? 0.263   4.443   7.483   1.00 15.70 ? 40  MET A CA  1 
ATOM   301  C C   . MET A 1 40  ? 0.535   3.856   8.857   1.00 15.93 ? 40  MET A C   1 
ATOM   302  O O   . MET A 1 40  ? 1.614   4.070   9.426   1.00 16.68 ? 40  MET A O   1 
ATOM   303  C CB  . MET A 1 40  ? 1.211   3.862   6.434   1.00 15.68 ? 40  MET A CB  1 
ATOM   304  C CG  . MET A 1 40  ? 0.996   2.385   6.177   1.00 17.31 ? 40  MET A CG  1 
ATOM   305  S SD  . MET A 1 40  ? 2.071   1.694   4.922   1.00 18.95 ? 40  MET A SD  1 
ATOM   306  C CE  . MET A 1 40  ? 1.471   2.480   3.433   1.00 21.14 ? 40  MET A CE  1 
ATOM   307  N N   . ILE A 1 41  ? -0.458  3.157   9.411   1.00 15.75 ? 41  ILE A N   1 
ATOM   308  C CA  . ILE A 1 41  ? -0.362  2.637   10.772  1.00 15.70 ? 41  ILE A CA  1 
ATOM   309  C C   . ILE A 1 41  ? -0.400  1.109   10.686  1.00 15.67 ? 41  ILE A C   1 
ATOM   310  O O   . ILE A 1 41  ? -1.375  0.531   10.188  1.00 14.87 ? 41  ILE A O   1 
ATOM   311  C CB  . ILE A 1 41  ? -1.515  3.184   11.678  1.00 16.32 ? 41  ILE A CB  1 
ATOM   312  C CG1 . ILE A 1 41  ? -1.573  4.720   11.654  1.00 17.23 ? 41  ILE A CG1 1 
ATOM   313  C CG2 . ILE A 1 41  ? -1.350  2.710   13.120  1.00 17.22 ? 41  ILE A CG2 1 
ATOM   314  C CD1 . ILE A 1 41  ? -2.621  5.292   10.733  1.00 21.15 ? 41  ILE A CD1 1 
ATOM   315  N N   . ILE A 1 42  ? 0.676   0.472   11.139  1.00 15.10 ? 42  ILE A N   1 
ATOM   316  C CA  . ILE A 1 42  ? 0.820   -0.968  11.032  1.00 14.89 ? 42  ILE A CA  1 
ATOM   317  C C   . ILE A 1 42  ? 0.869   -1.551  12.450  1.00 15.60 ? 42  ILE A C   1 
ATOM   318  O O   . ILE A 1 42  ? 1.619   -1.064  13.313  1.00 15.53 ? 42  ILE A O   1 
ATOM   319  C CB  . ILE A 1 42  ? 2.097   -1.354  10.218  1.00 14.67 ? 42  ILE A CB  1 
ATOM   320  C CG1 . ILE A 1 42  ? 2.024   -0.749  8.800   1.00 15.14 ? 42  ILE A CG1 1 
ATOM   321  C CG2 . ILE A 1 42  ? 2.274   -2.877  10.153  1.00 15.26 ? 42  ILE A CG2 1 
ATOM   322  C CD1 . ILE A 1 42  ? 3.298   -0.944  7.933   1.00 16.66 ? 42  ILE A CD1 1 
ATOM   323  N N   . SER A 1 43  ? 0.052   -2.573  12.676  1.00 15.38 ? 43  SER A N   1 
ATOM   324  C CA  . SER A 1 43  ? 0.020   -3.293  13.949  1.00 15.63 ? 43  SER A CA  1 
ATOM   325  C C   . SER A 1 43  ? -0.093  -4.804  13.746  1.00 15.48 ? 43  SER A C   1 
ATOM   326  O O   . SER A 1 43  ? -0.498  -5.285  12.677  1.00 14.47 ? 43  SER A O   1 
ATOM   327  C CB  . SER A 1 43  ? -1.133  -2.782  14.818  1.00 16.32 ? 43  SER A CB  1 
ATOM   328  O OG  . SER A 1 43  ? -2.366  -2.929  14.137  1.00 18.50 ? 43  SER A OG  1 
ATOM   329  N N   . VAL A 1 44  ? 0.278   -5.555  14.779  1.00 16.56 ? 44  VAL A N   1 
ATOM   330  C CA  . VAL A 1 44  ? 0.219   -7.024  14.736  1.00 17.66 ? 44  VAL A CA  1 
ATOM   331  C C   . VAL A 1 44  ? -0.407  -7.512  16.030  1.00 18.05 ? 44  VAL A C   1 
ATOM   332  O O   . VAL A 1 44  ? -0.075  -7.024  17.112  1.00 18.78 ? 44  VAL A O   1 
ATOM   333  C CB  . VAL A 1 44  ? 1.622   -7.680  14.524  1.00 18.07 ? 44  VAL A CB  1 
ATOM   334  C CG1 . VAL A 1 44  ? 1.517   -9.210  14.446  1.00 19.95 ? 44  VAL A CG1 1 
ATOM   335  C CG2 . VAL A 1 44  ? 2.289   -7.139  13.251  1.00 19.35 ? 44  VAL A CG2 1 
ATOM   336  N N   . ASN A 1 45  ? -1.333  -8.456  15.909  1.00 17.61 ? 45  ASN A N   1 
ATOM   337  C CA  . ASN A 1 45  ? -1.929  -9.080  17.072  1.00 18.30 ? 45  ASN A CA  1 
ATOM   338  C C   . ASN A 1 45  ? -1.906  -10.571 16.813  1.00 18.50 ? 45  ASN A C   1 
ATOM   339  O O   . ASN A 1 45  ? -2.700  -11.092 16.014  1.00 18.63 ? 45  ASN A O   1 
ATOM   340  C CB  . ASN A 1 45  ? -3.347  -8.558  17.296  1.00 18.29 ? 45  ASN A CB  1 
ATOM   341  C CG  . ASN A 1 45  ? -3.960  -9.095  18.579  1.00 20.21 ? 45  ASN A CG  1 
ATOM   342  O OD1 . ASN A 1 45  ? -3.724  -10.246 18.968  1.00 22.64 ? 45  ASN A OD1 1 
ATOM   343  N ND2 . ASN A 1 45  ? -4.749  -8.276  19.235  1.00 21.35 ? 45  ASN A ND2 1 
ATOM   344  N N   . GLY A 1 46  ? -0.957  -11.249 17.448  1.00 18.79 ? 46  GLY A N   1 
ATOM   345  C CA  . GLY A 1 46  ? -0.727  -12.666 17.163  1.00 19.18 ? 46  GLY A CA  1 
ATOM   346  C C   . GLY A 1 46  ? -0.327  -12.826 15.703  1.00 18.84 ? 46  GLY A C   1 
ATOM   347  O O   . GLY A 1 46  ? 0.645   -12.222 15.254  1.00 19.85 ? 46  GLY A O   1 
ATOM   348  N N   . ASP A 1 47  ? -1.104  -13.605 14.953  1.00 17.88 ? 47  ASP A N   1 
ATOM   349  C CA  . ASP A 1 47  ? -0.808  -13.836 13.535  1.00 17.02 ? 47  ASP A CA  1 
ATOM   350  C C   . ASP A 1 47  ? -1.582  -12.890 12.604  1.00 15.82 ? 47  ASP A C   1 
ATOM   351  O O   . ASP A 1 47  ? -1.492  -13.001 11.381  1.00 15.99 ? 47  ASP A O   1 
ATOM   352  C CB  . ASP A 1 47  ? -1.045  -15.304 13.149  0.50 16.96 ? 47  ASP A CB  1 
ATOM   353  C CG  . ASP A 1 47  ? -2.504  -15.730 13.275  0.50 17.73 ? 47  ASP A CG  1 
ATOM   354  O OD1 . ASP A 1 47  ? -3.359  -14.901 13.615  0.50 19.40 ? 47  ASP A OD1 1 
ATOM   355  O OD2 . ASP A 1 47  ? -2.800  -16.920 13.031  0.50 20.91 ? 47  ASP A OD2 1 
ATOM   356  N N   . LEU A 1 48  ? -2.333  -11.959 13.184  1.00 14.60 ? 48  LEU A N   1 
ATOM   357  C CA  . LEU A 1 48  ? -3.138  -11.039 12.390  1.00 13.99 ? 48  LEU A CA  1 
ATOM   358  C C   . LEU A 1 48  ? -2.442  -9.683  12.244  1.00 13.95 ? 48  LEU A C   1 
ATOM   359  O O   . LEU A 1 48  ? -2.148  -9.024  13.239  1.00 13.65 ? 48  LEU A O   1 
ATOM   360  C CB  . LEU A 1 48  ? -4.536  -10.876 13.008  1.00 14.83 ? 48  LEU A CB  1 
ATOM   361  C CG  . LEU A 1 48  ? -5.573  -10.228 12.096  1.00 16.09 ? 48  LEU A CG  1 
ATOM   362  C CD1 . LEU A 1 48  ? -5.911  -11.139 10.910  1.00 16.67 ? 48  LEU A CD1 1 
ATOM   363  C CD2 . LEU A 1 48  ? -6.832  -9.905  12.877  1.00 17.75 ? 48  LEU A CD2 1 
ATOM   364  N N   . VAL A 1 49  ? -2.182  -9.286  11.000  1.00 13.78 ? 49  VAL A N   1 
ATOM   365  C CA  . VAL A 1 49  ? -1.522  -8.023  10.713  1.00 13.42 ? 49  VAL A CA  1 
ATOM   366  C C   . VAL A 1 49  ? -2.585  -7.027  10.228  1.00 13.52 ? 49  VAL A C   1 
ATOM   367  O O   . VAL A 1 49  ? -3.451  -7.384  9.431   1.00 12.99 ? 49  VAL A O   1 
ATOM   368  C CB  . VAL A 1 49  ? -0.458  -8.199  9.606   1.00 14.13 ? 49  VAL A CB  1 
ATOM   369  C CG1 . VAL A 1 49  ? 0.253   -6.885  9.338   1.00 14.39 ? 49  VAL A CG1 1 
ATOM   370  C CG2 . VAL A 1 49  ? 0.548   -9.304  9.980   1.00 14.85 ? 49  VAL A CG2 1 
ATOM   371  N N   . THR A 1 50  ? -2.518  -5.789  10.713  1.00 13.45 ? 50  THR A N   1 
ATOM   372  C CA  . THR A 1 50  ? -3.451  -4.754  10.259  1.00 13.40 ? 50  THR A CA  1 
ATOM   373  C C   . THR A 1 50  ? -2.676  -3.561  9.695   1.00 13.17 ? 50  THR A C   1 
ATOM   374  O O   . THR A 1 50  ? -1.737  -3.077  10.322  1.00 13.17 ? 50  THR A O   1 
ATOM   375  C CB  . THR A 1 50  ? -4.402  -4.325  11.406  1.00 14.57 ? 50  THR A CB  1 
ATOM   376  O OG1 . THR A 1 50  ? -5.208  -5.450  11.797  1.00 14.48 ? 50  THR A OG1 1 
ATOM   377  C CG2 . THR A 1 50  ? -5.291  -3.179  10.975  1.00 15.73 ? 50  THR A CG2 1 
ATOM   378  N N   . ILE A 1 51  ? -3.057  -3.108  8.501   1.00 12.35 ? 51  ILE A N   1 
ATOM   379  C CA  . ILE A 1 51  ? -2.449  -1.911  7.916   1.00 12.50 ? 51  ILE A CA  1 
ATOM   380  C C   . ILE A 1 51  ? -3.543  -0.891  7.644   1.00 12.93 ? 51  ILE A C   1 
ATOM   381  O O   . ILE A 1 51  ? -4.509  -1.181  6.928   1.00 12.26 ? 51  ILE A O   1 
ATOM   382  C CB  . ILE A 1 51  ? -1.706  -2.216  6.610   1.00 12.60 ? 51  ILE A CB  1 
ATOM   383  C CG1 . ILE A 1 51  ? -0.622  -3.270  6.873   1.00 12.31 ? 51  ILE A CG1 1 
ATOM   384  C CG2 . ILE A 1 51  ? -1.142  -0.903  6.009   1.00 12.70 ? 51  ILE A CG2 1 
ATOM   385  C CD1 . ILE A 1 51  ? 0.195   -3.652  5.630   1.00 15.01 ? 51  ILE A CD1 1 
ATOM   386  N N   . ARG A 1 52  ? -3.400  0.286   8.253   1.00 13.27 ? 52  ARG A N   1 
ATOM   387  C CA  . ARG A 1 52  ? -4.372  1.370   8.089   1.00 14.96 ? 52  ARG A CA  1 
ATOM   388  C C   . ARG A 1 52  ? -3.695  2.487   7.296   1.00 14.84 ? 52  ARG A C   1 
ATOM   389  O O   . ARG A 1 52  ? -2.503  2.707   7.449   1.00 14.54 ? 52  ARG A O   1 
ATOM   390  C CB  . ARG A 1 52  ? -4.742  1.968   9.443   1.00 15.61 ? 52  ARG A CB  1 
ATOM   391  C CG  . ARG A 1 52  ? -5.562  1.120   10.363  1.00 20.45 ? 52  ARG A CG  1 
ATOM   392  C CD  . ARG A 1 52  ? -5.854  1.964   11.605  1.00 25.05 ? 52  ARG A CD  1 
ATOM   393  N NE  . ARG A 1 52  ? -7.185  1.706   12.149  1.00 30.81 ? 52  ARG A NE  1 
ATOM   394  C CZ  . ARG A 1 52  ? -7.460  0.695   12.968  1.00 33.26 ? 52  ARG A CZ  1 
ATOM   395  N NH1 . ARG A 1 52  ? -8.690  0.520   13.432  1.00 34.24 ? 52  ARG A NH1 1 
ATOM   396  N NH2 . ARG A 1 52  ? -6.493  -0.141  13.321  1.00 35.42 ? 52  ARG A NH2 1 
ATOM   397  N N   . SER A 1 53  ? -4.440  3.154   6.427   1.00 14.68 ? 53  SER A N   1 
ATOM   398  C CA  . SER A 1 53  ? -3.952  4.379   5.809   1.00 15.46 ? 53  SER A CA  1 
ATOM   399  C C   . SER A 1 53  ? -4.987  5.441   6.139   1.00 15.69 ? 53  SER A C   1 
ATOM   400  O O   . SER A 1 53  ? -6.178  5.216   5.933   1.00 15.82 ? 53  SER A O   1 
ATOM   401  C CB  . SER A 1 53  ? -3.837  4.214   4.295   1.00 16.12 ? 53  SER A CB  1 
ATOM   402  O OG  . SER A 1 53  ? -3.452  5.449   3.698   1.00 17.46 ? 53  SER A OG  1 
ATOM   403  N N   . GLU A 1 54  ? -4.535  6.579   6.665   1.00 15.67 ? 54  GLU A N   1 
ATOM   404  C CA  . GLU A 1 54  ? -5.459  7.615   7.130   1.00 16.33 ? 54  GLU A CA  1 
ATOM   405  C C   . GLU A 1 54  ? -5.016  8.990   6.683   1.00 16.51 ? 54  GLU A C   1 
ATOM   406  O O   . GLU A 1 54  ? -3.855  9.339   6.824   1.00 16.39 ? 54  GLU A O   1 
ATOM   407  C CB  . GLU A 1 54  ? -5.568  7.591   8.663   1.00 16.88 ? 54  GLU A CB  1 
ATOM   408  C CG  . GLU A 1 54  ? -6.150  6.283   9.170   1.00 19.99 ? 54  GLU A CG  1 
ATOM   409  C CD  . GLU A 1 54  ? -6.428  6.247   10.664  1.00 24.25 ? 54  GLU A CD  1 
ATOM   410  O OE1 . GLU A 1 54  ? -6.000  7.170   11.402  1.00 27.30 ? 54  GLU A OE1 1 
ATOM   411  O OE2 . GLU A 1 54  ? -7.066  5.257   11.087  1.00 25.63 ? 54  GLU A OE2 1 
ATOM   412  N N   . SER A 1 55  ? -5.963  9.756   6.157   1.00 17.35 ? 55  SER A N   1 
ATOM   413  C CA  . SER A 1 55  ? -5.745  11.165  5.831   1.00 18.15 ? 55  SER A CA  1 
ATOM   414  C C   . SER A 1 55  ? -7.091  11.869  5.926   1.00 19.28 ? 55  SER A C   1 
ATOM   415  O O   . SER A 1 55  ? -8.129  11.219  6.107   1.00 19.64 ? 55  SER A O   1 
ATOM   416  C CB  . SER A 1 55  ? -5.175  11.318  4.422   1.00 17.66 ? 55  SER A CB  1 
ATOM   417  O OG  . SER A 1 55  ? -6.199  11.233  3.441   1.00 17.52 ? 55  SER A OG  1 
ATOM   418  N N   . THR A 1 56  ? -7.078  13.188  5.751   1.00 20.53 ? 56  THR A N   1 
ATOM   419  C CA  . THR A 1 56  ? -8.327  13.959  5.762   1.00 22.08 ? 56  THR A CA  1 
ATOM   420  C C   . THR A 1 56  ? -9.270  13.558  4.609   1.00 22.13 ? 56  THR A C   1 
ATOM   421  O O   . THR A 1 56  ? -10.470 13.837  4.655   1.00 23.15 ? 56  THR A O   1 
ATOM   422  C CB  . THR A 1 56  ? -8.054  15.494  5.738   1.00 22.67 ? 56  THR A CB  1 
ATOM   423  O OG1 . THR A 1 56  ? -7.547  15.877  4.457   1.00 25.18 ? 56  THR A OG1 1 
ATOM   424  C CG2 . THR A 1 56  ? -7.035  15.875  6.797   1.00 23.31 ? 56  THR A CG2 1 
ATOM   425  N N   . PHE A 1 57  ? -8.720  12.887  3.594   1.00 21.24 ? 57  PHE A N   1 
ATOM   426  C CA  . PHE A 1 57  ? -9.457  12.557  2.379   1.00 21.30 ? 57  PHE A CA  1 
ATOM   427  C C   . PHE A 1 57  ? -9.970  11.128  2.335   1.00 20.15 ? 57  PHE A C   1 
ATOM   428  O O   . PHE A 1 57  ? -10.987 10.851  1.707   1.00 19.47 ? 57  PHE A O   1 
ATOM   429  C CB  . PHE A 1 57  ? -8.581  12.788  1.141   1.00 21.86 ? 57  PHE A CB  1 
ATOM   430  C CG  . PHE A 1 57  ? -8.155  14.211  0.956   1.00 24.82 ? 57  PHE A CG  1 
ATOM   431  C CD1 . PHE A 1 57  ? -6.937  14.658  1.472   1.00 27.27 ? 57  PHE A CD1 1 
ATOM   432  C CD2 . PHE A 1 57  ? -8.970  15.108  0.268   1.00 27.83 ? 57  PHE A CD2 1 
ATOM   433  C CE1 . PHE A 1 57  ? -6.536  15.983  1.307   1.00 28.83 ? 57  PHE A CE1 1 
ATOM   434  C CE2 . PHE A 1 57  ? -8.579  16.436  0.095   1.00 29.86 ? 57  PHE A CE2 1 
ATOM   435  C CZ  . PHE A 1 57  ? -7.358  16.872  0.615   1.00 30.34 ? 57  PHE A CZ  1 
ATOM   436  N N   . LYS A 1 58  ? -9.246  10.213  2.976   1.00 19.14 ? 58  LYS A N   1 
ATOM   437  C CA  . LYS A 1 58  ? -9.519  8.791   2.790   1.00 19.11 ? 58  LYS A CA  1 
ATOM   438  C C   . LYS A 1 58  ? -8.961  7.966   3.938   1.00 18.09 ? 58  LYS A C   1 
ATOM   439  O O   . LYS A 1 58  ? -7.836  8.198   4.379   1.00 17.96 ? 58  LYS A O   1 
ATOM   440  C CB  . LYS A 1 58  ? -8.886  8.315   1.476   1.00 19.29 ? 58  LYS A CB  1 
ATOM   441  C CG  . LYS A 1 58  ? -9.186  6.865   1.106   1.00 21.93 ? 58  LYS A CG  1 
ATOM   442  C CD  . LYS A 1 58  ? -10.564 6.770   0.497   1.00 24.94 ? 58  LYS A CD  1 
ATOM   443  C CE  . LYS A 1 58  ? -10.944 5.349   0.193   1.00 28.29 ? 58  LYS A CE  1 
ATOM   444  N NZ  . LYS A 1 58  ? -12.305 5.343   -0.403  1.00 28.79 ? 58  LYS A NZ  1 
ATOM   445  N N   . ASN A 1 59  ? -9.755  7.002   4.407   1.00 17.77 ? 59  ASN A N   1 
ATOM   446  C CA  . ASN A 1 59  ? -9.285  6.033   5.397   1.00 17.86 ? 59  ASN A CA  1 
ATOM   447  C C   . ASN A 1 59  ? -9.531  4.620   4.883   1.00 17.46 ? 59  ASN A C   1 
ATOM   448  O O   . ASN A 1 59  ? -10.643 4.297   4.420   1.00 18.09 ? 59  ASN A O   1 
ATOM   449  C CB  . ASN A 1 59  ? -9.979  6.229   6.752   1.00 18.53 ? 59  ASN A CB  1 
ATOM   450  C CG  . ASN A 1 59  ? -9.791  7.613   7.305   1.00 19.72 ? 59  ASN A CG  1 
ATOM   451  O OD1 . ASN A 1 59  ? -8.678  8.019   7.632   1.00 21.07 ? 59  ASN A OD1 1 
ATOM   452  N ND2 . ASN A 1 59  ? -10.887 8.367   7.403   1.00 23.70 ? 59  ASN A ND2 1 
ATOM   453  N N   . THR A 1 60  ? -8.490  3.796   4.940   1.00 17.00 ? 60  THR A N   1 
ATOM   454  C CA  . THR A 1 60  ? -8.584  2.389   4.534   1.00 16.52 ? 60  THR A CA  1 
ATOM   455  C C   . THR A 1 60  ? -7.978  1.525   5.642   1.00 15.85 ? 60  THR A C   1 
ATOM   456  O O   . THR A 1 60  ? -7.129  1.985   6.412   1.00 14.86 ? 60  THR A O   1 
ATOM   457  C CB  . THR A 1 60  ? -7.841  2.085   3.188   1.00 17.08 ? 60  THR A CB  1 
ATOM   458  O OG1 . THR A 1 60  ? -6.420  2.200   3.367   1.00 17.90 ? 60  THR A OG1 1 
ATOM   459  C CG2 . THR A 1 60  ? -8.303  3.001   2.057   1.00 18.76 ? 60  THR A CG2 1 
ATOM   460  N N   . GLU A 1 61  ? -8.415  0.276   5.724   1.00 15.08 ? 61  GLU A N   1 
ATOM   461  C CA  . GLU A 1 61  ? -7.847  -0.668  6.689   1.00 14.95 ? 61  GLU A CA  1 
ATOM   462  C C   . GLU A 1 61  ? -7.951  -2.074  6.104   1.00 14.89 ? 61  GLU A C   1 
ATOM   463  O O   . GLU A 1 61  ? -8.985  -2.440  5.547   1.00 14.68 ? 61  GLU A O   1 
ATOM   464  C CB  . GLU A 1 61  ? -8.623  -0.607  8.008   1.00 15.23 ? 61  GLU A CB  1 
ATOM   465  C CG  . GLU A 1 61  ? -8.132  -1.618  9.055   1.00 16.47 ? 61  GLU A CG  1 
ATOM   466  C CD  . GLU A 1 61  ? -8.884  -1.561  10.370  1.00 18.57 ? 61  GLU A CD  1 
ATOM   467  O OE1 . GLU A 1 61  ? -8.442  -2.255  11.301  1.00 21.97 ? 61  GLU A OE1 1 
ATOM   468  O OE2 . GLU A 1 61  ? -9.899  -0.842  10.491  1.00 18.47 ? 61  GLU A OE2 1 
ATOM   469  N N   . ILE A 1 62  ? -6.878  -2.850  6.234   1.00 13.76 ? 62  ILE A N   1 
ATOM   470  C CA  . ILE A 1 62  ? -6.906  -4.273  5.879   1.00 13.74 ? 62  ILE A CA  1 
ATOM   471  C C   . ILE A 1 62  ? -6.376  -5.040  7.084   1.00 13.22 ? 62  ILE A C   1 
ATOM   472  O O   . ILE A 1 62  ? -5.458  -4.563  7.765   1.00 13.26 ? 62  ILE A O   1 
ATOM   473  C CB  . ILE A 1 62  ? -6.073  -4.601  4.591   1.00 13.38 ? 62  ILE A CB  1 
ATOM   474  C CG1 . ILE A 1 62  ? -4.617  -4.133  4.735   1.00 13.55 ? 62  ILE A CG1 1 
ATOM   475  C CG2 . ILE A 1 62  ? -6.760  -4.017  3.349   1.00 13.65 ? 62  ILE A CG2 1 
ATOM   476  C CD1 . ILE A 1 62  ? -3.677  -4.631  3.618   1.00 13.90 ? 62  ILE A CD1 1 
ATOM   477  N N   . SER A 1 63  ? -6.979  -6.190  7.373   1.00 12.89 ? 63  SER A N   1 
ATOM   478  C CA  . SER A 1 63  ? -6.485  -7.088  8.414   1.00 13.43 ? 63  SER A CA  1 
ATOM   479  C C   . SER A 1 63  ? -6.357  -8.449  7.744   1.00 13.40 ? 63  SER A C   1 
ATOM   480  O O   . SER A 1 63  ? -7.296  -8.917  7.072   1.00 14.63 ? 63  SER A O   1 
ATOM   481  C CB  . SER A 1 63  ? -7.445  -7.170  9.607   1.00 14.64 ? 63  SER A CB  1 
ATOM   482  O OG  . SER A 1 63  ? -7.407  -5.961  10.364  1.00 15.64 ? 63  SER A OG  1 
ATOM   483  N N   . PHE A 1 64  ? -5.199  -9.070  7.906   1.00 12.21 ? 64  PHE A N   1 
ATOM   484  C CA  . PHE A 1 64  ? -4.879  -10.266 7.115   1.00 11.27 ? 64  PHE A CA  1 
ATOM   485  C C   . PHE A 1 64  ? -3.852  -11.128 7.826   1.00 11.89 ? 64  PHE A C   1 
ATOM   486  O O   . PHE A 1 64  ? -3.192  -10.673 8.765   1.00 11.81 ? 64  PHE A O   1 
ATOM   487  C CB  . PHE A 1 64  ? -4.330  -9.826  5.753   1.00 11.33 ? 64  PHE A CB  1 
ATOM   488  C CG  . PHE A 1 64  ? -3.062  -9.009  5.851   1.00 11.57 ? 64  PHE A CG  1 
ATOM   489  C CD1 . PHE A 1 64  ? -3.122  -7.620  5.982   1.00 11.98 ? 64  PHE A CD1 1 
ATOM   490  C CD2 . PHE A 1 64  ? -1.809  -9.623  5.838   1.00 11.46 ? 64  PHE A CD2 1 
ATOM   491  C CE1 . PHE A 1 64  ? -1.967  -6.857  6.084   1.00 11.91 ? 64  PHE A CE1 1 
ATOM   492  C CE2 . PHE A 1 64  ? -0.638  -8.863  5.941   1.00 12.04 ? 64  PHE A CE2 1 
ATOM   493  C CZ  . PHE A 1 64  ? -0.729  -7.465  6.070   1.00 12.80 ? 64  PHE A CZ  1 
ATOM   494  N N   . LYS A 1 65  ? -3.719  -12.375 7.362   1.00 12.16 ? 65  LYS A N   1 
ATOM   495  C CA  . LYS A 1 65  ? -2.641  -13.240 7.805   1.00 12.08 ? 65  LYS A CA  1 
ATOM   496  C C   . LYS A 1 65  ? -1.672  -13.419 6.651   1.00 11.53 ? 65  LYS A C   1 
ATOM   497  O O   . LYS A 1 65  ? -2.092  -13.460 5.484   1.00 11.49 ? 65  LYS A O   1 
ATOM   498  C CB  . LYS A 1 65  ? -3.183  -14.601 8.234   1.00 13.23 ? 65  LYS A CB  1 
ATOM   499  C CG  . LYS A 1 65  ? -4.158  -14.463 9.400   1.00 15.14 ? 65  LYS A CG  1 
ATOM   500  C CD  . LYS A 1 65  ? -4.578  -15.820 9.937   1.00 20.72 ? 65  LYS A CD  1 
ATOM   501  C CE  . LYS A 1 65  ? -5.462  -15.642 11.165  1.00 23.17 ? 65  LYS A CE  1 
ATOM   502  N NZ  . LYS A 1 65  ? -5.737  -16.962 11.811  1.00 25.63 ? 65  LYS A NZ  1 
ATOM   503  N N   . LEU A 1 66  ? -0.389  -13.547 6.982   1.00 11.52 ? 66  LEU A N   1 
ATOM   504  C CA  . LEU A 1 66  ? 0.611   -13.761 5.940   1.00 11.68 ? 66  LEU A CA  1 
ATOM   505  C C   . LEU A 1 66  ? 0.252   -15.001 5.138   1.00 11.16 ? 66  LEU A C   1 
ATOM   506  O O   . LEU A 1 66  ? -0.152  -16.027 5.705   1.00 11.57 ? 66  LEU A O   1 
ATOM   507  C CB  . LEU A 1 66  ? 2.007   -13.897 6.531   1.00 12.51 ? 66  LEU A CB  1 
ATOM   508  C CG  . LEU A 1 66  ? 2.591   -12.653 7.204   1.00 12.09 ? 66  LEU A CG  1 
ATOM   509  C CD1 . LEU A 1 66  ? 3.959   -13.026 7.806   1.00 15.56 ? 66  LEU A CD1 1 
ATOM   510  C CD2 . LEU A 1 66  ? 2.703   -11.520 6.186   1.00 13.48 ? 66  LEU A CD2 1 
ATOM   511  N N   . GLY A 1 67  ? 0.338   -14.871 3.815   1.00 11.64 ? 67  GLY A N   1 
ATOM   512  C CA  . GLY A 1 67  ? 0.189   -16.003 2.907   1.00 11.88 ? 67  GLY A CA  1 
ATOM   513  C C   . GLY A 1 67  ? -1.215  -16.561 2.785   1.00 13.14 ? 67  GLY A C   1 
ATOM   514  O O   . GLY A 1 67  ? -1.384  -17.661 2.247   1.00 14.47 ? 67  GLY A O   1 
ATOM   515  N N   . VAL A 1 68  ? -2.220  -15.831 3.285   1.00 11.63 ? 68  VAL A N   1 
ATOM   516  C CA  . VAL A 1 68  ? -3.611  -16.255 3.107   1.00 11.71 ? 68  VAL A CA  1 
ATOM   517  C C   . VAL A 1 68  ? -4.386  -15.228 2.295   1.00 11.86 ? 68  VAL A C   1 
ATOM   518  O O   . VAL A 1 68  ? -4.508  -14.075 2.705   1.00 10.90 ? 68  VAL A O   1 
ATOM   519  C CB  . VAL A 1 68  ? -4.332  -16.475 4.467   1.00 12.14 ? 68  VAL A CB  1 
ATOM   520  C CG1 . VAL A 1 68  ? -5.773  -16.899 4.248   1.00 13.10 ? 68  VAL A CG1 1 
ATOM   521  C CG2 . VAL A 1 68  ? -3.571  -17.518 5.304   1.00 12.10 ? 68  VAL A CG2 1 
ATOM   522  N N   . GLU A 1 69  ? -4.905  -15.652 1.147   1.00 11.54 ? 69  GLU A N   1 
ATOM   523  C CA  . GLU A 1 69  ? -5.627  -14.751 0.251   1.00 12.56 ? 69  GLU A CA  1 
ATOM   524  C C   . GLU A 1 69  ? -6.833  -14.126 0.947   1.00 12.40 ? 69  GLU A C   1 
ATOM   525  O O   . GLU A 1 69  ? -7.534  -14.803 1.717   1.00 12.36 ? 69  GLU A O   1 
ATOM   526  C CB  . GLU A 1 69  ? -6.085  -15.530 -0.989  1.00 13.45 ? 69  GLU A CB  1 
ATOM   527  C CG  . GLU A 1 69  ? -6.716  -14.693 -2.083  1.00 17.33 ? 69  GLU A CG  1 
ATOM   528  C CD  . GLU A 1 69  ? -7.139  -15.565 -3.257  1.00 22.12 ? 69  GLU A CD  1 
ATOM   529  O OE1 . GLU A 1 69  ? -7.835  -16.583 -3.039  1.00 24.53 ? 69  GLU A OE1 1 
ATOM   530  O OE2 . GLU A 1 69  ? -6.749  -15.241 -4.392  1.00 27.96 ? 69  GLU A OE2 1 
ATOM   531  N N   . PHE A 1 70  ? -7.060  -12.837 0.685   1.00 12.21 ? 70  PHE A N   1 
ATOM   532  C CA  . PHE A 1 70  ? -8.236  -12.132 1.241   1.00 12.50 ? 70  PHE A CA  1 
ATOM   533  C C   . PHE A 1 70  ? -8.831  -11.159 0.227   1.00 13.20 ? 70  PHE A C   1 
ATOM   534  O O   . PHE A 1 70  ? -8.147  -10.723 -0.693  1.00 13.02 ? 70  PHE A O   1 
ATOM   535  C CB  . PHE A 1 70  ? -7.916  -11.434 2.565   1.00 12.54 ? 70  PHE A CB  1 
ATOM   536  C CG  . PHE A 1 70  ? -6.884  -10.320 2.450   1.00 12.64 ? 70  PHE A CG  1 
ATOM   537  C CD1 . PHE A 1 70  ? -5.514  -10.613 2.404   1.00 11.24 ? 70  PHE A CD1 1 
ATOM   538  C CD2 . PHE A 1 70  ? -7.292  -8.978  2.407   1.00 13.86 ? 70  PHE A CD2 1 
ATOM   539  C CE1 . PHE A 1 70  ? -4.557  -9.577  2.298   1.00 12.26 ? 70  PHE A CE1 1 
ATOM   540  C CE2 . PHE A 1 70  ? -6.340  -7.933  2.317   1.00 14.01 ? 70  PHE A CE2 1 
ATOM   541  C CZ  . PHE A 1 70  ? -4.980  -8.236  2.269   1.00 12.66 ? 70  PHE A CZ  1 
ATOM   542  N N   . ASP A 1 71  ? -10.119 -10.861 0.400   1.00 13.00 ? 71  ASP A N   1 
ATOM   543  C CA  . ASP A 1 71  ? -10.817 -9.901  -0.445  1.00 13.38 ? 71  ASP A CA  1 
ATOM   544  C C   . ASP A 1 71  ? -10.606 -8.493  0.105   1.00 13.19 ? 71  ASP A C   1 
ATOM   545  O O   . ASP A 1 71  ? -10.658 -8.274  1.325   1.00 13.25 ? 71  ASP A O   1 
ATOM   546  C CB  . ASP A 1 71  ? -12.311 -10.210 -0.459  1.00 14.20 ? 71  ASP A CB  1 
ATOM   547  C CG  . ASP A 1 71  ? -12.607 -11.599 -0.985  1.00 17.10 ? 71  ASP A CG  1 
ATOM   548  O OD1 . ASP A 1 71  ? -12.227 -11.871 -2.132  1.00 19.88 ? 71  ASP A OD1 1 
ATOM   549  O OD2 . ASP A 1 71  ? -13.207 -12.410 -0.252  1.00 20.92 ? 71  ASP A OD2 1 
ATOM   550  N N   . GLU A 1 72  ? -10.388 -7.546  -0.803  1.00 13.52 ? 72  GLU A N   1 
ATOM   551  C CA  . GLU A 1 72  ? -10.078 -6.178  -0.410  1.00 13.17 ? 72  GLU A CA  1 
ATOM   552  C C   . GLU A 1 72  ? -10.785 -5.206  -1.350  1.00 12.78 ? 72  GLU A C   1 
ATOM   553  O O   . GLU A 1 72  ? -10.826 -5.435  -2.558  1.00 12.82 ? 72  GLU A O   1 
ATOM   554  C CB  . GLU A 1 72  ? -8.556  -5.954  -0.477  1.00 13.09 ? 72  GLU A CB  1 
ATOM   555  C CG  . GLU A 1 72  ? -8.122  -4.498  -0.229  1.00 15.12 ? 72  GLU A CG  1 
ATOM   556  C CD  . GLU A 1 72  ? -6.637  -4.231  -0.452  1.00 15.74 ? 72  GLU A CD  1 
ATOM   557  O OE1 . GLU A 1 72  ? -5.897  -5.130  -0.885  1.00 16.37 ? 72  GLU A OE1 1 
ATOM   558  O OE2 . GLU A 1 72  ? -6.214  -3.080  -0.221  1.00 17.91 ? 72  GLU A OE2 1 
ATOM   559  N N   . ILE A 1 73  ? -11.345 -4.139  -0.780  1.00 11.63 ? 73  ILE A N   1 
ATOM   560  C CA  . ILE A 1 73  ? -11.749 -2.987  -1.576  1.00 12.36 ? 73  ILE A CA  1 
ATOM   561  C C   . ILE A 1 73  ? -10.663 -1.926  -1.424  1.00 12.14 ? 73  ILE A C   1 
ATOM   562  O O   . ILE A 1 73  ? -10.396 -1.436  -0.317  1.00 11.79 ? 73  ILE A O   1 
ATOM   563  C CB  . ILE A 1 73  ? -13.105 -2.371  -1.117  1.00 13.61 ? 73  ILE A CB  1 
ATOM   564  C CG1 . ILE A 1 73  ? -14.257 -3.381  -1.231  1.00 14.92 ? 73  ILE A CG1 1 
ATOM   565  C CG2 . ILE A 1 73  ? -13.372 -1.114  -1.935  1.00 14.32 ? 73  ILE A CG2 1 
ATOM   566  C CD1 . ILE A 1 73  ? -14.468 -3.971  -2.609  1.00 16.27 ? 73  ILE A CD1 1 
ATOM   567  N N   . THR A 1 74  ? -10.031 -1.566  -2.535  1.00 11.93 ? 74  THR A N   1 
ATOM   568  C CA  . THR A 1 74  ? -8.874  -0.676  -2.478  1.00 12.69 ? 74  THR A CA  1 
ATOM   569  C C   . THR A 1 74  ? -9.314  0.792   -2.318  1.00 13.45 ? 74  THR A C   1 
ATOM   570  O O   . THR A 1 74  ? -10.503 1.096   -2.440  1.00 13.71 ? 74  THR A O   1 
ATOM   571  C CB  . THR A 1 74  ? -8.006  -0.808  -3.741  1.00 12.41 ? 74  THR A CB  1 
ATOM   572  O OG1 . THR A 1 74  ? -8.760  -0.354  -4.871  1.00 12.27 ? 74  THR A OG1 1 
ATOM   573  C CG2 . THR A 1 74  ? -7.573  -2.280  -3.962  1.00 12.92 ? 74  THR A CG2 1 
ATOM   574  N N   . ALA A 1 75  ? -8.352  1.679   -2.056  1.00 14.11 ? 75  ALA A N   1 
ATOM   575  C CA  . ALA A 1 75  ? -8.654  3.107   -1.887  1.00 14.64 ? 75  ALA A CA  1 
ATOM   576  C C   . ALA A 1 75  ? -9.324  3.695   -3.134  1.00 14.98 ? 75  ALA A C   1 
ATOM   577  O O   . ALA A 1 75  ? -10.190 4.594   -3.018  1.00 15.63 ? 75  ALA A O   1 
ATOM   578  C CB  . ALA A 1 75  ? -7.397  3.885   -1.521  1.00 14.91 ? 75  ALA A CB  1 
ATOM   579  N N   . ASP A 1 76  ? -8.927  3.191   -4.310  1.00 14.69 ? 76  ASP A N   1 
ATOM   580  C CA  . ASP A 1 76  ? -9.501  3.626   -5.606  1.00 15.29 ? 76  ASP A CA  1 
ATOM   581  C C   . ASP A 1 76  ? -10.740 2.815   -6.018  1.00 16.00 ? 76  ASP A C   1 
ATOM   582  O O   . ASP A 1 76  ? -11.191 2.886   -7.165  1.00 16.36 ? 76  ASP A O   1 
ATOM   583  C CB  . ASP A 1 76  ? -8.441  3.640   -6.735  1.00 15.17 ? 76  ASP A CB  1 
ATOM   584  C CG  . ASP A 1 76  ? -7.800  2.285   -6.964  1.00 15.17 ? 76  ASP A CG  1 
ATOM   585  O OD1 . ASP A 1 76  ? -7.343  1.671   -5.962  1.00 15.42 ? 76  ASP A OD1 1 
ATOM   586  O OD2 . ASP A 1 76  ? -7.724  1.831   -8.137  1.00 15.33 ? 76  ASP A OD2 1 
ATOM   587  N N   . ASP A 1 77  ? -11.256 2.029   -5.070  1.00 15.77 ? 77  ASP A N   1 
ATOM   588  C CA  A ASP A 1 77  ? -12.522 1.312   -5.238  0.50 16.14 ? 77  ASP A CA  1 
ATOM   589  C CA  B ASP A 1 77  ? -12.516 1.290   -5.213  0.50 16.42 ? 77  ASP A CA  1 
ATOM   590  C C   . ASP A 1 77  ? -12.479 0.134   -6.222  1.00 16.25 ? 77  ASP A C   1 
ATOM   591  O O   . ASP A 1 77  ? -13.483 -0.175  -6.877  1.00 17.92 ? 77  ASP A O   1 
ATOM   592  C CB  A ASP A 1 77  ? -13.652 2.293   -5.620  0.50 16.27 ? 77  ASP A CB  1 
ATOM   593  C CB  B ASP A 1 77  ? -13.707 2.244   -5.474  0.50 16.96 ? 77  ASP A CB  1 
ATOM   594  C CG  A ASP A 1 77  ? -15.029 1.724   -5.367  0.50 17.21 ? 77  ASP A CG  1 
ATOM   595  C CG  B ASP A 1 77  ? -14.178 2.956   -4.205  0.50 18.67 ? 77  ASP A CG  1 
ATOM   596  O OD1 A ASP A 1 77  ? -15.220 1.030   -4.338  0.50 17.19 ? 77  ASP A OD1 1 
ATOM   597  O OD1 B ASP A 1 77  ? -14.393 2.283   -3.174  0.50 21.44 ? 77  ASP A OD1 1 
ATOM   598  O OD2 A ASP A 1 77  ? -15.921 1.972   -6.207  0.50 18.99 ? 77  ASP A OD2 1 
ATOM   599  O OD2 B ASP A 1 77  ? -14.359 4.193   -4.243  0.50 22.40 ? 77  ASP A OD2 1 
ATOM   600  N N   . ARG A 1 78  ? -11.326 -0.521  -6.338  1.00 14.58 ? 78  ARG A N   1 
ATOM   601  C CA  . ARG A 1 78  ? -11.272 -1.814  -7.027  1.00 14.11 ? 78  ARG A CA  1 
ATOM   602  C C   . ARG A 1 78  ? -11.597 -2.906  -6.008  1.00 14.04 ? 78  ARG A C   1 
ATOM   603  O O   . ARG A 1 78  ? -11.169 -2.820  -4.855  1.00 14.11 ? 78  ARG A O   1 
ATOM   604  C CB  . ARG A 1 78  ? -9.869  -2.089  -7.582  1.00 13.91 ? 78  ARG A CB  1 
ATOM   605  C CG  . ARG A 1 78  ? -9.490  -1.318  -8.847  1.00 13.70 ? 78  ARG A CG  1 
ATOM   606  C CD  . ARG A 1 78  ? -8.017  -1.505  -9.183  1.00 12.16 ? 78  ARG A CD  1 
ATOM   607  N NE  . ARG A 1 78  ? -7.187  -0.830  -8.183  1.00 12.84 ? 78  ARG A NE  1 
ATOM   608  C CZ  . ARG A 1 78  ? -6.164  -1.357  -7.512  1.00 13.38 ? 78  ARG A CZ  1 
ATOM   609  N NH1 . ARG A 1 78  ? -5.726  -2.590  -7.751  1.00 14.64 ? 78  ARG A NH1 1 
ATOM   610  N NH2 . ARG A 1 78  ? -5.555  -0.605  -6.596  1.00 13.87 ? 78  ARG A NH2 1 
ATOM   611  N N   . LYS A 1 79  ? -12.324 -3.935  -6.428  1.00 14.15 ? 79  LYS A N   1 
ATOM   612  C CA  . LYS A 1 79  ? -12.472 -5.143  -5.612  1.00 14.02 ? 79  LYS A CA  1 
ATOM   613  C C   . LYS A 1 79  ? -11.419 -6.145  -6.075  1.00 13.87 ? 79  LYS A C   1 
ATOM   614  O O   . LYS A 1 79  ? -11.454 -6.641  -7.209  1.00 14.98 ? 79  LYS A O   1 
ATOM   615  C CB  . LYS A 1 79  ? -13.882 -5.742  -5.725  1.00 14.39 ? 79  LYS A CB  1 
ATOM   616  C CG  . LYS A 1 79  ? -14.053 -7.014  -4.878  1.00 14.79 ? 79  LYS A CG  1 
ATOM   617  C CD  . LYS A 1 79  ? -15.509 -7.449  -4.765  1.00 18.41 ? 79  LYS A CD  1 
ATOM   618  C CE  . LYS A 1 79  ? -16.073 -7.865  -6.089  1.00 20.99 ? 79  LYS A CE  1 
ATOM   619  N NZ  . LYS A 1 79  ? -17.518 -8.267  -5.966  1.00 23.03 ? 79  LYS A NZ  1 
ATOM   620  N N   . VAL A 1 80  ? -10.469 -6.435  -5.201  1.00 13.24 ? 80  VAL A N   1 
ATOM   621  C CA  . VAL A 1 80  ? -9.349  -7.293  -5.578  1.00 12.93 ? 80  VAL A CA  1 
ATOM   622  C C   . VAL A 1 80  ? -9.197  -8.497  -4.639  1.00 12.48 ? 80  VAL A C   1 
ATOM   623  O O   . VAL A 1 80  ? -9.762  -8.510  -3.530  1.00 12.82 ? 80  VAL A O   1 
ATOM   624  C CB  . VAL A 1 80  ? -8.022  -6.499  -5.593  1.00 12.47 ? 80  VAL A CB  1 
ATOM   625  C CG1 . VAL A 1 80  ? -8.130  -5.210  -6.457  1.00 13.67 ? 80  VAL A CG1 1 
ATOM   626  C CG2 . VAL A 1 80  ? -7.579  -6.169  -4.152  1.00 12.83 ? 80  VAL A CG2 1 
ATOM   627  N N   . LYS A 1 81  ? -8.443  -9.498  -5.097  1.00 12.60 ? 81  LYS A N   1 
ATOM   628  C CA  . LYS A 1 81  ? -7.937  -10.572 -4.233  1.00 12.70 ? 81  LYS A CA  1 
ATOM   629  C C   . LYS A 1 81  ? -6.491  -10.243 -3.906  1.00 12.65 ? 81  LYS A C   1 
ATOM   630  O O   . LYS A 1 81  ? -5.671  -10.050 -4.822  1.00 12.08 ? 81  LYS A O   1 
ATOM   631  C CB  . LYS A 1 81  ? -8.007  -11.932 -4.944  1.00 14.02 ? 81  LYS A CB  1 
ATOM   632  C CG  . LYS A 1 81  ? -9.418  -12.374 -5.286  1.00 17.54 ? 81  LYS A CG  1 
ATOM   633  C CD  . LYS A 1 81  ? -10.011 -13.149 -4.156  1.00 24.19 ? 81  LYS A CD  1 
ATOM   634  C CE  . LYS A 1 81  ? -11.274 -13.888 -4.603  1.00 26.80 ? 81  LYS A CE  1 
ATOM   635  N NZ  . LYS A 1 81  ? -12.051 -14.286 -3.397  1.00 26.52 ? 81  LYS A NZ  1 
ATOM   636  N N   . SER A 1 82  ? -6.175  -10.184 -2.614  1.00 12.12 ? 82  SER A N   1 
ATOM   637  C CA  . SER A 1 82  ? -4.831  -9.821  -2.178  1.00 12.43 ? 82  SER A CA  1 
ATOM   638  C C   . SER A 1 82  ? -4.161  -10.971 -1.445  1.00 11.95 ? 82  SER A C   1 
ATOM   639  O O   . SER A 1 82  ? -4.822  -11.714 -0.729  1.00 11.25 ? 82  SER A O   1 
ATOM   640  C CB  . SER A 1 82  ? -4.875  -8.609  -1.242  1.00 13.43 ? 82  SER A CB  1 
ATOM   641  O OG  . SER A 1 82  ? -5.075  -7.425  -1.992  1.00 17.11 ? 82  SER A OG  1 
ATOM   642  N N   . ILE A 1 83  ? -2.849  -11.094 -1.629  1.00 12.18 ? 83  ILE A N   1 
ATOM   643  C CA  . ILE A 1 83  ? -2.045  -12.025 -0.847  1.00 11.89 ? 83  ILE A CA  1 
ATOM   644  C C   . ILE A 1 83  ? -0.790  -11.267 -0.448  1.00 11.50 ? 83  ILE A C   1 
ATOM   645  O O   . ILE A 1 83  ? -0.137  -10.654 -1.291  1.00 11.65 ? 83  ILE A O   1 
ATOM   646  C CB  . ILE A 1 83  ? -1.642  -13.288 -1.647  1.00 13.05 ? 83  ILE A CB  1 
ATOM   647  C CG1 . ILE A 1 83  ? -2.868  -14.046 -2.148  1.00 15.10 ? 83  ILE A CG1 1 
ATOM   648  C CG2 . ILE A 1 83  ? -0.797  -14.213 -0.776  1.00 13.47 ? 83  ILE A CG2 1 
ATOM   649  C CD1 . ILE A 1 83  ? -2.493  -15.169 -3.105  1.00 18.32 ? 83  ILE A CD1 1 
ATOM   650  N N   . ILE A 1 84  ? -0.463  -11.322 0.834   1.00 11.11 ? 84  ILE A N   1 
ATOM   651  C CA  . ILE A 1 84  ? 0.690   -10.615 1.363   1.00 11.14 ? 84  ILE A CA  1 
ATOM   652  C C   . ILE A 1 84  ? 1.657   -11.610 1.976   1.00 11.66 ? 84  ILE A C   1 
ATOM   653  O O   . ILE A 1 84  ? 1.262   -12.450 2.778   1.00 11.84 ? 84  ILE A O   1 
ATOM   654  C CB  . ILE A 1 84  ? 0.270   -9.536  2.388   1.00 11.38 ? 84  ILE A CB  1 
ATOM   655  C CG1 . ILE A 1 84  ? -0.663  -8.536  1.689   1.00 12.20 ? 84  ILE A CG1 1 
ATOM   656  C CG2 . ILE A 1 84  ? 1.512   -8.820  2.936   1.00 12.02 ? 84  ILE A CG2 1 
ATOM   657  C CD1 . ILE A 1 84  ? -1.138  -7.371  2.533   1.00 13.08 ? 84  ILE A CD1 1 
ATOM   658  N N   . THR A 1 85  ? 2.919   -11.497 1.587   1.00 11.91 ? 85  THR A N   1 
ATOM   659  C CA  . THR A 1 85  ? 3.952   -12.412 2.053   1.00 12.82 ? 85  THR A CA  1 
ATOM   660  C C   . THR A 1 85  ? 5.151   -11.647 2.625   1.00 13.83 ? 85  THR A C   1 
ATOM   661  O O   . THR A 1 85  ? 5.320   -10.445 2.379   1.00 13.13 ? 85  THR A O   1 
ATOM   662  C CB  . THR A 1 85  ? 4.433   -13.318 0.916   1.00 12.42 ? 85  THR A CB  1 
ATOM   663  O OG1 . THR A 1 85  ? 5.002   -12.505 -0.122  1.00 13.88 ? 85  THR A OG1 1 
ATOM   664  C CG2 . THR A 1 85  ? 3.266   -14.157 0.333   1.00 12.54 ? 85  THR A CG2 1 
ATOM   665  N N   . LEU A 1 86  ? 5.970   -12.353 3.401   1.00 14.29 ? 86  LEU A N   1 
ATOM   666  C CA  . LEU A 1 86  ? 7.210   -11.801 3.939   1.00 16.37 ? 86  LEU A CA  1 
ATOM   667  C C   . LEU A 1 86  ? 8.336   -12.453 3.130   1.00 17.87 ? 86  LEU A C   1 
ATOM   668  O O   . LEU A 1 86  ? 8.583   -13.645 3.262   1.00 17.10 ? 86  LEU A O   1 
ATOM   669  C CB  . LEU A 1 86  ? 7.308   -12.101 5.439   1.00 16.52 ? 86  LEU A CB  1 
ATOM   670  C CG  . LEU A 1 86  ? 8.446   -11.498 6.267   1.00 19.28 ? 86  LEU A CG  1 
ATOM   671  C CD1 . LEU A 1 86  ? 8.400   -9.972  6.217   1.00 19.56 ? 86  LEU A CD1 1 
ATOM   672  C CD2 . LEU A 1 86  ? 8.324   -12.003 7.704   1.00 21.39 ? 86  LEU A CD2 1 
ATOM   673  N N   . ASP A 1 87  ? 8.992   -11.646 2.294   1.00 20.00 ? 87  ASP A N   1 
ATOM   674  C CA  . ASP A 1 87  ? 9.823   -12.084 1.152   1.00 22.94 ? 87  ASP A CA  1 
ATOM   675  C C   . ASP A 1 87  ? 11.055  -11.172 1.192   1.00 24.67 ? 87  ASP A C   1 
ATOM   676  O O   . ASP A 1 87  ? 10.976  -9.987  0.849   1.00 24.96 ? 87  ASP A O   1 
ATOM   677  C CB  . ASP A 1 87  ? 8.989   -11.921 -0.146  1.00 24.16 ? 87  ASP A CB  1 
ATOM   678  C CG  . ASP A 1 87  ? 9.720   -12.331 -1.441  1.00 26.94 ? 87  ASP A CG  1 
ATOM   679  O OD1 . ASP A 1 87  ? 10.888  -12.791 -1.413  1.00 29.66 ? 87  ASP A OD1 1 
ATOM   680  O OD2 . ASP A 1 87  ? 9.075   -12.200 -2.520  1.00 29.56 ? 87  ASP A OD2 1 
ATOM   681  N N   . GLY A 1 88  ? 12.171  -11.717 1.676   1.00 25.81 ? 88  GLY A N   1 
ATOM   682  C CA  . GLY A 1 88  ? 13.431  -10.965 1.790   1.00 26.48 ? 88  GLY A CA  1 
ATOM   683  C C   . GLY A 1 88  ? 13.384  -9.883  2.861   1.00 26.39 ? 88  GLY A C   1 
ATOM   684  O O   . GLY A 1 88  ? 14.075  -8.863  2.760   1.00 27.71 ? 88  GLY A O   1 
ATOM   685  N N   . GLY A 1 89  ? 12.558  -10.095 3.886   1.00 25.57 ? 89  GLY A N   1 
ATOM   686  C CA  . GLY A 1 89  ? 12.351  -9.103  4.933   1.00 24.18 ? 89  GLY A CA  1 
ATOM   687  C C   . GLY A 1 89  ? 11.404  -7.976  4.532   1.00 22.41 ? 89  GLY A C   1 
ATOM   688  O O   . GLY A 1 89  ? 11.141  -7.079  5.337   1.00 23.40 ? 89  GLY A O   1 
ATOM   689  N N   . ALA A 1 90  ? 10.901  -8.010  3.297   1.00 20.23 ? 90  ALA A N   1 
ATOM   690  C CA  . ALA A 1 90  ? 9.908   -7.024  2.828   1.00 18.74 ? 90  ALA A CA  1 
ATOM   691  C C   . ALA A 1 90  ? 8.510   -7.628  2.904   1.00 17.21 ? 90  ALA A C   1 
ATOM   692  O O   . ALA A 1 90  ? 8.361   -8.829  2.731   1.00 16.68 ? 90  ALA A O   1 
ATOM   693  C CB  . ALA A 1 90  ? 10.206  -6.606  1.411   1.00 19.11 ? 90  ALA A CB  1 
ATOM   694  N N   . LEU A 1 91  ? 7.489   -6.808  3.149   1.00 15.16 ? 91  LEU A N   1 
ATOM   695  C CA  . LEU A 1 91  ? 6.094   -7.273  3.012   1.00 15.00 ? 91  LEU A CA  1 
ATOM   696  C C   . LEU A 1 91  ? 5.683   -7.032  1.580   1.00 14.42 ? 91  LEU A C   1 
ATOM   697  O O   . LEU A 1 91  ? 5.687   -5.883  1.120   1.00 14.19 ? 91  LEU A O   1 
ATOM   698  C CB  . LEU A 1 91  ? 5.137   -6.527  3.947   1.00 15.26 ? 91  LEU A CB  1 
ATOM   699  C CG  . LEU A 1 91  ? 5.138   -6.844  5.429   1.00 17.12 ? 91  LEU A CG  1 
ATOM   700  C CD1 . LEU A 1 91  ? 4.302   -5.800  6.175   1.00 18.23 ? 91  LEU A CD1 1 
ATOM   701  C CD2 . LEU A 1 91  ? 4.605   -8.274  5.657   1.00 16.56 ? 91  LEU A CD2 1 
ATOM   702  N N   . VAL A 1 92  ? 5.341   -8.108  0.870   1.00 12.70 ? 92  VAL A N   1 
ATOM   703  C CA  . VAL A 1 92  ? 5.006   -8.006  -0.549  1.00 12.78 ? 92  VAL A CA  1 
ATOM   704  C C   . VAL A 1 92  ? 3.545   -8.330  -0.746  1.00 12.59 ? 92  VAL A C   1 
ATOM   705  O O   . VAL A 1 92  ? 3.112   -9.441  -0.435  1.00 12.81 ? 92  VAL A O   1 
ATOM   706  C CB  . VAL A 1 92  ? 5.881   -8.952  -1.415  1.00 12.71 ? 92  VAL A CB  1 
ATOM   707  C CG1 . VAL A 1 92  ? 5.485   -8.875  -2.891  1.00 14.13 ? 92  VAL A CG1 1 
ATOM   708  C CG2 . VAL A 1 92  ? 7.364   -8.608  -1.236  1.00 14.52 ? 92  VAL A CG2 1 
ATOM   709  N N   . GLN A 1 93  ? 2.791   -7.361  -1.260  1.00 11.79 ? 93  GLN A N   1 
ATOM   710  C CA  . GLN A 1 93  ? 1.365   -7.553  -1.520  1.00 11.76 ? 93  GLN A CA  1 
ATOM   711  C C   . GLN A 1 93  ? 1.108   -7.636  -3.023  1.00 12.01 ? 93  GLN A C   1 
ATOM   712  O O   . GLN A 1 93  ? 1.524   -6.751  -3.770  1.00 12.82 ? 93  GLN A O   1 
ATOM   713  C CB  . GLN A 1 93  ? 0.586   -6.373  -0.937  1.00 11.43 ? 93  GLN A CB  1 
ATOM   714  C CG  . GLN A 1 93  ? -0.895  -6.362  -1.272  1.00 12.24 ? 93  GLN A CG  1 
ATOM   715  C CD  . GLN A 1 93  ? -1.631  -5.232  -0.587  1.00 12.45 ? 93  GLN A CD  1 
ATOM   716  O OE1 . GLN A 1 93  ? -1.017  -4.288  -0.088  1.00 16.34 ? 93  GLN A OE1 1 
ATOM   717  N NE2 . GLN A 1 93  ? -2.955  -5.327  -0.552  1.00 13.63 ? 93  GLN A NE2 1 
ATOM   718  N N   . VAL A 1 94  ? 0.414   -8.686  -3.450  1.00 12.08 ? 94  VAL A N   1 
ATOM   719  C CA  . VAL A 1 94  ? -0.045  -8.785  -4.838  1.00 12.36 ? 94  VAL A CA  1 
ATOM   720  C C   . VAL A 1 94  ? -1.571  -8.675  -4.876  1.00 12.99 ? 94  VAL A C   1 
ATOM   721  O O   . VAL A 1 94  ? -2.265  -9.398  -4.150  1.00 13.52 ? 94  VAL A O   1 
ATOM   722  C CB  . VAL A 1 94  ? 0.438   -10.091 -5.532  1.00 13.43 ? 94  VAL A CB  1 
ATOM   723  C CG1 . VAL A 1 94  ? -0.057  -10.105 -7.004  1.00 13.92 ? 94  VAL A CG1 1 
ATOM   724  C CG2 . VAL A 1 94  ? 1.946   -10.180 -5.485  1.00 14.50 ? 94  VAL A CG2 1 
ATOM   725  N N   . GLN A 1 95  ? -2.081  -7.736  -5.678  1.00 12.75 ? 95  GLN A N   1 
ATOM   726  C CA  . GLN A 1 95  ? -3.529  -7.555  -5.856  1.00 13.29 ? 95  GLN A CA  1 
ATOM   727  C C   . GLN A 1 95  ? -3.905  -8.040  -7.240  1.00 13.96 ? 95  GLN A C   1 
ATOM   728  O O   . GLN A 1 95  ? -3.285  -7.632  -8.222  1.00 13.99 ? 95  GLN A O   1 
ATOM   729  C CB  . GLN A 1 95  ? -3.932  -6.083  -5.744  1.00 13.61 ? 95  GLN A CB  1 
ATOM   730  C CG  . GLN A 1 95  ? -3.592  -5.416  -4.408  1.00 12.37 ? 95  GLN A CG  1 
ATOM   731  C CD  . GLN A 1 95  ? -3.976  -3.945  -4.386  1.00 12.24 ? 95  GLN A CD  1 
ATOM   732  O OE1 . GLN A 1 95  ? -3.940  -3.273  -5.411  1.00 13.00 ? 95  GLN A OE1 1 
ATOM   733  N NE2 . GLN A 1 95  ? -4.335  -3.439  -3.211  1.00 12.89 ? 95  GLN A NE2 1 
ATOM   734  N N   . LYS A 1 96  ? -4.916  -8.897  -7.310  1.00 14.09 ? 96  LYS A N   1 
ATOM   735  C CA  . LYS A 1 96  ? -5.387  -9.411  -8.600  1.00 14.98 ? 96  LYS A CA  1 
ATOM   736  C C   . LYS A 1 96  ? -6.856  -9.112  -8.795  1.00 15.16 ? 96  LYS A C   1 
ATOM   737  O O   . LYS A 1 96  ? -7.667  -9.286  -7.867  1.00 14.33 ? 96  LYS A O   1 
ATOM   738  C CB  . LYS A 1 96  ? -5.154  -10.920 -8.713  1.00 15.67 ? 96  LYS A CB  1 
ATOM   739  C CG  . LYS A 1 96  ? -3.691  -11.282 -8.851  1.00 18.60 ? 96  LYS A CG  1 
ATOM   740  C CD  . LYS A 1 96  ? -3.502  -12.773 -8.987  1.00 24.86 ? 96  LYS A CD  1 
ATOM   741  C CE  . LYS A 1 96  ? -2.016  -13.084 -9.164  1.00 28.07 ? 96  LYS A CE  1 
ATOM   742  N NZ  . LYS A 1 96  ? -1.807  -14.553 -9.343  1.00 30.98 ? 96  LYS A NZ  1 
ATOM   743  N N   . TRP A 1 97  ? -7.192  -8.647  -9.998  1.00 15.41 ? 97  TRP A N   1 
ATOM   744  C CA  . TRP A 1 97  ? -8.578  -8.311  -10.330 1.00 16.47 ? 97  TRP A CA  1 
ATOM   745  C C   . TRP A 1 97  ? -8.694  -8.219  -11.850 1.00 18.42 ? 97  TRP A C   1 
ATOM   746  O O   . TRP A 1 97  ? -7.776  -7.733  -12.515 1.00 17.88 ? 97  TRP A O   1 
ATOM   747  C CB  . TRP A 1 97  ? -9.006  -6.989  -9.662  1.00 16.45 ? 97  TRP A CB  1 
ATOM   748  C CG  . TRP A 1 97  ? -8.523  -5.759  -10.399 1.00 16.22 ? 97  TRP A CG  1 
ATOM   749  C CD1 . TRP A 1 97  ? -9.279  -4.912  -11.164 1.00 16.64 ? 97  TRP A CD1 1 
ATOM   750  C CD2 . TRP A 1 97  ? -7.179  -5.259  -10.459 1.00 15.07 ? 97  TRP A CD2 1 
ATOM   751  N NE1 . TRP A 1 97  ? -8.492  -3.917  -11.694 1.00 17.43 ? 97  TRP A NE1 1 
ATOM   752  C CE2 . TRP A 1 97  ? -7.198  -4.112  -11.287 1.00 15.92 ? 97  TRP A CE2 1 
ATOM   753  C CE3 . TRP A 1 97  ? -5.956  -5.673  -9.900  1.00 15.34 ? 97  TRP A CE3 1 
ATOM   754  C CZ2 . TRP A 1 97  ? -6.044  -3.367  -11.569 1.00 16.34 ? 97  TRP A CZ2 1 
ATOM   755  C CZ3 . TRP A 1 97  ? -4.802  -4.922  -10.182 1.00 15.52 ? 97  TRP A CZ3 1 
ATOM   756  C CH2 . TRP A 1 97  ? -4.859  -3.793  -11.014 1.00 15.69 ? 97  TRP A CH2 1 
ATOM   757  N N   . ASP A 1 98  ? -9.819  -8.694  -12.381 1.00 19.98 ? 98  ASP A N   1 
ATOM   758  C CA  . ASP A 1 98  ? -10.125 -8.568  -13.813 1.00 21.91 ? 98  ASP A CA  1 
ATOM   759  C C   . ASP A 1 98  ? -8.973  -9.013  -14.713 1.00 21.99 ? 98  ASP A C   1 
ATOM   760  O O   . ASP A 1 98  ? -8.705  -8.377  -15.749 1.00 23.08 ? 98  ASP A O   1 
ATOM   761  C CB  . ASP A 1 98  ? -10.507 -7.121  -14.146 1.00 22.71 ? 98  ASP A CB  1 
ATOM   762  C CG  . ASP A 1 98  ? -11.799 -6.681  -13.478 1.00 25.92 ? 98  ASP A CG  1 
ATOM   763  O OD1 . ASP A 1 98  ? -12.565 -7.544  -12.998 1.00 30.79 ? 98  ASP A OD1 1 
ATOM   764  O OD2 . ASP A 1 98  ? -12.052 -5.459  -13.425 1.00 29.88 ? 98  ASP A OD2 1 
ATOM   765  N N   . GLY A 1 99  ? -8.295  -10.083 -14.300 1.00 21.97 ? 99  GLY A N   1 
ATOM   766  C CA  . GLY A 1 99  ? -7.155  -10.646 -15.022 1.00 21.51 ? 99  GLY A CA  1 
ATOM   767  C C   . GLY A 1 99  ? -5.890  -9.799  -15.009 1.00 21.31 ? 99  GLY A C   1 
ATOM   768  O O   . GLY A 1 99  ? -4.948  -10.070 -15.761 1.00 21.98 ? 99  GLY A O   1 
ATOM   769  N N   . LYS A 1 100 ? -5.868  -8.778  -14.156 1.00 19.58 ? 100 LYS A N   1 
ATOM   770  C CA  . LYS A 1 100 ? -4.723  -7.885  -14.016 1.00 18.86 ? 100 LYS A CA  1 
ATOM   771  C C   . LYS A 1 100 ? -4.076  -8.102  -12.651 1.00 18.02 ? 100 LYS A C   1 
ATOM   772  O O   . LYS A 1 100 ? -4.660  -8.746  -11.777 1.00 17.00 ? 100 LYS A O   1 
ATOM   773  C CB  . LYS A 1 100 ? -5.179  -6.428  -14.146 1.00 19.15 ? 100 LYS A CB  1 
ATOM   774  C CG  . LYS A 1 100 ? -5.854  -6.111  -15.493 1.00 21.11 ? 100 LYS A CG  1 
ATOM   775  C CD  . LYS A 1 100 ? -6.377  -4.697  -15.531 1.00 25.31 ? 100 LYS A CD  1 
ATOM   776  C CE  . LYS A 1 100 ? -7.890  -4.658  -15.362 1.00 29.06 ? 100 LYS A CE  1 
ATOM   777  N NZ  . LYS A 1 100 ? -8.432  -3.304  -15.695 1.00 31.15 ? 100 LYS A NZ  1 
ATOM   778  N N   . SER A 1 101 ? -2.870  -7.561  -12.473 1.00 16.89 ? 101 SER A N   1 
ATOM   779  C CA  . SER A 1 101 ? -2.220  -7.625  -11.162 1.00 16.47 ? 101 SER A CA  1 
ATOM   780  C C   . SER A 1 101 ? -1.314  -6.444  -10.940 1.00 15.25 ? 101 SER A C   1 
ATOM   781  O O   . SER A 1 101 ? -0.758  -5.876  -11.883 1.00 15.35 ? 101 SER A O   1 
ATOM   782  C CB  . SER A 1 101 ? -1.444  -8.937  -10.980 1.00 17.26 ? 101 SER A CB  1 
ATOM   783  O OG  . SER A 1 101 ? -0.271  -8.942  -11.748 1.00 21.31 ? 101 SER A OG  1 
ATOM   784  N N   . THR A 1 102 ? -1.160  -6.075  -9.677  1.00 14.04 ? 102 THR A N   1 
ATOM   785  C CA  . THR A 1 102 ? -0.209  -5.050  -9.304  1.00 13.51 ? 102 THR A CA  1 
ATOM   786  C C   . THR A 1 102 ? 0.454   -5.508  -8.012  1.00 13.18 ? 102 THR A C   1 
ATOM   787  O O   . THR A 1 102 ? -0.149  -6.263  -7.235  1.00 12.82 ? 102 THR A O   1 
ATOM   788  C CB  . THR A 1 102 ? -0.866  -3.648  -9.171  1.00 13.48 ? 102 THR A CB  1 
ATOM   789  O OG1 . THR A 1 102 ? 0.148   -2.657  -8.966  1.00 13.42 ? 102 THR A OG1 1 
ATOM   790  C CG2 . THR A 1 102 ? -1.871  -3.592  -8.018  1.00 12.52 ? 102 THR A CG2 1 
ATOM   791  N N   . THR A 1 103 ? 1.689   -5.071  -7.795  1.00 13.03 ? 103 THR A N   1 
ATOM   792  C CA  . THR A 1 103 ? 2.432   -5.465  -6.601  1.00 14.04 ? 103 THR A CA  1 
ATOM   793  C C   . THR A 1 103 ? 2.816   -4.234  -5.791  1.00 14.15 ? 103 THR A C   1 
ATOM   794  O O   . THR A 1 103 ? 3.305   -3.235  -6.346  1.00 15.20 ? 103 THR A O   1 
ATOM   795  C CB  . THR A 1 103 ? 3.695   -6.306  -6.977  1.00 14.61 ? 103 THR A CB  1 
ATOM   796  O OG1 . THR A 1 103 ? 3.279   -7.525  -7.617  1.00 16.19 ? 103 THR A OG1 1 
ATOM   797  C CG2 . THR A 1 103 ? 4.530   -6.661  -5.744  1.00 16.97 ? 103 THR A CG2 1 
ATOM   798  N N   . ILE A 1 104 ? 2.564   -4.310  -4.485  1.00 13.36 ? 104 ILE A N   1 
ATOM   799  C CA  . ILE A 1 104 ? 2.931   -3.251  -3.539  1.00 13.21 ? 104 ILE A CA  1 
ATOM   800  C C   . ILE A 1 104 ? 3.931   -3.849  -2.554  1.00 13.22 ? 104 ILE A C   1 
ATOM   801  O O   . ILE A 1 104 ? 3.601   -4.779  -1.821  1.00 12.15 ? 104 ILE A O   1 
ATOM   802  C CB  . ILE A 1 104 ? 1.692   -2.705  -2.786  1.00 13.54 ? 104 ILE A CB  1 
ATOM   803  C CG1 . ILE A 1 104 ? 0.634   -2.162  -3.772  1.00 13.91 ? 104 ILE A CG1 1 
ATOM   804  C CG2 . ILE A 1 104 ? 2.089   -1.615  -1.813  1.00 13.99 ? 104 ILE A CG2 1 
ATOM   805  C CD1 . ILE A 1 104 ? -0.539  -3.129  -4.063  1.00 16.97 ? 104 ILE A CD1 1 
ATOM   806  N N   . LYS A 1 105 ? 5.164   -3.346  -2.579  1.00 13.87 ? 105 LYS A N   1 
ATOM   807  C CA  . LYS A 1 105 ? 6.210   -3.840  -1.703  1.00 14.33 ? 105 LYS A CA  1 
ATOM   808  C C   . LYS A 1 105 ? 6.455   -2.829  -0.585  1.00 14.15 ? 105 LYS A C   1 
ATOM   809  O O   . LYS A 1 105 ? 6.661   -1.648  -0.857  1.00 14.61 ? 105 LYS A O   1 
ATOM   810  C CB  . LYS A 1 105 ? 7.493   -4.049  -2.506  1.00 15.28 ? 105 LYS A CB  1 
ATOM   811  C CG  . LYS A 1 105 ? 8.634   -4.615  -1.707  1.00 19.31 ? 105 LYS A CG  1 
ATOM   812  C CD  . LYS A 1 105 ? 9.775   -5.040  -2.619  1.00 26.50 ? 105 LYS A CD  1 
ATOM   813  C CE  . LYS A 1 105 ? 10.891  -4.032  -2.581  1.00 30.32 ? 105 LYS A CE  1 
ATOM   814  N NZ  . LYS A 1 105 ? 11.723  -4.220  -1.365  1.00 34.15 ? 105 LYS A NZ  1 
ATOM   815  N N   . ARG A 1 106 ? 6.446   -3.285  0.662   1.00 13.15 ? 106 ARG A N   1 
ATOM   816  C CA  . ARG A 1 106 ? 6.780   -2.411  1.787   1.00 13.19 ? 106 ARG A CA  1 
ATOM   817  C C   . ARG A 1 106 ? 8.083   -2.910  2.376   1.00 14.21 ? 106 ARG A C   1 
ATOM   818  O O   . ARG A 1 106 ? 8.171   -4.060  2.816   1.00 13.79 ? 106 ARG A O   1 
ATOM   819  C CB  . ARG A 1 106 ? 5.667   -2.401  2.844   1.00 13.20 ? 106 ARG A CB  1 
ATOM   820  C CG  . ARG A 1 106 ? 4.329   -1.787  2.370   1.00 13.62 ? 106 ARG A CG  1 
ATOM   821  C CD  . ARG A 1 106 ? 3.229   -2.088  3.381   1.00 14.02 ? 106 ARG A CD  1 
ATOM   822  N NE  . ARG A 1 106 ? 1.980   -1.370  3.114   1.00 17.56 ? 106 ARG A NE  1 
ATOM   823  C CZ  . ARG A 1 106 ? 0.993   -1.810  2.331   1.00 19.07 ? 106 ARG A CZ  1 
ATOM   824  N NH1 . ARG A 1 106 ? 1.089   -2.982  1.698   1.00 14.91 ? 106 ARG A NH1 1 
ATOM   825  N NH2 . ARG A 1 106 ? -0.105  -1.069  2.172   1.00 20.90 ? 106 ARG A NH2 1 
ATOM   826  N N   . LYS A 1 107 ? 9.104   -2.058  2.369   1.00 15.17 ? 107 LYS A N   1 
ATOM   827  C CA  . LYS A 1 107 ? 10.400  -2.466  2.894   1.00 17.01 ? 107 LYS A CA  1 
ATOM   828  C C   . LYS A 1 107 ? 10.954  -1.472  3.901   1.00 16.67 ? 107 LYS A C   1 
ATOM   829  O O   . LYS A 1 107 ? 10.611  -0.286  3.889   1.00 16.37 ? 107 LYS A O   1 
ATOM   830  C CB  . LYS A 1 107 ? 11.403  -2.738  1.762   1.00 17.91 ? 107 LYS A CB  1 
ATOM   831  C CG  . LYS A 1 107 ? 11.838  -1.528  0.957   1.00 22.12 ? 107 LYS A CG  1 
ATOM   832  C CD  . LYS A 1 107 ? 12.845  -1.920  -0.150  1.00 27.01 ? 107 LYS A CD  1 
ATOM   833  C CE  . LYS A 1 107 ? 12.967  -0.837  -1.230  1.00 30.41 ? 107 LYS A CE  1 
ATOM   834  N NZ  . LYS A 1 107 ? 14.007  -1.168  -2.275  1.00 32.74 ? 107 LYS A NZ  1 
ATOM   835  N N   . ARG A 1 108 ? 11.793  -1.981  4.787   1.00 17.38 ? 108 ARG A N   1 
ATOM   836  C CA  . ARG A 1 108 ? 12.470  -1.135  5.751   1.00 18.18 ? 108 ARG A CA  1 
ATOM   837  C C   . ARG A 1 108 ? 13.856  -0.827  5.194   1.00 19.15 ? 108 ARG A C   1 
ATOM   838  O O   . ARG A 1 108 ? 14.557  -1.716  4.711   1.00 19.94 ? 108 ARG A O   1 
ATOM   839  C CB  . ARG A 1 108 ? 12.548  -1.827  7.121   1.00 18.74 ? 108 ARG A CB  1 
ATOM   840  C CG  . ARG A 1 108 ? 11.200  -2.009  7.836   1.00 19.95 ? 108 ARG A CG  1 
ATOM   841  C CD  . ARG A 1 108 ? 10.453  -0.702  8.124   1.00 23.52 ? 108 ARG A CD  1 
ATOM   842  N NE  . ARG A 1 108 ? 11.381  0.406   8.345   1.00 27.40 ? 108 ARG A NE  1 
ATOM   843  C CZ  . ARG A 1 108 ? 11.962  0.673   9.508   1.00 26.62 ? 108 ARG A CZ  1 
ATOM   844  N NH1 . ARG A 1 108 ? 11.684  -0.062  10.572  1.00 27.39 ? 108 ARG A NH1 1 
ATOM   845  N NH2 . ARG A 1 108 ? 12.810  1.683   9.605   1.00 26.28 ? 108 ARG A NH2 1 
ATOM   846  N N   . ASP A 1 109 ? 14.233  0.443   5.218   1.00 19.18 ? 109 ASP A N   1 
ATOM   847  C CA  . ASP A 1 109 ? 15.536  0.866   4.726   1.00 19.98 ? 109 ASP A CA  1 
ATOM   848  C C   . ASP A 1 109 ? 16.014  1.976   5.648   1.00 19.56 ? 109 ASP A C   1 
ATOM   849  O O   . ASP A 1 109 ? 15.509  3.093   5.592   1.00 18.74 ? 109 ASP A O   1 
ATOM   850  C CB  . ASP A 1 109 ? 15.432  1.353   3.273   1.00 20.79 ? 109 ASP A CB  1 
ATOM   851  C CG  . ASP A 1 109 ? 16.794  1.577   2.622   1.00 24.69 ? 109 ASP A CG  1 
ATOM   852  O OD1 . ASP A 1 109 ? 17.772  1.896   3.339   1.00 28.87 ? 109 ASP A OD1 1 
ATOM   853  O OD2 . ASP A 1 109 ? 16.894  1.421   1.385   1.00 26.54 ? 109 ASP A OD2 1 
ATOM   854  N N   . GLY A 1 110 ? 16.961  1.659   6.533   1.00 19.32 ? 110 GLY A N   1 
ATOM   855  C CA  . GLY A 1 110 ? 17.338  2.624   7.566   1.00 18.78 ? 110 GLY A CA  1 
ATOM   856  C C   . GLY A 1 110 ? 16.125  3.024   8.394   1.00 18.15 ? 110 GLY A C   1 
ATOM   857  O O   . GLY A 1 110 ? 15.343  2.159   8.820   1.00 18.54 ? 110 GLY A O   1 
ATOM   858  N N   . ASP A 1 111 ? 15.944  4.328   8.613   1.00 17.66 ? 111 ASP A N   1 
ATOM   859  C CA  . ASP A 1 111 ? 14.812  4.816   9.391   1.00 17.83 ? 111 ASP A CA  1 
ATOM   860  C C   . ASP A 1 111 ? 13.542  5.001   8.548   1.00 16.89 ? 111 ASP A C   1 
ATOM   861  O O   . ASP A 1 111 ? 12.581  5.611   9.008   1.00 17.25 ? 111 ASP A O   1 
ATOM   862  C CB  . ASP A 1 111 ? 15.153  6.113   10.148  1.00 18.80 ? 111 ASP A CB  1 
ATOM   863  C CG  . ASP A 1 111 ? 15.407  7.303   9.228   1.00 21.44 ? 111 ASP A CG  1 
ATOM   864  O OD1 . ASP A 1 111 ? 15.324  7.185   7.982   1.00 23.46 ? 111 ASP A OD1 1 
ATOM   865  O OD2 . ASP A 1 111 ? 15.717  8.384   9.773   1.00 26.57 ? 111 ASP A OD2 1 
ATOM   866  N N   . LYS A 1 112 ? 13.554  4.471   7.329   1.00 16.24 ? 112 LYS A N   1 
ATOM   867  C CA  . LYS A 1 112 ? 12.423  4.677   6.400   1.00 15.23 ? 112 LYS A CA  1 
ATOM   868  C C   . LYS A 1 112 ? 11.601  3.415   6.158   1.00 15.09 ? 112 LYS A C   1 
ATOM   869  O O   . LYS A 1 112 ? 12.118  2.301   6.255   1.00 15.15 ? 112 LYS A O   1 
ATOM   870  C CB  . LYS A 1 112 ? 12.892  5.203   5.037   1.00 15.62 ? 112 LYS A CB  1 
ATOM   871  C CG  . LYS A 1 112 ? 13.659  6.542   5.070   1.00 16.39 ? 112 LYS A CG  1 
ATOM   872  C CD  . LYS A 1 112 ? 12.918  7.615   5.847   1.00 18.58 ? 112 LYS A CD  1 
ATOM   873  C CE  . LYS A 1 112 ? 13.462  9.033   5.561   1.00 21.68 ? 112 LYS A CE  1 
ATOM   874  N NZ  . LYS A 1 112 ? 14.910  9.130   5.903   1.00 22.05 ? 112 LYS A NZ  1 
ATOM   875  N N   . LEU A 1 113 ? 10.325  3.615   5.829   1.00 13.81 ? 113 LEU A N   1 
ATOM   876  C CA  . LEU A 1 113 ? 9.474   2.555   5.274   1.00 14.07 ? 113 LEU A CA  1 
ATOM   877  C C   . LEU A 1 113 ? 9.246   2.984   3.830   1.00 13.41 ? 113 LEU A C   1 
ATOM   878  O O   . LEU A 1 113 ? 8.648   4.046   3.580   1.00 13.20 ? 113 LEU A O   1 
ATOM   879  C CB  . LEU A 1 113 ? 8.133   2.467   6.027   1.00 15.32 ? 113 LEU A CB  1 
ATOM   880  C CG  . LEU A 1 113 ? 7.237   1.243   5.760   1.00 18.26 ? 113 LEU A CG  1 
ATOM   881  C CD1 . LEU A 1 113 ? 6.016   1.249   6.694   1.00 21.74 ? 113 LEU A CD1 1 
ATOM   882  C CD2 . LEU A 1 113 ? 6.784   1.188   4.337   1.00 22.98 ? 113 LEU A CD2 1 
ATOM   883  N N   . VAL A 1 114 ? 9.760   2.183   2.905   1.00 11.98 ? 114 VAL A N   1 
ATOM   884  C CA  . VAL A 1 114 ? 9.730   2.483   1.481   1.00 12.45 ? 114 VAL A CA  1 
ATOM   885  C C   . VAL A 1 114 ? 8.646   1.646   0.830   1.00 12.78 ? 114 VAL A C   1 
ATOM   886  O O   . VAL A 1 114 ? 8.665   0.405   0.928   1.00 12.54 ? 114 VAL A O   1 
ATOM   887  C CB  . VAL A 1 114 ? 11.111  2.205   0.812   1.00 12.86 ? 114 VAL A CB  1 
ATOM   888  C CG1 . VAL A 1 114 ? 11.083  2.562   -0.674  1.00 13.74 ? 114 VAL A CG1 1 
ATOM   889  C CG2 . VAL A 1 114 ? 12.230  2.987   1.530   1.00 13.41 ? 114 VAL A CG2 1 
ATOM   890  N N   . VAL A 1 115 ? 7.718   2.313   0.153   1.00 11.86 ? 115 VAL A N   1 
ATOM   891  C CA  . VAL A 1 115 ? 6.611   1.614   -0.492  1.00 12.26 ? 115 VAL A CA  1 
ATOM   892  C C   . VAL A 1 115 ? 6.741   1.716   -2.012  1.00 13.19 ? 115 VAL A C   1 
ATOM   893  O O   . VAL A 1 115 ? 6.654   2.808   -2.573  1.00 12.86 ? 115 VAL A O   1 
ATOM   894  C CB  . VAL A 1 115 ? 5.245   2.168   -0.037  1.00 12.88 ? 115 VAL A CB  1 
ATOM   895  C CG1 . VAL A 1 115 ? 4.115   1.302   -0.610  1.00 12.22 ? 115 VAL A CG1 1 
ATOM   896  C CG2 . VAL A 1 115 ? 5.158   2.217   1.502   1.00 13.09 ? 115 VAL A CG2 1 
ATOM   897  N N   . GLU A 1 116 ? 6.938   0.574   -2.664  1.00 12.90 ? 116 GLU A N   1 
ATOM   898  C CA  . GLU A 1 116 ? 7.085   0.542   -4.114  1.00 13.45 ? 116 GLU A CA  1 
ATOM   899  C C   . GLU A 1 116 ? 5.875   -0.147  -4.736  1.00 13.87 ? 116 GLU A C   1 
ATOM   900  O O   . GLU A 1 116 ? 5.615   -1.313  -4.451  1.00 13.36 ? 116 GLU A O   1 
ATOM   901  C CB  . GLU A 1 116 ? 8.385   -0.182  -4.471  1.00 14.67 ? 116 GLU A CB  1 
ATOM   902  C CG  . GLU A 1 116 ? 9.628   0.604   -4.021  1.00 17.68 ? 116 GLU A CG  1 
ATOM   903  C CD  . GLU A 1 116 ? 10.943  -0.179  -4.120  1.00 22.58 ? 116 GLU A CD  1 
ATOM   904  O OE1 . GLU A 1 116 ? 12.011  0.464   -4.256  1.00 23.89 ? 116 GLU A OE1 1 
ATOM   905  O OE2 . GLU A 1 116 ? 10.924  -1.428  -4.035  1.00 25.78 ? 116 GLU A OE2 1 
ATOM   906  N N   . CYS A 1 117 ? 5.138   0.582   -5.578  1.00 13.36 ? 117 CYS A N   1 
ATOM   907  C CA  . CYS A 1 117 ? 3.981   0.014   -6.261  1.00 14.32 ? 117 CYS A CA  1 
ATOM   908  C C   . CYS A 1 117 ? 4.320   -0.139  -7.724  1.00 14.44 ? 117 CYS A C   1 
ATOM   909  O O   . CYS A 1 117 ? 4.798   0.809   -8.341  1.00 14.86 ? 117 CYS A O   1 
ATOM   910  C CB  . CYS A 1 117 ? 2.781   0.938   -6.127  1.00 14.94 ? 117 CYS A CB  1 
ATOM   911  S SG  . CYS A 1 117 ? 2.411   1.336   -4.428  1.00 17.39 ? 117 CYS A SG  1 
ATOM   912  N N   . VAL A 1 118 ? 4.103   -1.333  -8.262  1.00 14.31 ? 118 VAL A N   1 
ATOM   913  C CA  . VAL A 1 118 ? 4.487   -1.625  -9.648  1.00 15.46 ? 118 VAL A CA  1 
ATOM   914  C C   . VAL A 1 118 ? 3.350   -2.272  -10.396 1.00 15.76 ? 118 VAL A C   1 
ATOM   915  O O   . VAL A 1 118 ? 2.737   -3.216  -9.903  1.00 15.49 ? 118 VAL A O   1 
ATOM   916  C CB  . VAL A 1 118 ? 5.698   -2.585  -9.720  1.00 15.71 ? 118 VAL A CB  1 
ATOM   917  C CG1 . VAL A 1 118 ? 6.196   -2.724  -11.167 1.00 15.95 ? 118 VAL A CG1 1 
ATOM   918  C CG2 . VAL A 1 118 ? 6.810   -2.116  -8.813  1.00 17.55 ? 118 VAL A CG2 1 
ATOM   919  N N   . MET A 1 119 ? 3.070   -1.771  -11.594 1.00 15.99 ? 119 MET A N   1 
ATOM   920  C CA  . MET A 1 119 ? 2.176   -2.479  -12.485 1.00 17.29 ? 119 MET A CA  1 
ATOM   921  C C   . MET A 1 119 ? 2.703   -2.382  -13.905 1.00 17.76 ? 119 MET A C   1 
ATOM   922  O O   . MET A 1 119 ? 2.996   -1.285  -14.379 1.00 16.63 ? 119 MET A O   1 
ATOM   923  C CB  . MET A 1 119 ? 0.759   -1.935  -12.428 1.00 17.49 ? 119 MET A CB  1 
ATOM   924  C CG  . MET A 1 119 ? -0.179  -2.787  -13.273 1.00 18.75 ? 119 MET A CG  1 
ATOM   925  S SD  . MET A 1 119 ? -1.837  -2.239  -13.144 1.00 20.48 ? 119 MET A SD  1 
ATOM   926  C CE  . MET A 1 119 ? -2.652  -3.280  -14.357 1.00 20.35 ? 119 MET A CE  1 
ATOM   927  N N   . LYS A 1 120 ? 2.836   -3.541  -14.545 1.00 19.11 ? 120 LYS A N   1 
ATOM   928  C CA  . LYS A 1 120 ? 3.361   -3.632  -15.912 1.00 20.77 ? 120 LYS A CA  1 
ATOM   929  C C   . LYS A 1 120 ? 4.586   -2.724  -16.093 1.00 20.83 ? 120 LYS A C   1 
ATOM   930  O O   . LYS A 1 120 ? 4.667   -1.949  -17.053 1.00 21.85 ? 120 LYS A O   1 
ATOM   931  C CB  . LYS A 1 120 ? 2.265   -3.274  -16.928 1.00 21.08 ? 120 LYS A CB  1 
ATOM   932  C CG  . LYS A 1 120 ? 1.026   -4.195  -16.909 1.00 24.59 ? 120 LYS A CG  1 
ATOM   933  C CD  . LYS A 1 120 ? 1.328   -5.659  -17.307 1.00 30.96 ? 120 LYS A CD  1 
ATOM   934  C CE  . LYS A 1 120 ? 1.886   -5.798  -18.725 1.00 34.41 ? 120 LYS A CE  1 
ATOM   935  N NZ  . LYS A 1 120 ? 3.380   -5.733  -18.755 1.00 36.93 ? 120 LYS A NZ  1 
ATOM   936  N N   . GLY A 1 121 ? 5.519   -2.792  -15.148 1.00 20.85 ? 121 GLY A N   1 
ATOM   937  C CA  . GLY A 1 121 ? 6.765   -2.011  -15.258 1.00 21.38 ? 121 GLY A CA  1 
ATOM   938  C C   . GLY A 1 121 ? 6.683   -0.504  -15.013 1.00 20.62 ? 121 GLY A C   1 
ATOM   939  O O   . GLY A 1 121 ? 7.694   0.213   -15.151 1.00 22.35 ? 121 GLY A O   1 
ATOM   940  N N   . VAL A 1 122 ? 5.500   -0.002  -14.672 1.00 18.58 ? 122 VAL A N   1 
ATOM   941  C CA  . VAL A 1 122 ? 5.380   1.372   -14.158 1.00 17.30 ? 122 VAL A CA  1 
ATOM   942  C C   . VAL A 1 122 ? 5.494   1.312   -12.637 1.00 16.85 ? 122 VAL A C   1 
ATOM   943  O O   . VAL A 1 122 ? 4.696   0.620   -11.993 1.00 16.41 ? 122 VAL A O   1 
ATOM   944  C CB  . VAL A 1 122 ? 4.039   2.021   -14.550 1.00 16.59 ? 122 VAL A CB  1 
ATOM   945  C CG1 . VAL A 1 122 ? 3.958   3.460   -14.021 1.00 16.38 ? 122 VAL A CG1 1 
ATOM   946  C CG2 . VAL A 1 122 ? 3.851   1.990   -16.075 1.00 18.46 ? 122 VAL A CG2 1 
ATOM   947  N N   . THR A 1 123 ? 6.474   2.025   -12.069 1.00 16.78 ? 123 THR A N   1 
ATOM   948  C CA  . THR A 1 123 ? 6.713   1.974   -10.608 1.00 16.82 ? 123 THR A CA  1 
ATOM   949  C C   . THR A 1 123 ? 6.575   3.325   -9.918  1.00 16.42 ? 123 THR A C   1 
ATOM   950  O O   . THR A 1 123 ? 7.156   4.309   -10.370 1.00 17.47 ? 123 THR A O   1 
ATOM   951  C CB  . THR A 1 123 ? 8.134   1.399   -10.277 1.00 17.21 ? 123 THR A CB  1 
ATOM   952  O OG1 . THR A 1 123 ? 8.276   0.104   -10.865 1.00 20.02 ? 123 THR A OG1 1 
ATOM   953  C CG2 . THR A 1 123 ? 8.368   1.287   -8.761  1.00 17.60 ? 123 THR A CG2 1 
ATOM   954  N N   . SER A 1 124 ? 5.820   3.362   -8.820  1.00 15.42 ? 124 SER A N   1 
ATOM   955  C CA  . SER A 1 124 ? 5.776   4.527   -7.925  1.00 15.06 ? 124 SER A CA  1 
ATOM   956  C C   . SER A 1 124 ? 6.525   4.199   -6.645  1.00 14.36 ? 124 SER A C   1 
ATOM   957  O O   . SER A 1 124 ? 6.453   3.066   -6.165  1.00 13.50 ? 124 SER A O   1 
ATOM   958  C CB  . SER A 1 124 ? 4.339   4.880   -7.575  1.00 15.68 ? 124 SER A CB  1 
ATOM   959  O OG  . SER A 1 124 ? 4.294   5.915   -6.601  1.00 19.25 ? 124 SER A OG  1 
ATOM   960  N N   . THR A 1 125 ? 7.237   5.183   -6.106  1.00 13.16 ? 125 THR A N   1 
ATOM   961  C CA  . THR A 1 125 ? 7.941   5.005   -4.841  1.00 12.59 ? 125 THR A CA  1 
ATOM   962  C C   . THR A 1 125 ? 7.473   6.064   -3.856  1.00 12.48 ? 125 THR A C   1 
ATOM   963  O O   . THR A 1 125 ? 7.556   7.274   -4.132  1.00 11.88 ? 125 THR A O   1 
ATOM   964  C CB  . THR A 1 125 ? 9.472   5.099   -5.030  1.00 12.74 ? 125 THR A CB  1 
ATOM   965  O OG1 . THR A 1 125 ? 9.900   4.110   -5.975  1.00 13.67 ? 125 THR A OG1 1 
ATOM   966  C CG2 . THR A 1 125 ? 10.190  4.875   -3.682  1.00 13.05 ? 125 THR A CG2 1 
ATOM   967  N N   . ARG A 1 126 ? 6.977   5.604   -2.709  1.00 11.95 ? 126 ARG A N   1 
ATOM   968  C CA  . ARG A 1 126 ? 6.500   6.497   -1.667  1.00 12.50 ? 126 ARG A CA  1 
ATOM   969  C C   . ARG A 1 126 ? 7.212   6.132   -0.374  1.00 12.61 ? 126 ARG A C   1 
ATOM   970  O O   . ARG A 1 126 ? 7.181   4.977   0.065   1.00 12.95 ? 126 ARG A O   1 
ATOM   971  C CB  . ARG A 1 126 ? 4.979   6.438   -1.550  1.00 13.04 ? 126 ARG A CB  1 
ATOM   972  C CG  . ARG A 1 126 ? 4.290   7.163   -2.739  1.00 14.40 ? 126 ARG A CG  1 
ATOM   973  C CD  . ARG A 1 126 ? 2.847   6.718   -2.920  1.00 17.08 ? 126 ARG A CD  1 
ATOM   974  N NE  . ARG A 1 126 ? 1.958   7.129   -1.827  1.00 17.11 ? 126 ARG A NE  1 
ATOM   975  C CZ  . ARG A 1 126 ? 1.442   8.349   -1.669  1.00 19.02 ? 126 ARG A CZ  1 
ATOM   976  N NH1 . ARG A 1 126 ? 1.770   9.344   -2.484  1.00 18.24 ? 126 ARG A NH1 1 
ATOM   977  N NH2 . ARG A 1 126 ? 0.612   8.586   -0.654  1.00 18.99 ? 126 ARG A NH2 1 
ATOM   978  N N   . VAL A 1 127 ? 7.887   7.115   0.203   1.00 12.18 ? 127 VAL A N   1 
ATOM   979  C CA  . VAL A 1 127 ? 8.715   6.883   1.383   1.00 12.30 ? 127 VAL A CA  1 
ATOM   980  C C   . VAL A 1 127 ? 8.049   7.505   2.605   1.00 12.20 ? 127 VAL A C   1 
ATOM   981  O O   . VAL A 1 127 ? 7.520   8.626   2.554   1.00 11.98 ? 127 VAL A O   1 
ATOM   982  C CB  . VAL A 1 127 ? 10.151  7.449   1.191   1.00 12.01 ? 127 VAL A CB  1 
ATOM   983  C CG1 . VAL A 1 127 ? 10.992  7.260   2.469   1.00 12.74 ? 127 VAL A CG1 1 
ATOM   984  C CG2 . VAL A 1 127 ? 10.808  6.804   -0.004  1.00 13.47 ? 127 VAL A CG2 1 
ATOM   985  N N   . TYR A 1 128 ? 8.055   6.743   3.697   1.00 11.68 ? 128 TYR A N   1 
ATOM   986  C CA  . TYR A 1 128 ? 7.505   7.166   4.969   1.00 12.15 ? 128 TYR A CA  1 
ATOM   987  C C   . TYR A 1 128 ? 8.587   7.161   6.041   1.00 13.53 ? 128 TYR A C   1 
ATOM   988  O O   . TYR A 1 128 ? 9.555   6.405   5.956   1.00 13.11 ? 128 TYR A O   1 
ATOM   989  C CB  . TYR A 1 128 ? 6.400   6.186   5.417   1.00 12.30 ? 128 TYR A CB  1 
ATOM   990  C CG  . TYR A 1 128 ? 5.144   6.189   4.574   1.00 11.66 ? 128 TYR A CG  1 
ATOM   991  C CD1 . TYR A 1 128 ? 5.117   5.628   3.297   1.00 12.44 ? 128 TYR A CD1 1 
ATOM   992  C CD2 . TYR A 1 128 ? 3.960   6.744   5.083   1.00 12.28 ? 128 TYR A CD2 1 
ATOM   993  C CE1 . TYR A 1 128 ? 3.943   5.649   2.522   1.00 13.27 ? 128 TYR A CE1 1 
ATOM   994  C CE2 . TYR A 1 128 ? 2.773   6.737   4.332   1.00 13.70 ? 128 TYR A CE2 1 
ATOM   995  C CZ  . TYR A 1 128 ? 2.778   6.212   3.052   1.00 13.60 ? 128 TYR A CZ  1 
ATOM   996  O OH  . TYR A 1 128 ? 1.576   6.237   2.366   1.00 15.71 ? 128 TYR A OH  1 
ATOM   997  N N   . GLU A 1 129 ? 8.416   7.999   7.057   1.00 15.12 ? 129 GLU A N   1 
ATOM   998  C CA  . GLU A 1 129 ? 9.275   7.933   8.250   1.00 16.62 ? 129 GLU A CA  1 
ATOM   999  C C   . GLU A 1 129 ? 8.387   7.879   9.487   1.00 17.20 ? 129 GLU A C   1 
ATOM   1000 O O   . GLU A 1 129 ? 7.197   8.173   9.408   1.00 16.84 ? 129 GLU A O   1 
ATOM   1001 C CB  . GLU A 1 129 ? 10.235  9.130   8.315   1.00 17.63 ? 129 GLU A CB  1 
ATOM   1002 C CG  . GLU A 1 129 ? 9.532   10.444  8.569   1.00 19.83 ? 129 GLU A CG  1 
ATOM   1003 C CD  . GLU A 1 129 ? 10.454  11.661  8.478   1.00 24.53 ? 129 GLU A CD  1 
ATOM   1004 O OE1 . GLU A 1 129 ? 11.576  11.552  7.939   1.00 27.39 ? 129 GLU A OE1 1 
ATOM   1005 O OE2 . GLU A 1 129 ? 10.027  12.733  8.936   1.00 27.88 ? 129 GLU A OE2 1 
ATOM   1006 N N   . ARG A 1 130 ? 8.953   7.511   10.633  1.00 18.23 ? 130 ARG A N   1 
ATOM   1007 C CA  . ARG A 1 130 ? 8.139   7.427   11.848  1.00 19.38 ? 130 ARG A CA  1 
ATOM   1008 C C   . ARG A 1 130 ? 7.534   8.773   12.218  1.00 20.50 ? 130 ARG A C   1 
ATOM   1009 O O   . ARG A 1 130 ? 8.201   9.806   12.127  1.00 20.22 ? 130 ARG A O   1 
ATOM   1010 C CB  . ARG A 1 130 ? 8.948   6.852   13.013  1.00 20.11 ? 130 ARG A CB  1 
ATOM   1011 C CG  . ARG A 1 130 ? 9.116   5.365   12.902  1.00 20.84 ? 130 ARG A CG  1 
ATOM   1012 C CD  . ARG A 1 130 ? 9.596   4.746   14.200  1.00 21.42 ? 130 ARG A CD  1 
ATOM   1013 N NE  . ARG A 1 130 ? 10.166  3.432   13.936  1.00 22.02 ? 130 ARG A NE  1 
ATOM   1014 C CZ  . ARG A 1 130 ? 9.481   2.291   13.949  1.00 21.63 ? 130 ARG A CZ  1 
ATOM   1015 N NH1 . ARG A 1 130 ? 8.177   2.285   14.213  1.00 22.28 ? 130 ARG A NH1 1 
ATOM   1016 N NH2 . ARG A 1 130 ? 10.112  1.160   13.688  1.00 22.39 ? 130 ARG A NH2 1 
ATOM   1017 N N   . ALA A 1 131 ? 6.263   8.764   12.617  1.00 21.56 ? 131 ALA A N   1 
ATOM   1018 C CA  . ALA A 1 131 ? 5.566   10.006  12.938  1.00 23.52 ? 131 ALA A CA  1 
ATOM   1019 C C   . ALA A 1 131 ? 6.078   10.594  14.257  1.00 24.59 ? 131 ALA A C   1 
ATOM   1020 O O   . ALA A 1 131 ? 6.632   9.878   15.105  1.00 25.79 ? 131 ALA A O   1 
ATOM   1021 C CB  . ALA A 1 131 ? 4.054   9.785   12.981  1.00 23.52 ? 131 ALA A CB  1 
ATOM   1022 O OXT . ALA A 1 131 ? 5.960   11.802  14.496  1.00 26.22 ? 131 ALA A OXT 1 
HETATM 1023 C C1  . B64 B 2 .   ? 0.847   4.149   -0.075  1.00 20.99 ? 132 B64 A C1  1 
HETATM 1024 C C2  . B64 B 2 .   ? 1.073   3.537   -1.437  1.00 20.41 ? 132 B64 A C2  1 
HETATM 1025 C C3  . B64 B 2 .   ? -0.209  3.195   -2.173  1.00 20.12 ? 132 B64 A C3  1 
HETATM 1026 O O1  . B64 B 2 .   ? 1.449   5.216   0.116   1.00 18.22 ? 132 B64 A O1  1 
HETATM 1027 O O2  . B64 B 2 .   ? 0.096   3.609   0.787   1.00 20.71 ? 132 B64 A O2  1 
HETATM 1028 O O7  . B64 B 2 .   ? -1.491  5.205   -1.366  1.00 17.69 ? 132 B64 A O7  1 
HETATM 1029 N N8  . B64 B 2 .   ? -2.205  4.069   -3.245  1.00 16.57 ? 132 B64 A N8  1 
HETATM 1030 C C9  . B64 B 2 .   ? -3.339  4.790   -3.474  1.00 14.67 ? 132 B64 A C9  1 
HETATM 1031 C C10 . B64 B 2 .   ? -4.071  4.417   -4.685  1.00 14.88 ? 132 B64 A C10 1 
HETATM 1032 S S11 . B64 B 2 .   ? -5.511  5.412   -4.792  1.00 14.70 ? 132 B64 A S11 1 
HETATM 1033 C C12 . B64 B 2 .   ? -5.155  6.141   -3.213  1.00 14.18 ? 132 B64 A C12 1 
HETATM 1034 C C13 . B64 B 2 .   ? -3.952  5.727   -2.619  1.00 13.92 ? 132 B64 A C13 1 
HETATM 1035 C C14 . B64 B 2 .   ? -3.684  3.478   -5.742  1.00 15.17 ? 132 B64 A C14 1 
HETATM 1036 O O15 . B64 B 2 .   ? -4.574  3.313   -6.855  1.00 15.13 ? 132 B64 A O15 1 
HETATM 1037 C C16 . B64 B 2 .   ? -4.154  2.407   -7.875  1.00 14.92 ? 132 B64 A C16 1 
HETATM 1038 O O17 . B64 B 2 .   ? -2.599  2.898   -5.715  1.00 14.91 ? 132 B64 A O17 1 
HETATM 1039 C C18 . B64 B 2 .   ? -6.103  7.150   -2.672  1.00 15.66 ? 132 B64 A C18 1 
HETATM 1040 C C19 . B64 B 2 .   ? -5.934  7.919   -1.520  1.00 14.63 ? 132 B64 A C19 1 
HETATM 1041 C C20 . B64 B 2 .   ? -7.051  8.777   -1.349  1.00 16.35 ? 132 B64 A C20 1 
HETATM 1042 C C21 . B64 B 2 .   ? -8.075  8.727   -2.322  1.00 15.71 ? 132 B64 A C21 1 
HETATM 1043 S S22 . B64 B 2 .   ? -7.648  7.438   -3.475  1.00 18.12 ? 132 B64 A S22 1 
HETATM 1044 C CS1 . B64 B 2 .   ? -1.306  4.330   -2.237  1.00 17.78 ? 132 B64 A CS1 1 
HETATM 1045 O O   . HOH C 3 .   ? 13.780  -5.348  2.320   1.00 47.15 ? 133 HOH A O   1 
HETATM 1046 O O   . HOH C 3 .   ? -9.520  6.751   -16.333 1.00 26.60 ? 134 HOH A O   1 
HETATM 1047 O O   . HOH C 3 .   ? -3.838  18.959  -7.322  1.00 43.44 ? 135 HOH A O   1 
HETATM 1048 O O   . HOH C 3 .   ? 5.138   -6.327  -10.939 1.00 44.32 ? 136 HOH A O   1 
HETATM 1049 O O   . HOH C 3 .   ? 12.571  -0.092  -9.061  1.00 46.84 ? 137 HOH A O   1 
HETATM 1050 O O   . HOH C 3 .   ? 9.074   7.798   -14.847 1.00 38.96 ? 138 HOH A O   1 
HETATM 1051 O O   . HOH C 3 .   ? 3.122   -11.965 -8.692  1.00 34.12 ? 139 HOH A O   1 
HETATM 1052 O O   . HOH C 3 .   ? 9.549   -2.562  -6.521  1.00 41.63 ? 140 HOH A O   1 
HETATM 1053 O O   . HOH C 3 .   ? -12.242 10.163  9.967   1.00 26.63 ? 141 HOH A O   1 
HETATM 1054 O O   . HOH C 3 .   ? -14.270 0.645   0.597   1.00 47.49 ? 142 HOH A O   1 
HETATM 1055 O O   . HOH C 3 .   ? -13.596 9.670   2.476   1.00 44.81 ? 143 HOH A O   1 
HETATM 1056 O O   . HOH C 3 .   ? 3.564   12.618  -13.786 1.00 41.99 ? 144 HOH A O   1 
HETATM 1057 O O   . HOH C 3 .   ? 3.160   16.611  5.420   1.00 67.10 ? 145 HOH A O   1 
HETATM 1058 O O   . HOH C 3 .   ? 1.747   -13.744 -7.378  1.00 43.54 ? 146 HOH A O   1 
HETATM 1059 O O   . HOH C 3 .   ? 0.351   -14.303 -5.214  1.00 34.18 ? 147 HOH A O   1 
HETATM 1060 O O   . HOH C 3 .   ? -5.151  -13.962 -6.074  1.00 39.38 ? 148 HOH A O   1 
HETATM 1061 O O   . HOH C 3 .   ? -1.855  0.774   -3.668  1.00 44.10 ? 149 HOH A O   1 
HETATM 1062 O O   . HOH C 3 .   ? -3.156  9.021   0.025   1.00 23.01 ? 150 HOH A O   1 
HETATM 1063 O O   . HOH C 3 .   ? -5.375  9.434   1.675   1.00 18.31 ? 151 HOH A O   1 
HETATM 1064 O O   . HOH C 3 .   ? -5.664  6.994   2.953   1.00 19.60 ? 152 HOH A O   1 
HETATM 1065 O O   . HOH C 3 .   ? -9.649  -1.818  2.817   1.00 19.59 ? 153 HOH A O   1 
HETATM 1066 O O   . HOH C 3 .   ? 16.435  7.722   3.620   1.00 26.08 ? 154 HOH A O   1 
HETATM 1067 O O   . HOH C 3 .   ? 3.887   10.276  -12.497 1.00 18.13 ? 155 HOH A O   1 
HETATM 1068 O O   . HOH C 3 .   ? -9.412  2.355   -10.273 1.00 21.87 ? 156 HOH A O   1 
HETATM 1069 O O   . HOH C 3 .   ? 9.581   -8.032  10.053  1.00 49.45 ? 157 HOH A O   1 
HETATM 1070 O O   . HOH C 3 .   ? -4.450  -0.413  -2.921  1.00 29.98 ? 158 HOH A O   1 
HETATM 1071 O O   . HOH C 3 .   ? 2.136   12.378  -5.752  1.00 25.17 ? 159 HOH A O   1 
HETATM 1072 O O   . HOH C 3 .   ? 1.100   11.989  -3.106  1.00 26.62 ? 160 HOH A O   1 
HETATM 1073 O O   . HOH C 3 .   ? -14.455 -13.049 -3.958  1.00 40.36 ? 161 HOH A O   1 
HETATM 1074 O O   . HOH C 3 .   ? -10.781 2.566   7.038   0.50 24.70 ? 162 HOH A O   1 
HETATM 1075 O O   . HOH C 3 .   ? -1.854  8.701   13.014  1.00 35.01 ? 163 HOH A O   1 
HETATM 1076 O O   . HOH C 3 .   ? -2.588  -15.406 16.734  1.00 34.33 ? 164 HOH A O   1 
HETATM 1077 O O   . HOH C 3 .   ? -3.555  -12.109 -5.249  1.00 33.04 ? 165 HOH A O   1 
HETATM 1078 O O   . HOH C 3 .   ? -11.231 5.512   -14.663 1.00 34.70 ? 166 HOH A O   1 
HETATM 1079 O O   . HOH C 3 .   ? -12.210 6.028   -7.186  1.00 42.37 ? 167 HOH A O   1 
HETATM 1080 O O   . HOH C 3 .   ? 16.148  -2.831  7.874   1.00 47.70 ? 168 HOH A O   1 
HETATM 1081 O O   . HOH C 3 .   ? -12.237 1.428   -9.535  1.00 30.28 ? 169 HOH A O   1 
HETATM 1082 O O   . HOH C 3 .   ? 13.534  -6.201  -0.756  1.00 47.11 ? 170 HOH A O   1 
HETATM 1083 O O   . HOH C 3 .   ? -4.776  -19.373 8.283   1.00 44.10 ? 171 HOH A O   1 
HETATM 1084 O O   . HOH C 3 .   ? -2.179  -10.496 -14.854 1.00 48.00 ? 172 HOH A O   1 
HETATM 1085 O O   . HOH C 3 .   ? -7.818  -11.369 5.825   1.00 37.20 ? 173 HOH A O   1 
HETATM 1086 O O   . HOH C 3 .   ? -12.349 15.035  1.986   1.00 52.68 ? 174 HOH A O   1 
HETATM 1087 O O   . HOH C 3 .   ? 1.121   12.542  7.267   1.00 36.08 ? 175 HOH A O   1 
HETATM 1088 O O   . HOH C 3 .   ? 3.272   13.891  -1.787  1.00 45.28 ? 176 HOH A O   1 
HETATM 1089 O O   . HOH C 3 .   ? -7.434  -19.840 6.339   1.00 54.95 ? 177 HOH A O   1 
HETATM 1090 O O   . HOH C 3 .   ? -3.593  -15.018 -11.856 1.00 52.60 ? 178 HOH A O   1 
HETATM 1091 O O   . HOH C 3 .   ? 4.633   13.759  13.009  1.00 45.20 ? 179 HOH A O   1 
HETATM 1092 O O   . HOH C 3 .   ? -13.085 6.642   -13.022 1.00 31.53 ? 180 HOH A O   1 
HETATM 1093 O O   . HOH C 3 .   ? 5.348   13.765  -0.195  1.00 36.32 ? 181 HOH A O   1 
HETATM 1094 O O   . HOH C 3 .   ? -2.724  -12.518 -12.453 1.00 54.87 ? 182 HOH A O   1 
HETATM 1095 O O   . HOH C 3 .   ? 11.498  8.271   15.042  1.00 37.71 ? 183 HOH A O   1 
HETATM 1096 O O   . HOH C 3 .   ? -0.338  -18.450 12.272  0.50 36.31 ? 184 HOH A O   1 
HETATM 1097 O O   . HOH C 3 .   ? -7.233  -17.436 7.734   1.00 30.95 ? 185 HOH A O   1 
HETATM 1098 O O   . HOH C 3 .   ? 9.644   8.751   -3.008  1.00 15.64 ? 186 HOH A O   1 
HETATM 1099 O O   . HOH C 3 .   ? 17.112  5.383   4.372   1.00 39.63 ? 187 HOH A O   1 
HETATM 1100 O O   . HOH C 3 .   ? 6.133   -13.222 -2.582  1.00 32.37 ? 188 HOH A O   1 
HETATM 1101 O O   . HOH C 3 .   ? -13.858 6.092   1.815   1.00 41.19 ? 189 HOH A O   1 
HETATM 1102 O O   . HOH C 3 .   ? -4.134  14.121  6.633   1.00 42.11 ? 190 HOH A O   1 
HETATM 1103 O O   . HOH C 3 .   ? 9.726   5.857   -12.815 1.00 39.82 ? 191 HOH A O   1 
HETATM 1104 O O   . HOH C 3 .   ? -15.938 -7.699  -12.545 1.00 64.25 ? 192 HOH A O   1 
HETATM 1105 O O   . HOH C 3 .   ? -4.518  -1.408  2.308   1.00 33.37 ? 193 HOH A O   1 
HETATM 1106 O O   . HOH C 3 .   ? 10.308  7.486   -10.170 1.00 29.02 ? 194 HOH A O   1 
HETATM 1107 O O   . HOH C 3 .   ? 4.308   -11.977 -4.441  1.00 36.59 ? 195 HOH A O   1 
HETATM 1108 O O   . HOH C 3 .   ? -2.102  -0.131  -1.263  1.00 40.42 ? 196 HOH A O   1 
HETATM 1109 O O   . HOH C 3 .   ? -8.148  3.755   8.684   1.00 29.71 ? 197 HOH A O   1 
HETATM 1110 O O   . HOH C 3 .   ? -3.189  13.718  -10.841 1.00 30.76 ? 198 HOH A O   1 
HETATM 1111 O O   . HOH C 3 .   ? -8.290  -17.151 10.080  1.00 32.44 ? 199 HOH A O   1 
HETATM 1112 O O   . HOH C 3 .   ? 0.753   -15.416 -9.271  1.00 40.50 ? 200 HOH A O   1 
HETATM 1113 O O   . HOH C 3 .   ? 8.757   -10.142 13.636  1.00 44.69 ? 201 HOH A O   1 
HETATM 1114 O O   . HOH C 3 .   ? 10.118  -1.785  -9.567  1.00 43.28 ? 202 HOH A O   1 
HETATM 1115 O O   . HOH C 3 .   ? -3.215  15.716  -14.185 1.00 49.74 ? 203 HOH A O   1 
HETATM 1116 O O   . HOH C 3 .   ? 15.652  -0.511  9.410   1.00 31.36 ? 204 HOH A O   1 
HETATM 1117 O O   . HOH C 3 .   ? 14.115  -2.589  10.319  1.00 25.95 ? 205 HOH A O   1 
HETATM 1118 O O   . HOH C 3 .   ? 14.376  -4.732  8.709   1.00 39.67 ? 206 HOH A O   1 
HETATM 1119 O O   . HOH C 3 .   ? -5.413  5.231   -17.297 1.00 38.56 ? 207 HOH A O   1 
HETATM 1120 O O   . HOH C 3 .   ? -11.116 9.624   -3.269  1.00 30.21 ? 208 HOH A O   1 
HETATM 1121 O O   . HOH C 3 .   ? -18.310 -8.518  -8.497  1.00 44.37 ? 209 HOH A O   1 
HETATM 1122 O O   . HOH C 3 .   ? 1.874   -14.216 -3.015  1.00 29.78 ? 210 HOH A O   1 
HETATM 1123 O O   . HOH C 3 .   ? 14.263  -13.183 -1.426  1.00 47.51 ? 211 HOH A O   1 
HETATM 1124 O O   . HOH C 3 .   ? -11.850 10.857  -1.044  1.00 33.47 ? 212 HOH A O   1 
HETATM 1125 O O   . HOH C 3 .   ? 4.455   11.158  -17.237 1.00 42.71 ? 213 HOH A O   1 
HETATM 1126 O O   . HOH C 3 .   ? 19.262  7.841   10.047  1.00 42.99 ? 214 HOH A O   1 
HETATM 1127 O O   . HOH C 3 .   ? -7.346  11.140  -16.813 1.00 11.61 ? 215 HOH A O   1 
HETATM 1128 O O   . HOH C 3 .   ? 3.273   -5.089  18.240  1.00 35.92 ? 216 HOH A O   1 
HETATM 1129 O O   . HOH C 3 .   ? 12.714  13.144  5.113   1.00 47.77 ? 217 HOH A O   1 
HETATM 1130 O O   . HOH C 3 .   ? -11.280 -16.365 4.237   0.50 33.19 ? 218 HOH A O   1 
HETATM 1131 O O   . HOH C 3 .   ? -10.413 -17.112 -3.947  1.00 44.96 ? 219 HOH A O   1 
HETATM 1132 O O   . HOH C 3 .   ? -1.684  0.741   16.358  1.00 37.12 ? 220 HOH A O   1 
HETATM 1133 O O   . HOH C 3 .   ? 12.342  2.981   -5.783  1.00 29.99 ? 221 HOH A O   1 
HETATM 1134 O O   . HOH C 3 .   ? -2.137  -1.902  0.423   1.00 30.87 ? 222 HOH A O   1 
HETATM 1135 O O   . HOH C 3 .   ? -3.954  -2.372  -0.115  1.00 31.40 ? 223 HOH A O   1 
HETATM 1136 O O   . HOH C 3 .   ? -2.238  -18.794 9.068   1.00 31.78 ? 224 HOH A O   1 
HETATM 1137 O O   . HOH C 3 .   ? 14.553  9.018   1.596   1.00 14.25 ? 225 HOH A O   1 
HETATM 1138 O O   . HOH C 3 .   ? -1.164  10.590  -0.892  1.00 27.76 ? 226 HOH A O   1 
HETATM 1139 O O   . HOH C 3 .   ? 3.220   -4.675  1.004   1.00 13.01 ? 227 HOH A O   1 
HETATM 1140 O O   . HOH C 3 .   ? -4.433  14.929  4.065   1.00 17.21 ? 228 HOH A O   1 
HETATM 1141 O O   . HOH C 3 .   ? -13.056 -3.749  -9.400  1.00 21.31 ? 229 HOH A O   1 
HETATM 1142 O O   . HOH C 3 .   ? -10.813 5.190   -10.024 1.00 32.70 ? 230 HOH A O   1 
HETATM 1143 O O   . HOH C 3 .   ? -5.926  0.694   -0.838  1.00 23.12 ? 231 HOH A O   1 
HETATM 1144 O O   . HOH C 3 .   ? -10.124 -5.717  11.427  1.00 14.14 ? 232 HOH A O   1 
HETATM 1145 O O   . HOH C 3 .   ? 4.490   11.427  -7.088  1.00 15.93 ? 233 HOH A O   1 
HETATM 1146 O O   . HOH C 3 .   ? -2.308  -12.376 2.795   1.00 11.25 ? 234 HOH A O   1 
HETATM 1147 O O   . HOH C 3 .   ? -8.159  -11.740 -11.757 1.00 22.56 ? 235 HOH A O   1 
HETATM 1148 O O   . HOH C 3 .   ? 0.252   -14.041 9.715   1.00 18.05 ? 236 HOH A O   1 
HETATM 1149 O O   . HOH C 3 .   ? -2.826  13.189  -14.352 1.00 27.03 ? 237 HOH A O   1 
HETATM 1150 O O   . HOH C 3 .   ? 12.913  2.700   12.903  1.00 26.73 ? 238 HOH A O   1 
HETATM 1151 O O   . HOH C 3 .   ? -10.360 15.547  -7.132  1.00 25.48 ? 239 HOH A O   1 
HETATM 1152 O O   . HOH C 3 .   ? 2.761   -11.842 -2.073  1.00 19.56 ? 240 HOH A O   1 
HETATM 1153 O O   . HOH C 3 .   ? 2.056   -7.378  -10.412 1.00 22.33 ? 241 HOH A O   1 
HETATM 1154 O O   . HOH C 3 .   ? -5.568  -13.134 5.194   1.00 12.57 ? 242 HOH A O   1 
HETATM 1155 O O   . HOH C 3 .   ? -11.301 -12.492 2.643   1.00 21.31 ? 243 HOH A O   1 
HETATM 1156 O O   . HOH C 3 .   ? 6.029   4.564   15.149  1.00 20.33 ? 244 HOH A O   1 
HETATM 1157 O O   . HOH C 3 .   ? 0.989   0.448   15.608  1.00 22.40 ? 245 HOH A O   1 
HETATM 1158 O O   . HOH C 3 .   ? -3.518  -5.057  16.007  1.00 21.59 ? 246 HOH A O   1 
HETATM 1159 O O   . HOH C 3 .   ? -0.829  5.369   2.912   1.00 18.72 ? 247 HOH A O   1 
HETATM 1160 O O   . HOH C 3 .   ? -1.463  -6.651  -15.243 1.00 22.59 ? 248 HOH A O   1 
HETATM 1161 O O   . HOH C 3 .   ? -9.780  2.667   -16.141 1.00 37.91 ? 249 HOH A O   1 
HETATM 1162 O O   . HOH C 3 .   ? 1.250   -3.980  17.066  1.00 20.93 ? 250 HOH A O   1 
HETATM 1163 O O   . HOH C 3 .   ? 1.155   5.370   -16.707 1.00 21.73 ? 251 HOH A O   1 
HETATM 1164 O O   . HOH C 3 .   ? 8.406   3.522   -13.780 1.00 23.81 ? 252 HOH A O   1 
HETATM 1165 O O   . HOH C 3 .   ? 8.660   15.614  3.036   1.00 34.52 ? 253 HOH A O   1 
HETATM 1166 O O   . HOH C 3 .   ? 3.129   11.869  -9.702  1.00 26.35 ? 254 HOH A O   1 
HETATM 1167 O O   . HOH C 3 .   ? -7.516  -1.236  0.986   1.00 22.95 ? 255 HOH A O   1 
HETATM 1168 O O   . HOH C 3 .   ? -5.267  -11.413 -12.271 1.00 26.85 ? 256 HOH A O   1 
HETATM 1169 O O   . HOH C 3 .   ? 8.015   13.924  -3.096  1.00 23.92 ? 257 HOH A O   1 
HETATM 1170 O O   . HOH C 3 .   ? 12.723  10.050  -0.711  1.00 16.23 ? 258 HOH A O   1 
HETATM 1171 O O   . HOH C 3 .   ? -9.438  -6.685  5.804   1.00 17.53 ? 259 HOH A O   1 
HETATM 1172 O O   . HOH C 3 .   ? -8.101  5.107   13.823  1.00 25.35 ? 260 HOH A O   1 
HETATM 1173 O O   . HOH C 3 .   ? -1.760  12.312  -8.810  1.00 25.29 ? 261 HOH A O   1 
HETATM 1174 O O   . HOH C 3 .   ? 15.361  -2.512  2.058   1.00 48.75 ? 262 HOH A O   1 
HETATM 1175 O O   . HOH C 3 .   ? -0.332  -16.731 8.401   1.00 17.29 ? 263 HOH A O   1 
HETATM 1176 O O   . HOH C 3 .   ? -9.826  -6.282  3.129   1.00 17.29 ? 264 HOH A O   1 
HETATM 1177 O O   . HOH C 3 .   ? -9.940  -15.215 -1.394  1.00 51.45 ? 265 HOH A O   1 
HETATM 1178 O O   . HOH C 3 .   ? 18.334  6.050   7.961   1.00 32.79 ? 266 HOH A O   1 
HETATM 1179 O O   . HOH C 3 .   ? -3.374  10.722  9.406   1.00 52.74 ? 267 HOH A O   1 
HETATM 1180 O O   . HOH C 3 .   ? 6.173   6.007   -15.640 1.00 24.74 ? 268 HOH A O   1 
HETATM 1181 O O   . HOH C 3 .   ? -2.256  1.989   0.678   1.00 22.58 ? 269 HOH A O   1 
HETATM 1182 O O   . HOH C 3 .   ? -2.983  -0.830  12.384  1.00 21.91 ? 270 HOH A O   1 
HETATM 1183 O O   . HOH C 3 .   ? -1.797  1.014   3.447   1.00 19.65 ? 271 HOH A O   1 
HETATM 1184 O O   . HOH C 3 .   ? -12.421 -9.757  -3.879  1.00 21.01 ? 272 HOH A O   1 
HETATM 1185 O O   . HOH C 3 .   ? -4.888  -5.741  18.535  1.00 35.99 ? 273 HOH A O   1 
HETATM 1186 O O   . HOH C 3 .   ? -6.883  -14.110 -7.997  1.00 37.58 ? 274 HOH A O   1 
HETATM 1187 O O   . HOH C 3 .   ? -11.556 0.304   1.390   1.00 26.80 ? 275 HOH A O   1 
HETATM 1188 O O   . HOH C 3 .   ? -8.743  0.623   -12.335 1.00 28.69 ? 276 HOH A O   1 
HETATM 1189 O O   . HOH C 3 .   ? -12.312 10.660  -5.513  1.00 33.07 ? 277 HOH A O   1 
HETATM 1190 O O   . HOH C 3 .   ? 11.795  7.197   10.948  1.00 21.20 ? 278 HOH A O   1 
HETATM 1191 O O   . HOH C 3 .   ? -3.940  -6.910  13.776  1.00 18.69 ? 279 HOH A O   1 
HETATM 1192 O O   . HOH C 3 .   ? -3.203  16.475  -6.570  1.00 25.19 ? 280 HOH A O   1 
HETATM 1193 O O   . HOH C 3 .   ? 1.772   -5.876  -13.246 1.00 27.44 ? 281 HOH A O   1 
HETATM 1194 O O   . HOH C 3 .   ? 12.953  9.734   10.724  1.00 34.90 ? 282 HOH A O   1 
HETATM 1195 O O   . HOH C 3 .   ? -2.134  6.477   0.603   1.00 27.73 ? 283 HOH A O   1 
HETATM 1196 O O   . HOH C 3 .   ? -7.110  -14.955 6.601   1.00 25.40 ? 284 HOH A O   1 
HETATM 1197 O O   . HOH C 3 .   ? -2.031  13.843  -16.879 1.00 43.79 ? 285 HOH A O   1 
HETATM 1198 O O   . HOH C 3 .   ? 18.219  8.700   6.763   1.00 38.23 ? 286 HOH A O   1 
HETATM 1199 O O   . HOH C 3 .   ? -6.921  6.306   -15.582 1.00 27.05 ? 287 HOH A O   1 
HETATM 1200 O O   . HOH C 3 .   ? -12.683 -10.582 -6.595  1.00 29.62 ? 288 HOH A O   1 
HETATM 1201 O O   . HOH C 3 .   ? -3.929  0.576   14.264  1.00 49.42 ? 289 HOH A O   1 
HETATM 1202 O O   . HOH C 3 .   ? -4.852  2.629   0.970   1.00 23.52 ? 290 HOH A O   1 
HETATM 1203 O O   . HOH C 3 .   ? -5.504  13.840  -12.055 1.00 26.25 ? 291 HOH A O   1 
HETATM 1204 O O   . HOH C 3 .   ? 8.810   -1.219  14.386  1.00 30.57 ? 292 HOH A O   1 
HETATM 1205 O O   . HOH C 3 .   ? 7.185   12.247  -9.573  1.00 25.69 ? 293 HOH A O   1 
HETATM 1206 O O   . HOH C 3 .   ? -2.557  -0.624  -5.889  1.00 20.71 ? 294 HOH A O   1 
HETATM 1207 O O   . HOH C 3 .   ? -1.332  -4.573  18.458  1.00 33.70 ? 295 HOH A O   1 
HETATM 1208 O O   . HOH C 3 .   ? 0.918   -9.927  19.382  1.00 33.21 ? 296 HOH A O   1 
HETATM 1209 O O   . HOH C 3 .   ? -11.845 -9.705  -10.521 1.00 23.88 ? 297 HOH A O   1 
HETATM 1210 O O   . HOH C 3 .   ? -8.808  -11.777 -8.832  1.00 31.51 ? 298 HOH A O   1 
HETATM 1211 O O   . HOH C 3 .   ? -7.557  -13.097 8.518   1.00 25.85 ? 299 HOH A O   1 
HETATM 1212 O O   . HOH C 3 .   ? -4.521  0.212   4.297   1.00 24.90 ? 300 HOH A O   1 
HETATM 1213 O O   . HOH C 3 .   ? 6.131   7.277   15.662  1.00 34.03 ? 301 HOH A O   1 
HETATM 1214 O O   . HOH C 3 .   ? 12.764  6.671   13.301  1.00 28.33 ? 302 HOH A O   1 
HETATM 1215 O O   . HOH C 3 .   ? -2.051  15.209  -8.648  1.00 52.43 ? 303 HOH A O   1 
HETATM 1216 O O   . HOH C 3 .   ? 6.305   14.465  -5.222  1.00 41.71 ? 304 HOH A O   1 
HETATM 1217 O O   . HOH C 3 .   ? -10.590 11.449  7.271   1.00 36.88 ? 305 HOH A O   1 
HETATM 1218 O O   . HOH C 3 .   ? -10.326 -4.262  7.513   0.50 18.27 ? 306 HOH A O   1 
HETATM 1219 O O   . HOH C 3 .   ? -12.188 7.146   -10.023 1.00 39.26 ? 307 HOH A O   1 
HETATM 1220 O O   . HOH C 3 .   ? 6.807   -3.826  -6.140  1.00 26.57 ? 308 HOH A O   1 
HETATM 1221 O O   . HOH C 3 .   ? -3.777  -3.278  -17.782 1.00 46.58 ? 309 HOH A O   1 
HETATM 1222 O O   . HOH C 3 .   ? 4.694   -9.770  -8.024  1.00 30.29 ? 310 HOH A O   1 
HETATM 1223 O O   . HOH C 3 .   ? 3.869   5.701   -17.516 1.00 28.50 ? 311 HOH A O   1 
HETATM 1224 O O   . HOH C 3 .   ? -5.513  7.900   -17.435 1.00 35.56 ? 312 HOH A O   1 
HETATM 1225 O O   . HOH C 3 .   ? 12.413  -4.671  4.553   1.00 29.04 ? 313 HOH A O   1 
HETATM 1226 O O   . HOH C 3 .   ? -5.162  1.573   -4.023  1.00 37.70 ? 314 HOH A O   1 
HETATM 1227 O O   . HOH C 3 .   ? -12.409 2.755   -1.062  1.00 25.77 ? 315 HOH A O   1 
HETATM 1228 O O   . HOH C 3 .   ? 1.636   12.386  11.776  1.00 52.85 ? 316 HOH A O   1 
HETATM 1229 O O   . HOH C 3 .   ? -13.070 -6.905  -9.537  1.00 45.50 ? 317 HOH A O   1 
HETATM 1230 O O   . HOH C 3 .   ? 15.152  12.088  5.613   1.00 49.90 ? 318 HOH A O   1 
HETATM 1231 O O   . HOH C 3 .   ? -0.675  -6.970  20.015  1.00 41.97 ? 319 HOH A O   1 
HETATM 1232 O O   . HOH C 3 .   ? -8.886  17.612  -5.406  1.00 44.38 ? 320 HOH A O   1 
HETATM 1233 O O   . HOH C 3 .   ? -7.921  -17.604 1.464   1.00 30.05 ? 321 HOH A O   1 
HETATM 1234 O O   . HOH C 3 .   ? 5.632   -5.427  -13.770 1.00 30.58 ? 322 HOH A O   1 
HETATM 1235 O O   . HOH C 3 .   ? -6.971  -14.467 -15.109 1.00 55.24 ? 323 HOH A O   1 
HETATM 1236 O O   . HOH C 3 .   ? -1.283  6.264   15.295  1.00 34.84 ? 324 HOH A O   1 
HETATM 1237 O O   . HOH C 3 .   ? -11.262 -14.954 0.800   1.00 49.00 ? 325 HOH A O   1 
HETATM 1238 O O   . HOH C 3 .   ? -6.154  -7.898  21.804  1.00 39.38 ? 326 HOH A O   1 
HETATM 1239 O O   . HOH C 3 .   ? 1.245   -1.223  17.634  1.00 27.22 ? 327 HOH A O   1 
HETATM 1240 O O   . HOH C 3 .   ? 11.465  -8.496  -1.650  1.00 43.29 ? 328 HOH A O   1 
HETATM 1241 O O   . HOH C 3 .   ? 9.971   -13.688 -4.478  1.00 33.13 ? 329 HOH A O   1 
HETATM 1242 O O   . HOH C 3 .   ? 4.179   3.848   -4.069  1.00 19.92 ? 330 HOH A O   1 
HETATM 1243 O O   . HOH C 3 .   ? 1.628   3.129   16.115  1.00 28.40 ? 331 HOH A O   1 
HETATM 1244 O O   . HOH C 3 .   ? 18.018  -1.072  7.018   1.00 39.57 ? 332 HOH A O   1 
HETATM 1245 O O   . HOH C 3 .   ? -1.370  -21.260 9.101   1.00 32.97 ? 333 HOH A O   1 
HETATM 1246 O O   . HOH C 3 .   ? 11.759  -12.715 4.186   1.00 51.35 ? 334 HOH A O   1 
HETATM 1247 O O   . HOH C 3 .   ? 2.866   -11.409 16.795  1.00 38.38 ? 335 HOH A O   1 
HETATM 1248 O O   . HOH C 3 .   ? -9.159  -14.693 3.949   1.00 27.96 ? 336 HOH A O   1 
HETATM 1249 O O   . HOH C 3 .   ? 1.320   11.995  -15.058 1.00 34.59 ? 337 HOH A O   1 
HETATM 1250 O O   . HOH C 3 .   ? -12.489 9.880   5.054   1.00 47.64 ? 338 HOH A O   1 
HETATM 1251 O O   . HOH C 3 .   ? -11.781 6.617   -3.678  1.00 38.56 ? 339 HOH A O   1 
HETATM 1252 O O   . HOH C 3 .   ? -9.065  -1.655  -13.391 1.00 42.88 ? 340 HOH A O   1 
HETATM 1253 O O   . HOH C 3 .   ? 6.511   8.422   -15.333 1.00 25.18 ? 341 HOH A O   1 
HETATM 1254 O O   . HOH C 3 .   ? -3.953  9.047   11.476  1.00 33.27 ? 342 HOH A O   1 
HETATM 1255 O O   . HOH C 3 .   ? 11.370  -7.043  8.283   1.00 46.14 ? 343 HOH A O   1 
HETATM 1256 O O   . HOH C 3 .   ? -5.012  5.399   0.742   1.00 28.82 ? 344 HOH A O   1 
HETATM 1257 O O   . HOH C 3 .   ? -4.834  -1.283  -16.344 1.00 46.55 ? 345 HOH A O   1 
HETATM 1258 O O   . HOH C 3 .   ? 9.057   15.380  -0.694  1.00 42.32 ? 346 HOH A O   1 
HETATM 1259 O O   . HOH C 3 .   ? 9.340   5.076   -8.769  1.00 20.24 ? 347 HOH A O   1 
HETATM 1260 O O   . HOH C 3 .   ? 2.021   14.304  -10.004 1.00 34.62 ? 348 HOH A O   1 
HETATM 1261 O O   . HOH C 3 .   ? -10.378 -12.750 5.400   0.50 34.41 ? 349 HOH A O   1 
HETATM 1262 O O   . HOH C 3 .   ? -9.386  -10.607 8.588   1.00 31.30 ? 350 HOH A O   1 
HETATM 1263 O O   . HOH C 3 .   ? 10.672  10.768  12.296  1.00 38.23 ? 351 HOH A O   1 
HETATM 1264 O O   . HOH C 3 .   ? -13.370 16.471  -7.457  1.00 43.55 ? 352 HOH A O   1 
HETATM 1265 O O   . HOH C 3 .   ? -12.441 -1.386  -10.642 1.00 39.25 ? 353 HOH A O   1 
HETATM 1266 O O   . HOH C 3 .   ? 6.106   -10.844 -5.948  1.00 35.37 ? 354 HOH A O   1 
HETATM 1267 O O   . HOH C 3 .   ? -16.309 1.274   -1.592  1.00 49.64 ? 355 HOH A O   1 
HETATM 1268 O O   . HOH C 3 .   ? 12.609  -0.458  -12.206 1.00 52.11 ? 356 HOH A O   1 
HETATM 1269 O O   . HOH C 3 .   ? 0.660   12.874  -7.872  1.00 36.80 ? 357 HOH A O   1 
# 
loop_
_pdbx_poly_seq_scheme.asym_id 
_pdbx_poly_seq_scheme.entity_id 
_pdbx_poly_seq_scheme.seq_id 
_pdbx_poly_seq_scheme.mon_id 
_pdbx_poly_seq_scheme.ndb_seq_num 
_pdbx_poly_seq_scheme.pdb_seq_num 
_pdbx_poly_seq_scheme.auth_seq_num 
_pdbx_poly_seq_scheme.pdb_mon_id 
_pdbx_poly_seq_scheme.auth_mon_id 
_pdbx_poly_seq_scheme.pdb_strand_id 
_pdbx_poly_seq_scheme.pdb_ins_code 
_pdbx_poly_seq_scheme.hetero 
A 1 1   CYS 1   1   1   CYS CYS A . n 
A 1 2   ASP 2   2   2   ASP ASP A . n 
A 1 3   ALA 3   3   3   ALA ALA A . n 
A 1 4   PHE 4   4   4   PHE PHE A . n 
A 1 5   VAL 5   5   5   VAL VAL A . n 
A 1 6   GLY 6   6   6   GLY GLY A . n 
A 1 7   THR 7   7   7   THR THR A . n 
A 1 8   TRP 8   8   8   TRP TRP A . n 
A 1 9   LYS 9   9   9   LYS LYS A . n 
A 1 10  LEU 10  10  10  LEU LEU A . n 
A 1 11  VAL 11  11  11  VAL VAL A . n 
A 1 12  SER 12  12  12  SER SER A . n 
A 1 13  SER 13  13  13  SER SER A . n 
A 1 14  GLU 14  14  14  GLU GLU A . n 
A 1 15  ASN 15  15  15  ASN ASN A . n 
A 1 16  PHE 16  16  16  PHE PHE A . n 
A 1 17  ASP 17  17  17  ASP ASP A . n 
A 1 18  ASP 18  18  18  ASP ASP A . n 
A 1 19  TYR 19  19  19  TYR TYR A . n 
A 1 20  MET 20  20  20  MET MET A . n 
A 1 21  LYS 21  21  21  LYS LYS A . n 
A 1 22  GLU 22  22  22  GLU GLU A . n 
A 1 23  VAL 23  23  23  VAL VAL A . n 
A 1 24  GLY 24  24  24  GLY GLY A . n 
A 1 25  VAL 25  25  25  VAL VAL A . n 
A 1 26  GLY 26  26  26  GLY GLY A . n 
A 1 27  PHE 27  27  27  PHE PHE A . n 
A 1 28  ALA 28  28  28  ALA ALA A . n 
A 1 29  THR 29  29  29  THR THR A . n 
A 1 30  ARG 30  30  30  ARG ARG A . n 
A 1 31  LYS 31  31  31  LYS LYS A . n 
A 1 32  VAL 32  32  32  VAL VAL A . n 
A 1 33  ALA 33  33  33  ALA ALA A . n 
A 1 34  GLY 34  34  34  GLY GLY A . n 
A 1 35  MET 35  35  35  MET MET A . n 
A 1 36  ALA 36  36  36  ALA ALA A . n 
A 1 37  LYS 37  37  37  LYS LYS A . n 
A 1 38  PRO 38  38  38  PRO PRO A . n 
A 1 39  ASN 39  39  39  ASN ASN A . n 
A 1 40  MET 40  40  40  MET MET A . n 
A 1 41  ILE 41  41  41  ILE ILE A . n 
A 1 42  ILE 42  42  42  ILE ILE A . n 
A 1 43  SER 43  43  43  SER SER A . n 
A 1 44  VAL 44  44  44  VAL VAL A . n 
A 1 45  ASN 45  45  45  ASN ASN A . n 
A 1 46  GLY 46  46  46  GLY GLY A . n 
A 1 47  ASP 47  47  47  ASP ASP A . n 
A 1 48  LEU 48  48  48  LEU LEU A . n 
A 1 49  VAL 49  49  49  VAL VAL A . n 
A 1 50  THR 50  50  50  THR THR A . n 
A 1 51  ILE 51  51  51  ILE ILE A . n 
A 1 52  ARG 52  52  52  ARG ARG A . n 
A 1 53  SER 53  53  53  SER SER A . n 
A 1 54  GLU 54  54  54  GLU GLU A . n 
A 1 55  SER 55  55  55  SER SER A . n 
A 1 56  THR 56  56  56  THR THR A . n 
A 1 57  PHE 57  57  57  PHE PHE A . n 
A 1 58  LYS 58  58  58  LYS LYS A . n 
A 1 59  ASN 59  59  59  ASN ASN A . n 
A 1 60  THR 60  60  60  THR THR A . n 
A 1 61  GLU 61  61  61  GLU GLU A . n 
A 1 62  ILE 62  62  62  ILE ILE A . n 
A 1 63  SER 63  63  63  SER SER A . n 
A 1 64  PHE 64  64  64  PHE PHE A . n 
A 1 65  LYS 65  65  65  LYS LYS A . n 
A 1 66  LEU 66  66  66  LEU LEU A . n 
A 1 67  GLY 67  67  67  GLY GLY A . n 
A 1 68  VAL 68  68  68  VAL VAL A . n 
A 1 69  GLU 69  69  69  GLU GLU A . n 
A 1 70  PHE 70  70  70  PHE PHE A . n 
A 1 71  ASP 71  71  71  ASP ASP A . n 
A 1 72  GLU 72  72  72  GLU GLU A . n 
A 1 73  ILE 73  73  73  ILE ILE A . n 
A 1 74  THR 74  74  74  THR THR A . n 
A 1 75  ALA 75  75  75  ALA ALA A . n 
A 1 76  ASP 76  76  76  ASP ASP A . n 
A 1 77  ASP 77  77  77  ASP ASP A . n 
A 1 78  ARG 78  78  78  ARG ARG A . n 
A 1 79  LYS 79  79  79  LYS LYS A . n 
A 1 80  VAL 80  80  80  VAL VAL A . n 
A 1 81  LYS 81  81  81  LYS LYS A . n 
A 1 82  SER 82  82  82  SER SER A . n 
A 1 83  ILE 83  83  83  ILE ILE A . n 
A 1 84  ILE 84  84  84  ILE ILE A . n 
A 1 85  THR 85  85  85  THR THR A . n 
A 1 86  LEU 86  86  86  LEU LEU A . n 
A 1 87  ASP 87  87  87  ASP ASP A . n 
A 1 88  GLY 88  88  88  GLY GLY A . n 
A 1 89  GLY 89  89  89  GLY GLY A . n 
A 1 90  ALA 90  90  90  ALA ALA A . n 
A 1 91  LEU 91  91  91  LEU LEU A . n 
A 1 92  VAL 92  92  92  VAL VAL A . n 
A 1 93  GLN 93  93  93  GLN GLN A . n 
A 1 94  VAL 94  94  94  VAL VAL A . n 
A 1 95  GLN 95  95  95  GLN GLN A . n 
A 1 96  LYS 96  96  96  LYS LYS A . n 
A 1 97  TRP 97  97  97  TRP TRP A . n 
A 1 98  ASP 98  98  98  ASP ASP A . n 
A 1 99  GLY 99  99  99  GLY GLY A . n 
A 1 100 LYS 100 100 100 LYS LYS A . n 
A 1 101 SER 101 101 101 SER SER A . n 
A 1 102 THR 102 102 102 THR THR A . n 
A 1 103 THR 103 103 103 THR THR A . n 
A 1 104 ILE 104 104 104 ILE ILE A . n 
A 1 105 LYS 105 105 105 LYS LYS A . n 
A 1 106 ARG 106 106 106 ARG ARG A . n 
A 1 107 LYS 107 107 107 LYS LYS A . n 
A 1 108 ARG 108 108 108 ARG ARG A . n 
A 1 109 ASP 109 109 109 ASP ASP A . n 
A 1 110 GLY 110 110 110 GLY GLY A . n 
A 1 111 ASP 111 111 111 ASP ASP A . n 
A 1 112 LYS 112 112 112 LYS LYS A . n 
A 1 113 LEU 113 113 113 LEU LEU A . n 
A 1 114 VAL 114 114 114 VAL VAL A . n 
A 1 115 VAL 115 115 115 VAL VAL A . n 
A 1 116 GLU 116 116 116 GLU GLU A . n 
A 1 117 CYS 117 117 117 CYS CYS A . n 
A 1 118 VAL 118 118 118 VAL VAL A . n 
A 1 119 MET 119 119 119 MET MET A . n 
A 1 120 LYS 120 120 120 LYS LYS A . n 
A 1 121 GLY 121 121 121 GLY GLY A . n 
A 1 122 VAL 122 122 122 VAL VAL A . n 
A 1 123 THR 123 123 123 THR THR A . n 
A 1 124 SER 124 124 124 SER SER A . n 
A 1 125 THR 125 125 125 THR THR A . n 
A 1 126 ARG 126 126 126 ARG ARG A . n 
A 1 127 VAL 127 127 127 VAL VAL A . n 
A 1 128 TYR 128 128 128 TYR TYR A . n 
A 1 129 GLU 129 129 129 GLU GLU A . n 
A 1 130 ARG 130 130 130 ARG ARG A . n 
A 1 131 ALA 131 131 131 ALA ALA A . n 
# 
loop_
_pdbx_nonpoly_scheme.asym_id 
_pdbx_nonpoly_scheme.entity_id 
_pdbx_nonpoly_scheme.mon_id 
_pdbx_nonpoly_scheme.ndb_seq_num 
_pdbx_nonpoly_scheme.pdb_seq_num 
_pdbx_nonpoly_scheme.auth_seq_num 
_pdbx_nonpoly_scheme.pdb_mon_id 
_pdbx_nonpoly_scheme.auth_mon_id 
_pdbx_nonpoly_scheme.pdb_strand_id 
_pdbx_nonpoly_scheme.pdb_ins_code 
B 2 B64 1   132 1   B64 B64 A . 
C 3 HOH 1   133 133 HOH HOH A . 
C 3 HOH 2   134 134 HOH HOH A . 
C 3 HOH 3   135 135 HOH HOH A . 
C 3 HOH 4   136 136 HOH HOH A . 
C 3 HOH 5   137 137 HOH HOH A . 
C 3 HOH 6   138 138 HOH HOH A . 
C 3 HOH 7   139 139 HOH HOH A . 
C 3 HOH 8   140 140 HOH HOH A . 
C 3 HOH 9   141 141 HOH HOH A . 
C 3 HOH 10  142 142 HOH HOH A . 
C 3 HOH 11  143 143 HOH HOH A . 
C 3 HOH 12  144 144 HOH HOH A . 
C 3 HOH 13  145 145 HOH HOH A . 
C 3 HOH 14  146 146 HOH HOH A . 
C 3 HOH 15  147 147 HOH HOH A . 
C 3 HOH 16  148 148 HOH HOH A . 
C 3 HOH 17  149 149 HOH HOH A . 
C 3 HOH 18  150 150 HOH HOH A . 
C 3 HOH 19  151 151 HOH HOH A . 
C 3 HOH 20  152 152 HOH HOH A . 
C 3 HOH 21  153 153 HOH HOH A . 
C 3 HOH 22  154 154 HOH HOH A . 
C 3 HOH 23  155 155 HOH HOH A . 
C 3 HOH 24  156 156 HOH HOH A . 
C 3 HOH 25  157 157 HOH HOH A . 
C 3 HOH 26  158 158 HOH HOH A . 
C 3 HOH 27  159 159 HOH HOH A . 
C 3 HOH 28  160 160 HOH HOH A . 
C 3 HOH 29  161 161 HOH HOH A . 
C 3 HOH 30  162 162 HOH HOH A . 
C 3 HOH 31  163 163 HOH HOH A . 
C 3 HOH 32  164 164 HOH HOH A . 
C 3 HOH 33  165 165 HOH HOH A . 
C 3 HOH 34  166 166 HOH HOH A . 
C 3 HOH 35  167 167 HOH HOH A . 
C 3 HOH 36  168 168 HOH HOH A . 
C 3 HOH 37  169 169 HOH HOH A . 
C 3 HOH 38  170 170 HOH HOH A . 
C 3 HOH 39  171 171 HOH HOH A . 
C 3 HOH 40  172 172 HOH HOH A . 
C 3 HOH 41  173 173 HOH HOH A . 
C 3 HOH 42  174 174 HOH HOH A . 
C 3 HOH 43  175 175 HOH HOH A . 
C 3 HOH 44  176 176 HOH HOH A . 
C 3 HOH 45  177 177 HOH HOH A . 
C 3 HOH 46  178 178 HOH HOH A . 
C 3 HOH 47  179 179 HOH HOH A . 
C 3 HOH 48  180 180 HOH HOH A . 
C 3 HOH 49  181 181 HOH HOH A . 
C 3 HOH 50  182 182 HOH HOH A . 
C 3 HOH 51  183 183 HOH HOH A . 
C 3 HOH 52  184 184 HOH HOH A . 
C 3 HOH 53  185 185 HOH HOH A . 
C 3 HOH 54  186 186 HOH HOH A . 
C 3 HOH 55  187 187 HOH HOH A . 
C 3 HOH 56  188 188 HOH HOH A . 
C 3 HOH 57  189 189 HOH HOH A . 
C 3 HOH 58  190 190 HOH HOH A . 
C 3 HOH 59  191 191 HOH HOH A . 
C 3 HOH 60  192 192 HOH HOH A . 
C 3 HOH 61  193 193 HOH HOH A . 
C 3 HOH 62  194 194 HOH HOH A . 
C 3 HOH 63  195 195 HOH HOH A . 
C 3 HOH 64  196 196 HOH HOH A . 
C 3 HOH 65  197 197 HOH HOH A . 
C 3 HOH 66  198 198 HOH HOH A . 
C 3 HOH 67  199 199 HOH HOH A . 
C 3 HOH 68  200 200 HOH HOH A . 
C 3 HOH 69  201 201 HOH HOH A . 
C 3 HOH 70  202 202 HOH HOH A . 
C 3 HOH 71  203 203 HOH HOH A . 
C 3 HOH 72  204 204 HOH HOH A . 
C 3 HOH 73  205 205 HOH HOH A . 
C 3 HOH 74  206 206 HOH HOH A . 
C 3 HOH 75  207 207 HOH HOH A . 
C 3 HOH 76  208 208 HOH HOH A . 
C 3 HOH 77  209 209 HOH HOH A . 
C 3 HOH 78  210 210 HOH HOH A . 
C 3 HOH 79  211 211 HOH HOH A . 
C 3 HOH 80  212 212 HOH HOH A . 
C 3 HOH 81  213 213 HOH HOH A . 
C 3 HOH 82  214 214 HOH HOH A . 
C 3 HOH 83  215 215 HOH HOH A . 
C 3 HOH 84  216 216 HOH HOH A . 
C 3 HOH 85  217 217 HOH HOH A . 
C 3 HOH 86  218 218 HOH HOH A . 
C 3 HOH 87  219 219 HOH HOH A . 
C 3 HOH 88  220 220 HOH HOH A . 
C 3 HOH 89  221 221 HOH HOH A . 
C 3 HOH 90  222 222 HOH HOH A . 
C 3 HOH 91  223 223 HOH HOH A . 
C 3 HOH 92  224 224 HOH HOH A . 
C 3 HOH 93  225 225 HOH HOH A . 
C 3 HOH 94  226 1   HOH HOH A . 
C 3 HOH 95  227 2   HOH HOH A . 
C 3 HOH 96  228 3   HOH HOH A . 
C 3 HOH 97  229 4   HOH HOH A . 
C 3 HOH 98  230 5   HOH HOH A . 
C 3 HOH 99  231 6   HOH HOH A . 
C 3 HOH 100 232 7   HOH HOH A . 
C 3 HOH 101 233 8   HOH HOH A . 
C 3 HOH 102 234 9   HOH HOH A . 
C 3 HOH 103 235 10  HOH HOH A . 
C 3 HOH 104 236 11  HOH HOH A . 
C 3 HOH 105 237 12  HOH HOH A . 
C 3 HOH 106 238 13  HOH HOH A . 
C 3 HOH 107 239 14  HOH HOH A . 
C 3 HOH 108 240 15  HOH HOH A . 
C 3 HOH 109 241 16  HOH HOH A . 
C 3 HOH 110 242 17  HOH HOH A . 
C 3 HOH 111 243 18  HOH HOH A . 
C 3 HOH 112 244 19  HOH HOH A . 
C 3 HOH 113 245 20  HOH HOH A . 
C 3 HOH 114 246 21  HOH HOH A . 
C 3 HOH 115 247 22  HOH HOH A . 
C 3 HOH 116 248 23  HOH HOH A . 
C 3 HOH 117 249 24  HOH HOH A . 
C 3 HOH 118 250 25  HOH HOH A . 
C 3 HOH 119 251 26  HOH HOH A . 
C 3 HOH 120 252 27  HOH HOH A . 
C 3 HOH 121 253 28  HOH HOH A . 
C 3 HOH 122 254 29  HOH HOH A . 
C 3 HOH 123 255 30  HOH HOH A . 
C 3 HOH 124 256 31  HOH HOH A . 
C 3 HOH 125 257 32  HOH HOH A . 
C 3 HOH 126 258 33  HOH HOH A . 
C 3 HOH 127 259 34  HOH HOH A . 
C 3 HOH 128 260 35  HOH HOH A . 
C 3 HOH 129 261 36  HOH HOH A . 
C 3 HOH 130 262 37  HOH HOH A . 
C 3 HOH 131 263 38  HOH HOH A . 
C 3 HOH 132 264 39  HOH HOH A . 
C 3 HOH 133 265 40  HOH HOH A . 
C 3 HOH 134 266 41  HOH HOH A . 
C 3 HOH 135 267 42  HOH HOH A . 
C 3 HOH 136 268 43  HOH HOH A . 
C 3 HOH 137 269 44  HOH HOH A . 
C 3 HOH 138 270 45  HOH HOH A . 
C 3 HOH 139 271 46  HOH HOH A . 
C 3 HOH 140 272 47  HOH HOH A . 
C 3 HOH 141 273 48  HOH HOH A . 
C 3 HOH 142 274 49  HOH HOH A . 
C 3 HOH 143 275 50  HOH HOH A . 
C 3 HOH 144 276 51  HOH HOH A . 
C 3 HOH 145 277 52  HOH HOH A . 
C 3 HOH 146 278 53  HOH HOH A . 
C 3 HOH 147 279 54  HOH HOH A . 
C 3 HOH 148 280 55  HOH HOH A . 
C 3 HOH 149 281 56  HOH HOH A . 
C 3 HOH 150 282 57  HOH HOH A . 
C 3 HOH 151 283 58  HOH HOH A . 
C 3 HOH 152 284 59  HOH HOH A . 
C 3 HOH 153 285 60  HOH HOH A . 
C 3 HOH 154 286 61  HOH HOH A . 
C 3 HOH 155 287 62  HOH HOH A . 
C 3 HOH 156 288 63  HOH HOH A . 
C 3 HOH 157 289 64  HOH HOH A . 
C 3 HOH 158 290 65  HOH HOH A . 
C 3 HOH 159 291 66  HOH HOH A . 
C 3 HOH 160 292 67  HOH HOH A . 
C 3 HOH 161 293 68  HOH HOH A . 
C 3 HOH 162 294 69  HOH HOH A . 
C 3 HOH 163 295 70  HOH HOH A . 
C 3 HOH 164 296 71  HOH HOH A . 
C 3 HOH 165 297 72  HOH HOH A . 
C 3 HOH 166 298 73  HOH HOH A . 
C 3 HOH 167 299 74  HOH HOH A . 
C 3 HOH 168 300 75  HOH HOH A . 
C 3 HOH 169 301 76  HOH HOH A . 
C 3 HOH 170 302 77  HOH HOH A . 
C 3 HOH 171 303 78  HOH HOH A . 
C 3 HOH 172 304 79  HOH HOH A . 
C 3 HOH 173 305 80  HOH HOH A . 
C 3 HOH 174 306 81  HOH HOH A . 
C 3 HOH 175 307 82  HOH HOH A . 
C 3 HOH 176 308 83  HOH HOH A . 
C 3 HOH 177 309 84  HOH HOH A . 
C 3 HOH 178 310 85  HOH HOH A . 
C 3 HOH 179 311 86  HOH HOH A . 
C 3 HOH 180 312 87  HOH HOH A . 
C 3 HOH 181 313 88  HOH HOH A . 
C 3 HOH 182 314 89  HOH HOH A . 
C 3 HOH 183 315 90  HOH HOH A . 
C 3 HOH 184 316 91  HOH HOH A . 
C 3 HOH 185 317 92  HOH HOH A . 
C 3 HOH 186 318 93  HOH HOH A . 
C 3 HOH 187 319 94  HOH HOH A . 
C 3 HOH 188 320 95  HOH HOH A . 
C 3 HOH 189 321 96  HOH HOH A . 
C 3 HOH 190 322 97  HOH HOH A . 
C 3 HOH 191 323 98  HOH HOH A . 
C 3 HOH 192 324 99  HOH HOH A . 
C 3 HOH 193 325 100 HOH HOH A . 
C 3 HOH 194 326 101 HOH HOH A . 
C 3 HOH 195 327 102 HOH HOH A . 
C 3 HOH 196 328 103 HOH HOH A . 
C 3 HOH 197 329 104 HOH HOH A . 
C 3 HOH 198 330 105 HOH HOH A . 
C 3 HOH 199 331 106 HOH HOH A . 
C 3 HOH 200 332 107 HOH HOH A . 
C 3 HOH 201 333 108 HOH HOH A . 
C 3 HOH 202 334 109 HOH HOH A . 
C 3 HOH 203 335 110 HOH HOH A . 
C 3 HOH 204 336 111 HOH HOH A . 
C 3 HOH 205 337 112 HOH HOH A . 
C 3 HOH 206 338 113 HOH HOH A . 
C 3 HOH 207 339 114 HOH HOH A . 
C 3 HOH 208 340 115 HOH HOH A . 
C 3 HOH 209 341 116 HOH HOH A . 
C 3 HOH 210 342 117 HOH HOH A . 
C 3 HOH 211 343 118 HOH HOH A . 
C 3 HOH 212 344 119 HOH HOH A . 
C 3 HOH 213 345 120 HOH HOH A . 
C 3 HOH 214 346 121 HOH HOH A . 
C 3 HOH 215 347 122 HOH HOH A . 
C 3 HOH 216 348 123 HOH HOH A . 
C 3 HOH 217 349 124 HOH HOH A . 
C 3 HOH 218 350 125 HOH HOH A . 
C 3 HOH 219 351 126 HOH HOH A . 
C 3 HOH 220 352 127 HOH HOH A . 
C 3 HOH 221 353 128 HOH HOH A . 
C 3 HOH 222 354 129 HOH HOH A . 
C 3 HOH 223 355 130 HOH HOH A . 
C 3 HOH 224 356 131 HOH HOH A . 
C 3 HOH 225 357 132 HOH HOH A . 
# 
_pdbx_struct_assembly.id                   1 
_pdbx_struct_assembly.details              software_defined_assembly 
_pdbx_struct_assembly.method_details       PISA 
_pdbx_struct_assembly.oligomeric_details   monomeric 
_pdbx_struct_assembly.oligomeric_count     1 
# 
_pdbx_struct_assembly_gen.assembly_id       1 
_pdbx_struct_assembly_gen.oper_expression   1 
_pdbx_struct_assembly_gen.asym_id_list      A,B,C 
# 
_pdbx_struct_oper_list.id                   1 
_pdbx_struct_oper_list.type                 'identity operation' 
_pdbx_struct_oper_list.name                 1_555 
_pdbx_struct_oper_list.symmetry_operation   x,y,z 
_pdbx_struct_oper_list.matrix[1][1]         1.0000000000 
_pdbx_struct_oper_list.matrix[1][2]         0.0000000000 
_pdbx_struct_oper_list.matrix[1][3]         0.0000000000 
_pdbx_struct_oper_list.vector[1]            0.0000000000 
_pdbx_struct_oper_list.matrix[2][1]         0.0000000000 
_pdbx_struct_oper_list.matrix[2][2]         1.0000000000 
_pdbx_struct_oper_list.matrix[2][3]         0.0000000000 
_pdbx_struct_oper_list.vector[2]            0.0000000000 
_pdbx_struct_oper_list.matrix[3][1]         0.0000000000 
_pdbx_struct_oper_list.matrix[3][2]         0.0000000000 
_pdbx_struct_oper_list.matrix[3][3]         1.0000000000 
_pdbx_struct_oper_list.vector[3]            0.0000000000 
# 
loop_
_pdbx_audit_revision_history.ordinal 
_pdbx_audit_revision_history.data_content_type 
_pdbx_audit_revision_history.major_revision 
_pdbx_audit_revision_history.minor_revision 
_pdbx_audit_revision_history.revision_date 
1 'Structure model' 1 0 2009-09-22 
2 'Structure model' 1 1 2011-07-13 
3 'Structure model' 1 2 2023-09-06 
# 
_pdbx_audit_revision_details.ordinal             1 
_pdbx_audit_revision_details.revision_ordinal    1 
_pdbx_audit_revision_details.data_content_type   'Structure model' 
_pdbx_audit_revision_details.provider            repository 
_pdbx_audit_revision_details.type                'Initial release' 
_pdbx_audit_revision_details.description         ? 
_pdbx_audit_revision_details.details             ? 
# 
loop_
_pdbx_audit_revision_group.ordinal 
_pdbx_audit_revision_group.revision_ordinal 
_pdbx_audit_revision_group.data_content_type 
_pdbx_audit_revision_group.group 
1 2 'Structure model' 'Version format compliance' 
2 3 'Structure model' 'Data collection'           
3 3 'Structure model' 'Database references'       
4 3 'Structure model' 'Derived calculations'      
5 3 'Structure model' 'Refinement description'    
# 
loop_
_pdbx_audit_revision_category.ordinal 
_pdbx_audit_revision_category.revision_ordinal 
_pdbx_audit_revision_category.data_content_type 
_pdbx_audit_revision_category.category 
1 3 'Structure model' chem_comp_atom                
2 3 'Structure model' chem_comp_bond                
3 3 'Structure model' database_2                    
4 3 'Structure model' pdbx_initial_refinement_model 
5 3 'Structure model' struct_site                   
# 
loop_
_pdbx_audit_revision_item.ordinal 
_pdbx_audit_revision_item.revision_ordinal 
_pdbx_audit_revision_item.data_content_type 
_pdbx_audit_revision_item.item 
1 3 'Structure model' '_database_2.pdbx_DOI'                
2 3 'Structure model' '_database_2.pdbx_database_accession' 
3 3 'Structure model' '_struct_site.pdbx_auth_asym_id'      
4 3 'Structure model' '_struct_site.pdbx_auth_comp_id'      
5 3 'Structure model' '_struct_site.pdbx_auth_seq_id'       
# 
loop_
_software.pdbx_ordinal 
_software.name 
_software.version 
_software.date 
_software.type 
_software.contact_author 
_software.contact_author_email 
_software.classification 
_software.location 
_software.language 
_software.citation_id 
1 REFMAC       5.2.0019 ?               program 'Garib N. Murshudov' garib@ysbl.york.ac.uk refinement        
http://www.ccp4.ac.uk/dist/html/refmac5.html Fortran_77 ? 
2 PDB_EXTRACT  3.005    'June 11, 2008' package PDB                  help@deposit.rcsb.org 'data extraction' 
http://sw-tools.pdb.org/apps/PDB_EXTRACT/    C++        ? 
3 CrystalClear .        ?               ?       ?                    ?                     'data collection' ? ?          ? 
4 HKL-2000     .        ?               ?       ?                    ?                     'data reduction'  ? ?          ? 
5 HKL-2000     .        ?               ?       ?                    ?                     'data scaling'    ? ?          ? 
6 MOLREP       9.4.09   ?               ?       ?                    ?                     phasing           ? ?          ? 
# 
loop_
_pdbx_validate_close_contact.id 
_pdbx_validate_close_contact.PDB_model_num 
_pdbx_validate_close_contact.auth_atom_id_1 
_pdbx_validate_close_contact.auth_asym_id_1 
_pdbx_validate_close_contact.auth_comp_id_1 
_pdbx_validate_close_contact.auth_seq_id_1 
_pdbx_validate_close_contact.PDB_ins_code_1 
_pdbx_validate_close_contact.label_alt_id_1 
_pdbx_validate_close_contact.auth_atom_id_2 
_pdbx_validate_close_contact.auth_asym_id_2 
_pdbx_validate_close_contact.auth_comp_id_2 
_pdbx_validate_close_contact.auth_seq_id_2 
_pdbx_validate_close_contact.PDB_ins_code_2 
_pdbx_validate_close_contact.label_alt_id_2 
_pdbx_validate_close_contact.dist 
1 1 O   A HOH 222 ? ? O A HOH 223 ? ? 1.95 
2 1 OD2 A ASP 18  ? ? O A HOH 341 ? ? 2.15 
# 
_pdbx_validate_symm_contact.id                1 
_pdbx_validate_symm_contact.PDB_model_num     1 
_pdbx_validate_symm_contact.auth_atom_id_1    O 
_pdbx_validate_symm_contact.auth_asym_id_1    A 
_pdbx_validate_symm_contact.auth_comp_id_1    HOH 
_pdbx_validate_symm_contact.auth_seq_id_1     215 
_pdbx_validate_symm_contact.PDB_ins_code_1    ? 
_pdbx_validate_symm_contact.label_alt_id_1    ? 
_pdbx_validate_symm_contact.site_symmetry_1   1_555 
_pdbx_validate_symm_contact.auth_atom_id_2    O 
_pdbx_validate_symm_contact.auth_asym_id_2    A 
_pdbx_validate_symm_contact.auth_comp_id_2    HOH 
_pdbx_validate_symm_contact.auth_seq_id_2     225 
_pdbx_validate_symm_contact.PDB_ins_code_2    ? 
_pdbx_validate_symm_contact.label_alt_id_2    ? 
_pdbx_validate_symm_contact.site_symmetry_2   6_554 
_pdbx_validate_symm_contact.dist              0.97 
# 
_pdbx_validate_torsion.id              1 
_pdbx_validate_torsion.PDB_model_num   1 
_pdbx_validate_torsion.auth_comp_id    ASP 
_pdbx_validate_torsion.auth_asym_id    A 
_pdbx_validate_torsion.auth_seq_id     77 
_pdbx_validate_torsion.PDB_ins_code    ? 
_pdbx_validate_torsion.label_alt_id    ? 
_pdbx_validate_torsion.phi             71.42 
_pdbx_validate_torsion.psi             30.65 
# 
loop_
_chem_comp_atom.comp_id 
_chem_comp_atom.atom_id 
_chem_comp_atom.type_symbol 
_chem_comp_atom.pdbx_aromatic_flag 
_chem_comp_atom.pdbx_stereo_config 
_chem_comp_atom.pdbx_ordinal 
ALA N    N N N 1   
ALA CA   C N S 2   
ALA C    C N N 3   
ALA O    O N N 4   
ALA CB   C N N 5   
ALA OXT  O N N 6   
ALA H    H N N 7   
ALA H2   H N N 8   
ALA HA   H N N 9   
ALA HB1  H N N 10  
ALA HB2  H N N 11  
ALA HB3  H N N 12  
ALA HXT  H N N 13  
ARG N    N N N 14  
ARG CA   C N S 15  
ARG C    C N N 16  
ARG O    O N N 17  
ARG CB   C N N 18  
ARG CG   C N N 19  
ARG CD   C N N 20  
ARG NE   N N N 21  
ARG CZ   C N N 22  
ARG NH1  N N N 23  
ARG NH2  N N N 24  
ARG OXT  O N N 25  
ARG H    H N N 26  
ARG H2   H N N 27  
ARG HA   H N N 28  
ARG HB2  H N N 29  
ARG HB3  H N N 30  
ARG HG2  H N N 31  
ARG HG3  H N N 32  
ARG HD2  H N N 33  
ARG HD3  H N N 34  
ARG HE   H N N 35  
ARG HH11 H N N 36  
ARG HH12 H N N 37  
ARG HH21 H N N 38  
ARG HH22 H N N 39  
ARG HXT  H N N 40  
ASN N    N N N 41  
ASN CA   C N S 42  
ASN C    C N N 43  
ASN O    O N N 44  
ASN CB   C N N 45  
ASN CG   C N N 46  
ASN OD1  O N N 47  
ASN ND2  N N N 48  
ASN OXT  O N N 49  
ASN H    H N N 50  
ASN H2   H N N 51  
ASN HA   H N N 52  
ASN HB2  H N N 53  
ASN HB3  H N N 54  
ASN HD21 H N N 55  
ASN HD22 H N N 56  
ASN HXT  H N N 57  
ASP N    N N N 58  
ASP CA   C N S 59  
ASP C    C N N 60  
ASP O    O N N 61  
ASP CB   C N N 62  
ASP CG   C N N 63  
ASP OD1  O N N 64  
ASP OD2  O N N 65  
ASP OXT  O N N 66  
ASP H    H N N 67  
ASP H2   H N N 68  
ASP HA   H N N 69  
ASP HB2  H N N 70  
ASP HB3  H N N 71  
ASP HD2  H N N 72  
ASP HXT  H N N 73  
B64 C1   C N N 74  
B64 C2   C N N 75  
B64 C3   C N N 76  
B64 O1   O N N 77  
B64 O2   O N N 78  
B64 O7   O N N 79  
B64 N8   N N N 80  
B64 C9   C Y N 81  
B64 C10  C Y N 82  
B64 S11  S Y N 83  
B64 C12  C Y N 84  
B64 C13  C Y N 85  
B64 C14  C N N 86  
B64 O15  O N N 87  
B64 C16  C N N 88  
B64 O17  O N N 89  
B64 C18  C Y N 90  
B64 C19  C Y N 91  
B64 C20  C Y N 92  
B64 C21  C Y N 93  
B64 S22  S Y N 94  
B64 CS1  C N N 95  
B64 H2   H N N 96  
B64 H3   H N N 97  
B64 HO1  H N N 98  
B64 HN8  H N N 99  
B64 H13  H N N 100 
B64 H16  H N N 101 
B64 H16A H N N 102 
B64 H16B H N N 103 
B64 H19  H N N 104 
B64 H20  H N N 105 
B64 H21  H N N 106 
CYS N    N N N 107 
CYS CA   C N R 108 
CYS C    C N N 109 
CYS O    O N N 110 
CYS CB   C N N 111 
CYS SG   S N N 112 
CYS OXT  O N N 113 
CYS H    H N N 114 
CYS H2   H N N 115 
CYS HA   H N N 116 
CYS HB2  H N N 117 
CYS HB3  H N N 118 
CYS HG   H N N 119 
CYS HXT  H N N 120 
GLN N    N N N 121 
GLN CA   C N S 122 
GLN C    C N N 123 
GLN O    O N N 124 
GLN CB   C N N 125 
GLN CG   C N N 126 
GLN CD   C N N 127 
GLN OE1  O N N 128 
GLN NE2  N N N 129 
GLN OXT  O N N 130 
GLN H    H N N 131 
GLN H2   H N N 132 
GLN HA   H N N 133 
GLN HB2  H N N 134 
GLN HB3  H N N 135 
GLN HG2  H N N 136 
GLN HG3  H N N 137 
GLN HE21 H N N 138 
GLN HE22 H N N 139 
GLN HXT  H N N 140 
GLU N    N N N 141 
GLU CA   C N S 142 
GLU C    C N N 143 
GLU O    O N N 144 
GLU CB   C N N 145 
GLU CG   C N N 146 
GLU CD   C N N 147 
GLU OE1  O N N 148 
GLU OE2  O N N 149 
GLU OXT  O N N 150 
GLU H    H N N 151 
GLU H2   H N N 152 
GLU HA   H N N 153 
GLU HB2  H N N 154 
GLU HB3  H N N 155 
GLU HG2  H N N 156 
GLU HG3  H N N 157 
GLU HE2  H N N 158 
GLU HXT  H N N 159 
GLY N    N N N 160 
GLY CA   C N N 161 
GLY C    C N N 162 
GLY O    O N N 163 
GLY OXT  O N N 164 
GLY H    H N N 165 
GLY H2   H N N 166 
GLY HA2  H N N 167 
GLY HA3  H N N 168 
GLY HXT  H N N 169 
HOH O    O N N 170 
HOH H1   H N N 171 
HOH H2   H N N 172 
ILE N    N N N 173 
ILE CA   C N S 174 
ILE C    C N N 175 
ILE O    O N N 176 
ILE CB   C N S 177 
ILE CG1  C N N 178 
ILE CG2  C N N 179 
ILE CD1  C N N 180 
ILE OXT  O N N 181 
ILE H    H N N 182 
ILE H2   H N N 183 
ILE HA   H N N 184 
ILE HB   H N N 185 
ILE HG12 H N N 186 
ILE HG13 H N N 187 
ILE HG21 H N N 188 
ILE HG22 H N N 189 
ILE HG23 H N N 190 
ILE HD11 H N N 191 
ILE HD12 H N N 192 
ILE HD13 H N N 193 
ILE HXT  H N N 194 
LEU N    N N N 195 
LEU CA   C N S 196 
LEU C    C N N 197 
LEU O    O N N 198 
LEU CB   C N N 199 
LEU CG   C N N 200 
LEU CD1  C N N 201 
LEU CD2  C N N 202 
LEU OXT  O N N 203 
LEU H    H N N 204 
LEU H2   H N N 205 
LEU HA   H N N 206 
LEU HB2  H N N 207 
LEU HB3  H N N 208 
LEU HG   H N N 209 
LEU HD11 H N N 210 
LEU HD12 H N N 211 
LEU HD13 H N N 212 
LEU HD21 H N N 213 
LEU HD22 H N N 214 
LEU HD23 H N N 215 
LEU HXT  H N N 216 
LYS N    N N N 217 
LYS CA   C N S 218 
LYS C    C N N 219 
LYS O    O N N 220 
LYS CB   C N N 221 
LYS CG   C N N 222 
LYS CD   C N N 223 
LYS CE   C N N 224 
LYS NZ   N N N 225 
LYS OXT  O N N 226 
LYS H    H N N 227 
LYS H2   H N N 228 
LYS HA   H N N 229 
LYS HB2  H N N 230 
LYS HB3  H N N 231 
LYS HG2  H N N 232 
LYS HG3  H N N 233 
LYS HD2  H N N 234 
LYS HD3  H N N 235 
LYS HE2  H N N 236 
LYS HE3  H N N 237 
LYS HZ1  H N N 238 
LYS HZ2  H N N 239 
LYS HZ3  H N N 240 
LYS HXT  H N N 241 
MET N    N N N 242 
MET CA   C N S 243 
MET C    C N N 244 
MET O    O N N 245 
MET CB   C N N 246 
MET CG   C N N 247 
MET SD   S N N 248 
MET CE   C N N 249 
MET OXT  O N N 250 
MET H    H N N 251 
MET H2   H N N 252 
MET HA   H N N 253 
MET HB2  H N N 254 
MET HB3  H N N 255 
MET HG2  H N N 256 
MET HG3  H N N 257 
MET HE1  H N N 258 
MET HE2  H N N 259 
MET HE3  H N N 260 
MET HXT  H N N 261 
PHE N    N N N 262 
PHE CA   C N S 263 
PHE C    C N N 264 
PHE O    O N N 265 
PHE CB   C N N 266 
PHE CG   C Y N 267 
PHE CD1  C Y N 268 
PHE CD2  C Y N 269 
PHE CE1  C Y N 270 
PHE CE2  C Y N 271 
PHE CZ   C Y N 272 
PHE OXT  O N N 273 
PHE H    H N N 274 
PHE H2   H N N 275 
PHE HA   H N N 276 
PHE HB2  H N N 277 
PHE HB3  H N N 278 
PHE HD1  H N N 279 
PHE HD2  H N N 280 
PHE HE1  H N N 281 
PHE HE2  H N N 282 
PHE HZ   H N N 283 
PHE HXT  H N N 284 
PRO N    N N N 285 
PRO CA   C N S 286 
PRO C    C N N 287 
PRO O    O N N 288 
PRO CB   C N N 289 
PRO CG   C N N 290 
PRO CD   C N N 291 
PRO OXT  O N N 292 
PRO H    H N N 293 
PRO HA   H N N 294 
PRO HB2  H N N 295 
PRO HB3  H N N 296 
PRO HG2  H N N 297 
PRO HG3  H N N 298 
PRO HD2  H N N 299 
PRO HD3  H N N 300 
PRO HXT  H N N 301 
SER N    N N N 302 
SER CA   C N S 303 
SER C    C N N 304 
SER O    O N N 305 
SER CB   C N N 306 
SER OG   O N N 307 
SER OXT  O N N 308 
SER H    H N N 309 
SER H2   H N N 310 
SER HA   H N N 311 
SER HB2  H N N 312 
SER HB3  H N N 313 
SER HG   H N N 314 
SER HXT  H N N 315 
THR N    N N N 316 
THR CA   C N S 317 
THR C    C N N 318 
THR O    O N N 319 
THR CB   C N R 320 
THR OG1  O N N 321 
THR CG2  C N N 322 
THR OXT  O N N 323 
THR H    H N N 324 
THR H2   H N N 325 
THR HA   H N N 326 
THR HB   H N N 327 
THR HG1  H N N 328 
THR HG21 H N N 329 
THR HG22 H N N 330 
THR HG23 H N N 331 
THR HXT  H N N 332 
TRP N    N N N 333 
TRP CA   C N S 334 
TRP C    C N N 335 
TRP O    O N N 336 
TRP CB   C N N 337 
TRP CG   C Y N 338 
TRP CD1  C Y N 339 
TRP CD2  C Y N 340 
TRP NE1  N Y N 341 
TRP CE2  C Y N 342 
TRP CE3  C Y N 343 
TRP CZ2  C Y N 344 
TRP CZ3  C Y N 345 
TRP CH2  C Y N 346 
TRP OXT  O N N 347 
TRP H    H N N 348 
TRP H2   H N N 349 
TRP HA   H N N 350 
TRP HB2  H N N 351 
TRP HB3  H N N 352 
TRP HD1  H N N 353 
TRP HE1  H N N 354 
TRP HE3  H N N 355 
TRP HZ2  H N N 356 
TRP HZ3  H N N 357 
TRP HH2  H N N 358 
TRP HXT  H N N 359 
TYR N    N N N 360 
TYR CA   C N S 361 
TYR C    C N N 362 
TYR O    O N N 363 
TYR CB   C N N 364 
TYR CG   C Y N 365 
TYR CD1  C Y N 366 
TYR CD2  C Y N 367 
TYR CE1  C Y N 368 
TYR CE2  C Y N 369 
TYR CZ   C Y N 370 
TYR OH   O N N 371 
TYR OXT  O N N 372 
TYR H    H N N 373 
TYR H2   H N N 374 
TYR HA   H N N 375 
TYR HB2  H N N 376 
TYR HB3  H N N 377 
TYR HD1  H N N 378 
TYR HD2  H N N 379 
TYR HE1  H N N 380 
TYR HE2  H N N 381 
TYR HH   H N N 382 
TYR HXT  H N N 383 
VAL N    N N N 384 
VAL CA   C N S 385 
VAL C    C N N 386 
VAL O    O N N 387 
VAL CB   C N N 388 
VAL CG1  C N N 389 
VAL CG2  C N N 390 
VAL OXT  O N N 391 
VAL H    H N N 392 
VAL H2   H N N 393 
VAL HA   H N N 394 
VAL HB   H N N 395 
VAL HG11 H N N 396 
VAL HG12 H N N 397 
VAL HG13 H N N 398 
VAL HG21 H N N 399 
VAL HG22 H N N 400 
VAL HG23 H N N 401 
VAL HXT  H N N 402 
# 
loop_
_chem_comp_bond.comp_id 
_chem_comp_bond.atom_id_1 
_chem_comp_bond.atom_id_2 
_chem_comp_bond.value_order 
_chem_comp_bond.pdbx_aromatic_flag 
_chem_comp_bond.pdbx_stereo_config 
_chem_comp_bond.pdbx_ordinal 
ALA N   CA   sing N N 1   
ALA N   H    sing N N 2   
ALA N   H2   sing N N 3   
ALA CA  C    sing N N 4   
ALA CA  CB   sing N N 5   
ALA CA  HA   sing N N 6   
ALA C   O    doub N N 7   
ALA C   OXT  sing N N 8   
ALA CB  HB1  sing N N 9   
ALA CB  HB2  sing N N 10  
ALA CB  HB3  sing N N 11  
ALA OXT HXT  sing N N 12  
ARG N   CA   sing N N 13  
ARG N   H    sing N N 14  
ARG N   H2   sing N N 15  
ARG CA  C    sing N N 16  
ARG CA  CB   sing N N 17  
ARG CA  HA   sing N N 18  
ARG C   O    doub N N 19  
ARG C   OXT  sing N N 20  
ARG CB  CG   sing N N 21  
ARG CB  HB2  sing N N 22  
ARG CB  HB3  sing N N 23  
ARG CG  CD   sing N N 24  
ARG CG  HG2  sing N N 25  
ARG CG  HG3  sing N N 26  
ARG CD  NE   sing N N 27  
ARG CD  HD2  sing N N 28  
ARG CD  HD3  sing N N 29  
ARG NE  CZ   sing N N 30  
ARG NE  HE   sing N N 31  
ARG CZ  NH1  sing N N 32  
ARG CZ  NH2  doub N N 33  
ARG NH1 HH11 sing N N 34  
ARG NH1 HH12 sing N N 35  
ARG NH2 HH21 sing N N 36  
ARG NH2 HH22 sing N N 37  
ARG OXT HXT  sing N N 38  
ASN N   CA   sing N N 39  
ASN N   H    sing N N 40  
ASN N   H2   sing N N 41  
ASN CA  C    sing N N 42  
ASN CA  CB   sing N N 43  
ASN CA  HA   sing N N 44  
ASN C   O    doub N N 45  
ASN C   OXT  sing N N 46  
ASN CB  CG   sing N N 47  
ASN CB  HB2  sing N N 48  
ASN CB  HB3  sing N N 49  
ASN CG  OD1  doub N N 50  
ASN CG  ND2  sing N N 51  
ASN ND2 HD21 sing N N 52  
ASN ND2 HD22 sing N N 53  
ASN OXT HXT  sing N N 54  
ASP N   CA   sing N N 55  
ASP N   H    sing N N 56  
ASP N   H2   sing N N 57  
ASP CA  C    sing N N 58  
ASP CA  CB   sing N N 59  
ASP CA  HA   sing N N 60  
ASP C   O    doub N N 61  
ASP C   OXT  sing N N 62  
ASP CB  CG   sing N N 63  
ASP CB  HB2  sing N N 64  
ASP CB  HB3  sing N N 65  
ASP CG  OD1  doub N N 66  
ASP CG  OD2  sing N N 67  
ASP OD2 HD2  sing N N 68  
ASP OXT HXT  sing N N 69  
B64 C1  C2   sing N N 70  
B64 C1  O1   sing N N 71  
B64 C2  H2   sing N N 72  
B64 C3  C2   doub N Z 73  
B64 C3  H3   sing N N 74  
B64 O1  HO1  sing N N 75  
B64 O2  C1   doub N N 76  
B64 O7  CS1  doub N N 77  
B64 N8  CS1  sing N N 78  
B64 N8  HN8  sing N N 79  
B64 C9  N8   sing N N 80  
B64 C10 C9   doub Y N 81  
B64 C10 C14  sing N N 82  
B64 S11 C10  sing Y N 83  
B64 S11 C12  sing Y N 84  
B64 C12 C13  doub Y N 85  
B64 C13 C9   sing Y N 86  
B64 C13 H13  sing N N 87  
B64 C14 O17  doub N N 88  
B64 O15 C14  sing N N 89  
B64 O15 C16  sing N N 90  
B64 C16 H16  sing N N 91  
B64 C16 H16A sing N N 92  
B64 C16 H16B sing N N 93  
B64 C18 C12  sing Y N 94  
B64 C18 C19  doub Y N 95  
B64 C19 H19  sing N N 96  
B64 C20 C19  sing Y N 97  
B64 C20 H20  sing N N 98  
B64 C21 C20  doub Y N 99  
B64 C21 S22  sing Y N 100 
B64 C21 H21  sing N N 101 
B64 S22 C18  sing Y N 102 
B64 CS1 C3   sing N N 103 
CYS N   CA   sing N N 104 
CYS N   H    sing N N 105 
CYS N   H2   sing N N 106 
CYS CA  C    sing N N 107 
CYS CA  CB   sing N N 108 
CYS CA  HA   sing N N 109 
CYS C   O    doub N N 110 
CYS C   OXT  sing N N 111 
CYS CB  SG   sing N N 112 
CYS CB  HB2  sing N N 113 
CYS CB  HB3  sing N N 114 
CYS SG  HG   sing N N 115 
CYS OXT HXT  sing N N 116 
GLN N   CA   sing N N 117 
GLN N   H    sing N N 118 
GLN N   H2   sing N N 119 
GLN CA  C    sing N N 120 
GLN CA  CB   sing N N 121 
GLN CA  HA   sing N N 122 
GLN C   O    doub N N 123 
GLN C   OXT  sing N N 124 
GLN CB  CG   sing N N 125 
GLN CB  HB2  sing N N 126 
GLN CB  HB3  sing N N 127 
GLN CG  CD   sing N N 128 
GLN CG  HG2  sing N N 129 
GLN CG  HG3  sing N N 130 
GLN CD  OE1  doub N N 131 
GLN CD  NE2  sing N N 132 
GLN NE2 HE21 sing N N 133 
GLN NE2 HE22 sing N N 134 
GLN OXT HXT  sing N N 135 
GLU N   CA   sing N N 136 
GLU N   H    sing N N 137 
GLU N   H2   sing N N 138 
GLU CA  C    sing N N 139 
GLU CA  CB   sing N N 140 
GLU CA  HA   sing N N 141 
GLU C   O    doub N N 142 
GLU C   OXT  sing N N 143 
GLU CB  CG   sing N N 144 
GLU CB  HB2  sing N N 145 
GLU CB  HB3  sing N N 146 
GLU CG  CD   sing N N 147 
GLU CG  HG2  sing N N 148 
GLU CG  HG3  sing N N 149 
GLU CD  OE1  doub N N 150 
GLU CD  OE2  sing N N 151 
GLU OE2 HE2  sing N N 152 
GLU OXT HXT  sing N N 153 
GLY N   CA   sing N N 154 
GLY N   H    sing N N 155 
GLY N   H2   sing N N 156 
GLY CA  C    sing N N 157 
GLY CA  HA2  sing N N 158 
GLY CA  HA3  sing N N 159 
GLY C   O    doub N N 160 
GLY C   OXT  sing N N 161 
GLY OXT HXT  sing N N 162 
HOH O   H1   sing N N 163 
HOH O   H2   sing N N 164 
ILE N   CA   sing N N 165 
ILE N   H    sing N N 166 
ILE N   H2   sing N N 167 
ILE CA  C    sing N N 168 
ILE CA  CB   sing N N 169 
ILE CA  HA   sing N N 170 
ILE C   O    doub N N 171 
ILE C   OXT  sing N N 172 
ILE CB  CG1  sing N N 173 
ILE CB  CG2  sing N N 174 
ILE CB  HB   sing N N 175 
ILE CG1 CD1  sing N N 176 
ILE CG1 HG12 sing N N 177 
ILE CG1 HG13 sing N N 178 
ILE CG2 HG21 sing N N 179 
ILE CG2 HG22 sing N N 180 
ILE CG2 HG23 sing N N 181 
ILE CD1 HD11 sing N N 182 
ILE CD1 HD12 sing N N 183 
ILE CD1 HD13 sing N N 184 
ILE OXT HXT  sing N N 185 
LEU N   CA   sing N N 186 
LEU N   H    sing N N 187 
LEU N   H2   sing N N 188 
LEU CA  C    sing N N 189 
LEU CA  CB   sing N N 190 
LEU CA  HA   sing N N 191 
LEU C   O    doub N N 192 
LEU C   OXT  sing N N 193 
LEU CB  CG   sing N N 194 
LEU CB  HB2  sing N N 195 
LEU CB  HB3  sing N N 196 
LEU CG  CD1  sing N N 197 
LEU CG  CD2  sing N N 198 
LEU CG  HG   sing N N 199 
LEU CD1 HD11 sing N N 200 
LEU CD1 HD12 sing N N 201 
LEU CD1 HD13 sing N N 202 
LEU CD2 HD21 sing N N 203 
LEU CD2 HD22 sing N N 204 
LEU CD2 HD23 sing N N 205 
LEU OXT HXT  sing N N 206 
LYS N   CA   sing N N 207 
LYS N   H    sing N N 208 
LYS N   H2   sing N N 209 
LYS CA  C    sing N N 210 
LYS CA  CB   sing N N 211 
LYS CA  HA   sing N N 212 
LYS C   O    doub N N 213 
LYS C   OXT  sing N N 214 
LYS CB  CG   sing N N 215 
LYS CB  HB2  sing N N 216 
LYS CB  HB3  sing N N 217 
LYS CG  CD   sing N N 218 
LYS CG  HG2  sing N N 219 
LYS CG  HG3  sing N N 220 
LYS CD  CE   sing N N 221 
LYS CD  HD2  sing N N 222 
LYS CD  HD3  sing N N 223 
LYS CE  NZ   sing N N 224 
LYS CE  HE2  sing N N 225 
LYS CE  HE3  sing N N 226 
LYS NZ  HZ1  sing N N 227 
LYS NZ  HZ2  sing N N 228 
LYS NZ  HZ3  sing N N 229 
LYS OXT HXT  sing N N 230 
MET N   CA   sing N N 231 
MET N   H    sing N N 232 
MET N   H2   sing N N 233 
MET CA  C    sing N N 234 
MET CA  CB   sing N N 235 
MET CA  HA   sing N N 236 
MET C   O    doub N N 237 
MET C   OXT  sing N N 238 
MET CB  CG   sing N N 239 
MET CB  HB2  sing N N 240 
MET CB  HB3  sing N N 241 
MET CG  SD   sing N N 242 
MET CG  HG2  sing N N 243 
MET CG  HG3  sing N N 244 
MET SD  CE   sing N N 245 
MET CE  HE1  sing N N 246 
MET CE  HE2  sing N N 247 
MET CE  HE3  sing N N 248 
MET OXT HXT  sing N N 249 
PHE N   CA   sing N N 250 
PHE N   H    sing N N 251 
PHE N   H2   sing N N 252 
PHE CA  C    sing N N 253 
PHE CA  CB   sing N N 254 
PHE CA  HA   sing N N 255 
PHE C   O    doub N N 256 
PHE C   OXT  sing N N 257 
PHE CB  CG   sing N N 258 
PHE CB  HB2  sing N N 259 
PHE CB  HB3  sing N N 260 
PHE CG  CD1  doub Y N 261 
PHE CG  CD2  sing Y N 262 
PHE CD1 CE1  sing Y N 263 
PHE CD1 HD1  sing N N 264 
PHE CD2 CE2  doub Y N 265 
PHE CD2 HD2  sing N N 266 
PHE CE1 CZ   doub Y N 267 
PHE CE1 HE1  sing N N 268 
PHE CE2 CZ   sing Y N 269 
PHE CE2 HE2  sing N N 270 
PHE CZ  HZ   sing N N 271 
PHE OXT HXT  sing N N 272 
PRO N   CA   sing N N 273 
PRO N   CD   sing N N 274 
PRO N   H    sing N N 275 
PRO CA  C    sing N N 276 
PRO CA  CB   sing N N 277 
PRO CA  HA   sing N N 278 
PRO C   O    doub N N 279 
PRO C   OXT  sing N N 280 
PRO CB  CG   sing N N 281 
PRO CB  HB2  sing N N 282 
PRO CB  HB3  sing N N 283 
PRO CG  CD   sing N N 284 
PRO CG  HG2  sing N N 285 
PRO CG  HG3  sing N N 286 
PRO CD  HD2  sing N N 287 
PRO CD  HD3  sing N N 288 
PRO OXT HXT  sing N N 289 
SER N   CA   sing N N 290 
SER N   H    sing N N 291 
SER N   H2   sing N N 292 
SER CA  C    sing N N 293 
SER CA  CB   sing N N 294 
SER CA  HA   sing N N 295 
SER C   O    doub N N 296 
SER C   OXT  sing N N 297 
SER CB  OG   sing N N 298 
SER CB  HB2  sing N N 299 
SER CB  HB3  sing N N 300 
SER OG  HG   sing N N 301 
SER OXT HXT  sing N N 302 
THR N   CA   sing N N 303 
THR N   H    sing N N 304 
THR N   H2   sing N N 305 
THR CA  C    sing N N 306 
THR CA  CB   sing N N 307 
THR CA  HA   sing N N 308 
THR C   O    doub N N 309 
THR C   OXT  sing N N 310 
THR CB  OG1  sing N N 311 
THR CB  CG2  sing N N 312 
THR CB  HB   sing N N 313 
THR OG1 HG1  sing N N 314 
THR CG2 HG21 sing N N 315 
THR CG2 HG22 sing N N 316 
THR CG2 HG23 sing N N 317 
THR OXT HXT  sing N N 318 
TRP N   CA   sing N N 319 
TRP N   H    sing N N 320 
TRP N   H2   sing N N 321 
TRP CA  C    sing N N 322 
TRP CA  CB   sing N N 323 
TRP CA  HA   sing N N 324 
TRP C   O    doub N N 325 
TRP C   OXT  sing N N 326 
TRP CB  CG   sing N N 327 
TRP CB  HB2  sing N N 328 
TRP CB  HB3  sing N N 329 
TRP CG  CD1  doub Y N 330 
TRP CG  CD2  sing Y N 331 
TRP CD1 NE1  sing Y N 332 
TRP CD1 HD1  sing N N 333 
TRP CD2 CE2  doub Y N 334 
TRP CD2 CE3  sing Y N 335 
TRP NE1 CE2  sing Y N 336 
TRP NE1 HE1  sing N N 337 
TRP CE2 CZ2  sing Y N 338 
TRP CE3 CZ3  doub Y N 339 
TRP CE3 HE3  sing N N 340 
TRP CZ2 CH2  doub Y N 341 
TRP CZ2 HZ2  sing N N 342 
TRP CZ3 CH2  sing Y N 343 
TRP CZ3 HZ3  sing N N 344 
TRP CH2 HH2  sing N N 345 
TRP OXT HXT  sing N N 346 
TYR N   CA   sing N N 347 
TYR N   H    sing N N 348 
TYR N   H2   sing N N 349 
TYR CA  C    sing N N 350 
TYR CA  CB   sing N N 351 
TYR CA  HA   sing N N 352 
TYR C   O    doub N N 353 
TYR C   OXT  sing N N 354 
TYR CB  CG   sing N N 355 
TYR CB  HB2  sing N N 356 
TYR CB  HB3  sing N N 357 
TYR CG  CD1  doub Y N 358 
TYR CG  CD2  sing Y N 359 
TYR CD1 CE1  sing Y N 360 
TYR CD1 HD1  sing N N 361 
TYR CD2 CE2  doub Y N 362 
TYR CD2 HD2  sing N N 363 
TYR CE1 CZ   doub Y N 364 
TYR CE1 HE1  sing N N 365 
TYR CE2 CZ   sing Y N 366 
TYR CE2 HE2  sing N N 367 
TYR CZ  OH   sing N N 368 
TYR OH  HH   sing N N 369 
TYR OXT HXT  sing N N 370 
VAL N   CA   sing N N 371 
VAL N   H    sing N N 372 
VAL N   H2   sing N N 373 
VAL CA  C    sing N N 374 
VAL CA  CB   sing N N 375 
VAL CA  HA   sing N N 376 
VAL C   O    doub N N 377 
VAL C   OXT  sing N N 378 
VAL CB  CG1  sing N N 379 
VAL CB  CG2  sing N N 380 
VAL CB  HB   sing N N 381 
VAL CG1 HG11 sing N N 382 
VAL CG1 HG12 sing N N 383 
VAL CG1 HG13 sing N N 384 
VAL CG2 HG21 sing N N 385 
VAL CG2 HG22 sing N N 386 
VAL CG2 HG23 sing N N 387 
VAL OXT HXT  sing N N 388 
# 
loop_
_pdbx_entity_nonpoly.entity_id 
_pdbx_entity_nonpoly.name 
_pdbx_entity_nonpoly.comp_id 
2 '4-{[2-(methoxycarbonyl)-5-(2-thienyl)-3-thienyl]amino}-4-oxo-2-butenoic acid' B64 
3 water                                                                          HOH 
# 
_pdbx_initial_refinement_model.id               1 
_pdbx_initial_refinement_model.entity_id_list   ? 
_pdbx_initial_refinement_model.type             'experimental model' 
_pdbx_initial_refinement_model.source_name      PDB 
_pdbx_initial_refinement_model.accession_code   1LIB 
_pdbx_initial_refinement_model.details          ? 
# 
